data_1ENE
# 
_entry.id   1ENE 
# 
_audit_conform.dict_name       mmcif_pdbx.dic 
_audit_conform.dict_version    5.389 
_audit_conform.dict_location   http://mmcif.pdb.org/dictionaries/ascii/mmcif_pdbx.dic 
# 
loop_
_database_2.database_id 
_database_2.database_code 
_database_2.pdbx_database_accession 
_database_2.pdbx_DOI 
PDB   1ENE         pdb_00001ene 10.2210/pdb1ene/pdb 
NDB   BD0036       ?            ?                   
RCSB  RCSB010745   ?            ?                   
WWPDB D_1000010745 ?            ?                   
# 
loop_
_pdbx_audit_revision_history.ordinal 
_pdbx_audit_revision_history.data_content_type 
_pdbx_audit_revision_history.major_revision 
_pdbx_audit_revision_history.minor_revision 
_pdbx_audit_revision_history.revision_date 
1 'Structure model' 1 0 2000-09-25 
2 'Structure model' 1 1 2008-04-27 
3 'Structure model' 1 2 2011-07-13 
4 'Structure model' 1 3 2024-02-07 
5 'Structure model' 1 4 2024-04-03 
# 
_pdbx_audit_revision_details.ordinal             1 
_pdbx_audit_revision_details.revision_ordinal    1 
_pdbx_audit_revision_details.data_content_type   'Structure model' 
_pdbx_audit_revision_details.provider            repository 
_pdbx_audit_revision_details.type                'Initial release' 
_pdbx_audit_revision_details.description         ? 
_pdbx_audit_revision_details.details             ? 
# 
loop_
_pdbx_audit_revision_group.ordinal 
_pdbx_audit_revision_group.revision_ordinal 
_pdbx_audit_revision_group.data_content_type 
_pdbx_audit_revision_group.group 
1 2 'Structure model' 'Version format compliance' 
2 3 'Structure model' 'Version format compliance' 
3 4 'Structure model' 'Data collection'           
4 4 'Structure model' 'Database references'       
5 4 'Structure model' 'Derived calculations'      
6 5 'Structure model' 'Refinement description'    
# 
loop_
_pdbx_audit_revision_category.ordinal 
_pdbx_audit_revision_category.revision_ordinal 
_pdbx_audit_revision_category.data_content_type 
_pdbx_audit_revision_category.category 
1 4 'Structure model' chem_comp_atom                
2 4 'Structure model' chem_comp_bond                
3 4 'Structure model' database_2                    
4 4 'Structure model' pdbx_struct_conn_angle        
5 4 'Structure model' struct_conn                   
6 4 'Structure model' struct_site                   
7 5 'Structure model' pdbx_initial_refinement_model 
# 
loop_
_pdbx_audit_revision_item.ordinal 
_pdbx_audit_revision_item.revision_ordinal 
_pdbx_audit_revision_item.data_content_type 
_pdbx_audit_revision_item.item 
1  4 'Structure model' '_database_2.pdbx_DOI'                        
2  4 'Structure model' '_database_2.pdbx_database_accession'         
3  4 'Structure model' '_pdbx_struct_conn_angle.ptnr1_auth_comp_id'  
4  4 'Structure model' '_pdbx_struct_conn_angle.ptnr1_auth_seq_id'   
5  4 'Structure model' '_pdbx_struct_conn_angle.ptnr1_label_alt_id'  
6  4 'Structure model' '_pdbx_struct_conn_angle.ptnr1_label_asym_id' 
7  4 'Structure model' '_pdbx_struct_conn_angle.ptnr1_label_atom_id' 
8  4 'Structure model' '_pdbx_struct_conn_angle.ptnr1_label_comp_id' 
9  4 'Structure model' '_pdbx_struct_conn_angle.ptnr1_label_seq_id'  
10 4 'Structure model' '_pdbx_struct_conn_angle.ptnr1_symmetry'      
11 4 'Structure model' '_pdbx_struct_conn_angle.ptnr2_auth_seq_id'   
12 4 'Structure model' '_pdbx_struct_conn_angle.ptnr2_label_alt_id'  
13 4 'Structure model' '_pdbx_struct_conn_angle.ptnr2_label_asym_id' 
14 4 'Structure model' '_pdbx_struct_conn_angle.ptnr3_auth_comp_id'  
15 4 'Structure model' '_pdbx_struct_conn_angle.ptnr3_auth_seq_id'   
16 4 'Structure model' '_pdbx_struct_conn_angle.ptnr3_label_alt_id'  
17 4 'Structure model' '_pdbx_struct_conn_angle.ptnr3_label_asym_id' 
18 4 'Structure model' '_pdbx_struct_conn_angle.ptnr3_label_atom_id' 
19 4 'Structure model' '_pdbx_struct_conn_angle.ptnr3_label_comp_id' 
20 4 'Structure model' '_pdbx_struct_conn_angle.ptnr3_label_seq_id'  
21 4 'Structure model' '_pdbx_struct_conn_angle.ptnr3_symmetry'      
22 4 'Structure model' '_pdbx_struct_conn_angle.value'               
23 4 'Structure model' '_struct_conn.pdbx_dist_value'                
24 4 'Structure model' '_struct_conn.pdbx_ptnr1_label_alt_id'        
25 4 'Structure model' '_struct_conn.pdbx_ptnr2_label_alt_id'        
26 4 'Structure model' '_struct_conn.ptnr1_auth_comp_id'             
27 4 'Structure model' '_struct_conn.ptnr1_auth_seq_id'              
28 4 'Structure model' '_struct_conn.ptnr1_label_asym_id'            
29 4 'Structure model' '_struct_conn.ptnr1_label_atom_id'            
30 4 'Structure model' '_struct_conn.ptnr1_label_comp_id'            
31 4 'Structure model' '_struct_conn.ptnr1_label_seq_id'             
32 4 'Structure model' '_struct_conn.ptnr1_symmetry'                 
33 4 'Structure model' '_struct_conn.ptnr2_auth_comp_id'             
34 4 'Structure model' '_struct_conn.ptnr2_auth_seq_id'              
35 4 'Structure model' '_struct_conn.ptnr2_label_asym_id'            
36 4 'Structure model' '_struct_conn.ptnr2_label_atom_id'            
37 4 'Structure model' '_struct_conn.ptnr2_label_comp_id'            
38 4 'Structure model' '_struct_conn.ptnr2_label_seq_id'             
39 4 'Structure model' '_struct_conn.ptnr2_symmetry'                 
40 4 'Structure model' '_struct_site.pdbx_auth_asym_id'              
41 4 'Structure model' '_struct_site.pdbx_auth_comp_id'              
42 4 'Structure model' '_struct_site.pdbx_auth_seq_id'               
# 
_pdbx_database_status.entry_id                        1ENE 
_pdbx_database_status.status_code                     REL 
_pdbx_database_status.recvd_initial_deposition_date   2000-03-21 
_pdbx_database_status.deposit_site                    NDB 
_pdbx_database_status.process_site                    NDB 
_pdbx_database_status.status_code_sf                  REL 
_pdbx_database_status.SG_entry                        . 
_pdbx_database_status.pdb_format_compatible           Y 
_pdbx_database_status.status_code_mr                  ? 
_pdbx_database_status.status_code_cs                  ? 
_pdbx_database_status.status_code_nmr_data            ? 
_pdbx_database_status.methods_development_category    ? 
# 
loop_
_pdbx_database_related.db_name 
_pdbx_database_related.db_id 
_pdbx_database_related.details 
_pdbx_database_related.content_type 
NDB BD0033 . unspecified 
NDB BD0034 . unspecified 
NDB BD0035 . unspecified 
# 
loop_
_audit_author.name 
_audit_author.pdbx_ordinal 
'Chiu, T.K.'      1 
'Dickerson, R.E.' 2 
# 
loop_
_citation.id 
_citation.title 
_citation.journal_abbrev 
_citation.journal_volume 
_citation.page_first 
_citation.page_last 
_citation.year 
_citation.journal_id_ASTM 
_citation.country 
_citation.journal_id_ISSN 
_citation.journal_id_CSD 
_citation.book_publisher 
_citation.pdbx_database_id_PubMed 
_citation.pdbx_database_id_DOI 
primary 
'1 A crystal structures of B-DNA reveal sequence-specific binding and groove-specific bending of DNA by magnesium and calcium.' 
J.Mol.Biol. 301 915 945 2000 JMOBAK UK 0022-2836 0070 ? 10966796 10.1006/jmbi.2000.4012 
1       'Absence of minor groove monovalent cations in the crosslinked dodecamer CGCGAATTCGCG' J.Mol.Biol. 292 589 608 1999 JMOBAK 
UK 0022-2836 0070 ? ?        10.1006/jmbi.1999.3075 
# 
loop_
_citation_author.citation_id 
_citation_author.name 
_citation_author.ordinal 
_citation_author.identifier_ORCID 
primary 'Chiu, T.K.'             1 ? 
primary 'Dickerson, R.E.'        2 ? 
1       'Chiu, T.K.'             3 ? 
1       'Kaczor-Grzeskowiak, M.' 4 ? 
1       'Dickerson, R.E.'        5 ? 
# 
loop_
_entity.id 
_entity.type 
_entity.src_method 
_entity.pdbx_description 
_entity.formula_weight 
_entity.pdbx_number_of_molecules 
_entity.pdbx_ec 
_entity.pdbx_mutation 
_entity.pdbx_fragment 
_entity.details 
1 polymer     syn 
;DNA (5'-D(*CP*CP*AP*GP*CP*GP*CP*TP*GP*G)-3')
;
3045.992 1  ? ? ? ? 
2 non-polymer syn 'CALCIUM ION'                                  40.078   5  ? ? ? ? 
3 non-polymer syn ETHANOL                                        46.068   3  ? ? ? ? 
4 water       nat water                                          18.015   89 ? ? ? ? 
# 
_entity_poly.entity_id                      1 
_entity_poly.type                           polydeoxyribonucleotide 
_entity_poly.nstd_linkage                   no 
_entity_poly.nstd_monomer                   no 
_entity_poly.pdbx_seq_one_letter_code       '(DC)(DC)(DA)(DG)(DC)(DG)(DC)(DT)(DG)(DG)' 
_entity_poly.pdbx_seq_one_letter_code_can   CCAGCGCTGG 
_entity_poly.pdbx_strand_id                 A 
_entity_poly.pdbx_target_identifier         ? 
# 
loop_
_pdbx_entity_nonpoly.entity_id 
_pdbx_entity_nonpoly.name 
_pdbx_entity_nonpoly.comp_id 
2 'CALCIUM ION' CA  
3 ETHANOL       EOH 
4 water         HOH 
# 
loop_
_entity_poly_seq.entity_id 
_entity_poly_seq.num 
_entity_poly_seq.mon_id 
_entity_poly_seq.hetero 
1 1  DC n 
1 2  DC n 
1 3  DA n 
1 4  DG n 
1 5  DC n 
1 6  DG n 
1 7  DC n 
1 8  DT n 
1 9  DG n 
1 10 DG n 
# 
loop_
_chem_comp.id 
_chem_comp.type 
_chem_comp.mon_nstd_flag 
_chem_comp.name 
_chem_comp.pdbx_synonyms 
_chem_comp.formula 
_chem_comp.formula_weight 
CA  non-polymer   . 'CALCIUM ION'                        ? 'Ca 2'            40.078  
DA  'DNA linking' y "2'-DEOXYADENOSINE-5'-MONOPHOSPHATE" ? 'C10 H14 N5 O6 P' 331.222 
DC  'DNA linking' y "2'-DEOXYCYTIDINE-5'-MONOPHOSPHATE"  ? 'C9 H14 N3 O7 P'  307.197 
DG  'DNA linking' y "2'-DEOXYGUANOSINE-5'-MONOPHOSPHATE" ? 'C10 H14 N5 O7 P' 347.221 
DT  'DNA linking' y "THYMIDINE-5'-MONOPHOSPHATE"         ? 'C10 H15 N2 O8 P' 322.208 
EOH non-polymer   . ETHANOL                              ? 'C2 H6 O'         46.068  
HOH non-polymer   . WATER                                ? 'H2 O'            18.015  
# 
loop_
_pdbx_poly_seq_scheme.asym_id 
_pdbx_poly_seq_scheme.entity_id 
_pdbx_poly_seq_scheme.seq_id 
_pdbx_poly_seq_scheme.mon_id 
_pdbx_poly_seq_scheme.ndb_seq_num 
_pdbx_poly_seq_scheme.pdb_seq_num 
_pdbx_poly_seq_scheme.auth_seq_num 
_pdbx_poly_seq_scheme.pdb_mon_id 
_pdbx_poly_seq_scheme.auth_mon_id 
_pdbx_poly_seq_scheme.pdb_strand_id 
_pdbx_poly_seq_scheme.pdb_ins_code 
_pdbx_poly_seq_scheme.hetero 
A 1 1  DC 1  1  1  DC C A . n 
A 1 2  DC 2  2  2  DC C A . n 
A 1 3  DA 3  3  3  DA A A . n 
A 1 4  DG 4  4  4  DG G A . n 
A 1 5  DC 5  5  5  DC C A . n 
A 1 6  DG 6  6  6  DG G A . n 
A 1 7  DC 7  7  7  DC C A . n 
A 1 8  DT 8  8  8  DT T A . n 
A 1 9  DG 9  9  9  DG G A . n 
A 1 10 DG 10 10 10 DG G A . n 
# 
loop_
_pdbx_nonpoly_scheme.asym_id 
_pdbx_nonpoly_scheme.entity_id 
_pdbx_nonpoly_scheme.mon_id 
_pdbx_nonpoly_scheme.ndb_seq_num 
_pdbx_nonpoly_scheme.pdb_seq_num 
_pdbx_nonpoly_scheme.auth_seq_num 
_pdbx_nonpoly_scheme.pdb_mon_id 
_pdbx_nonpoly_scheme.auth_mon_id 
_pdbx_nonpoly_scheme.pdb_strand_id 
_pdbx_nonpoly_scheme.pdb_ins_code 
B 2 CA  1  111  111  CA  543 A . 
C 2 CA  1  112  112  CA  OC7 A . 
D 2 CA  1  113  113  CA  OC5 A . 
E 2 CA  1  1113 1113 CA  OC6 A . 
F 2 CA  1  114  114  CA  OC3 A . 
G 3 EOH 1  1114 111  EOH 543 A . 
H 3 EOH 1  227  227  EOH EOH A . 
I 3 EOH 1  244  244  EOH EOH A . 
J 4 HOH 1  201  201  HOH HOH A . 
J 4 HOH 2  202  202  HOH HOH A . 
J 4 HOH 3  203  203  HOH HOH A . 
J 4 HOH 4  204  204  HOH HOH A . 
J 4 HOH 5  205  205  HOH HOH A . 
J 4 HOH 6  206  206  HOH HOH A . 
J 4 HOH 7  207  207  HOH HOH A . 
J 4 HOH 8  208  208  HOH HOH A . 
J 4 HOH 9  209  209  HOH HOH A . 
J 4 HOH 10 210  210  HOH HOH A . 
J 4 HOH 11 211  211  HOH HOH A . 
J 4 HOH 12 212  212  HOH HOH A . 
J 4 HOH 13 214  214  HOH HOH A . 
J 4 HOH 14 215  215  HOH HOH A . 
J 4 HOH 15 216  216  HOH HOH A . 
J 4 HOH 16 217  217  HOH HOH A . 
J 4 HOH 17 218  218  HOH HOH A . 
J 4 HOH 18 219  219  HOH HOH A . 
J 4 HOH 19 221  221  HOH HOH A . 
J 4 HOH 20 222  222  HOH HOH A . 
J 4 HOH 21 224  224  HOH HOH A . 
J 4 HOH 22 225  225  HOH HOH A . 
J 4 HOH 23 226  226  HOH HOH A . 
J 4 HOH 24 228  228  HOH HOH A . 
J 4 HOH 25 229  229  HOH HOH A . 
J 4 HOH 26 230  230  HOH HOH A . 
J 4 HOH 27 231  231  HOH HOH A . 
J 4 HOH 28 233  233  HOH HOH A . 
J 4 HOH 29 234  234  HOH HOH A . 
J 4 HOH 30 235  235  HOH HOH A . 
J 4 HOH 31 236  236  HOH HOH A . 
J 4 HOH 32 237  237  HOH HOH A . 
J 4 HOH 33 238  238  HOH HOH A . 
J 4 HOH 34 240  240  HOH HOH A . 
J 4 HOH 35 241  241  HOH HOH A . 
J 4 HOH 36 243  243  HOH HOH A . 
J 4 HOH 37 248  248  HOH HOH A . 
J 4 HOH 38 249  249  HOH HOH A . 
J 4 HOH 39 250  250  HOH HOH A . 
J 4 HOH 40 252  252  HOH HOH A . 
J 4 HOH 41 253  253  HOH HOH A . 
J 4 HOH 42 256  256  HOH HOH A . 
J 4 HOH 43 259  259  HOH HOH A . 
J 4 HOH 44 260  260  HOH HOH A . 
J 4 HOH 45 262  262  HOH HOH A . 
J 4 HOH 46 265  265  HOH HOH A . 
J 4 HOH 47 267  267  HOH HOH A . 
J 4 HOH 48 287  287  HOH HOH A . 
J 4 HOH 49 1229 1229 HOH HOH A . 
J 4 HOH 50 1244 1244 HOH HOH A . 
J 4 HOH 51 1249 1249 HOH HOH A . 
J 4 HOH 52 1251 1251 HOH HOH A . 
J 4 HOH 53 1258 1258 HOH HOH A . 
J 4 HOH 54 1276 1276 HOH HOH A . 
J 4 HOH 55 1280 1280 HOH HOH A . 
J 4 HOH 56 1283 1283 HOH HOH A . 
J 4 HOH 57 1301 1301 HOH HOH A . 
J 4 HOH 58 1320 1320 HOH HOH A . 
J 4 HOH 59 1342 1342 HOH HOH A . 
J 4 HOH 60 1343 1343 HOH HOH A . 
J 4 HOH 61 1356 1356 HOH HOH A . 
J 4 HOH 62 1358 1358 HOH HOH A . 
J 4 HOH 63 1359 111  HOH 543 A . 
J 4 HOH 64 1360 111  HOH 543 A . 
J 4 HOH 65 1361 111  HOH 543 A . 
J 4 HOH 66 1362 111  HOH 543 A . 
J 4 HOH 67 1363 111  HOH 543 A . 
J 4 HOH 68 1364 111  HOH 543 A . 
J 4 HOH 69 1365 112  HOH OC7 A . 
J 4 HOH 70 1366 112  HOH OC7 A . 
J 4 HOH 71 1367 112  HOH OC7 A . 
J 4 HOH 72 1368 112  HOH OC7 A . 
J 4 HOH 73 1369 112  HOH OC7 A . 
J 4 HOH 74 1370 112  HOH OC7 A . 
J 4 HOH 75 1371 112  HOH OC7 A . 
J 4 HOH 76 1372 113  HOH OC5 A . 
J 4 HOH 77 1373 113  HOH OC5 A . 
J 4 HOH 78 1374 113  HOH OC5 A . 
J 4 HOH 79 1375 113  HOH OC5 A . 
J 4 HOH 80 1376 113  HOH OC5 A . 
J 4 HOH 81 1377 1113 HOH OC6 A . 
J 4 HOH 82 1378 1113 HOH OC6 A . 
J 4 HOH 83 1379 1113 HOH OC6 A . 
J 4 HOH 84 1380 1113 HOH OC6 A . 
J 4 HOH 85 1381 1113 HOH OC6 A . 
J 4 HOH 86 1382 1113 HOH OC6 A . 
J 4 HOH 87 1383 114  HOH OC3 A . 
J 4 HOH 88 1384 114  HOH OC3 A . 
J 4 HOH 89 1385 114  HOH OC3 A . 
# 
loop_
_software.name 
_software.classification 
_software.version 
_software.citation_id 
_software.pdbx_ordinal 
X-PLOR    'model building' . ? 1 
SHELXL-97 refinement       . ? 2 
DENZO     'data reduction' . ? 3 
SCALEPACK 'data scaling'   . ? 4 
X-PLOR    phasing          . ? 5 
# 
_cell.entry_id           1ENE 
_cell.length_a           31.750 
_cell.length_b           25.725 
_cell.length_c           34.088 
_cell.angle_alpha        90.00 
_cell.angle_beta         116.88 
_cell.angle_gamma        90.00 
_cell.Z_PDB              4 
_cell.pdbx_unique_axis   ? 
# 
_symmetry.entry_id                         1ENE 
_symmetry.space_group_name_H-M             'C 1 2 1' 
_symmetry.pdbx_full_space_group_name_H-M   ? 
_symmetry.cell_setting                     monoclinic 
_symmetry.Int_Tables_number                5 
# 
_exptl.entry_id          1ENE 
_exptl.method            'X-RAY DIFFRACTION' 
_exptl.crystals_number   1 
# 
_exptl_crystal.id                    1 
_exptl_crystal.density_meas          ? 
_exptl_crystal.density_percent_sol   36.80 
_exptl_crystal.density_Matthews      2.06 
_exptl_crystal.description           ? 
# 
_exptl_crystal_grow.crystal_id      1 
_exptl_crystal_grow.method          'VAPOR DIFFUSION, SITTING DROP' 
_exptl_crystal_grow.pH              ? 
_exptl_crystal_grow.temp            275.0 
_exptl_crystal_grow.temp_details    ? 
_exptl_crystal_grow.pdbx_details    
;initial concentrations in droplet: 0.17 mM dna, 61.20 mM calcium acetate, 
10-15% MPD, 30% final MPD concentration in reservoir.
Solutions were unbuffered, VAPOR DIFFUSION, SITTING DROP, temperature 275.0K
;
_exptl_crystal_grow.pdbx_pH_range   . 
# 
loop_
_exptl_crystal_grow_comp.crystal_id 
_exptl_crystal_grow_comp.id 
_exptl_crystal_grow_comp.sol_id 
_exptl_crystal_grow_comp.name 
_exptl_crystal_grow_comp.conc 
_exptl_crystal_grow_comp.volume 
_exptl_crystal_grow_comp.details 
1 1 1 'calcium acetate' ? ? ? 
1 2 1 streptonigrin     ? ? ? 
1 3 1 MPD               ? ? ? 
1 4 2 MPD               ? ? ? 
# 
_diffrn.id                     1 
_diffrn.ambient_temp           100 
_diffrn.ambient_temp_details   ? 
_diffrn.crystal_id             1 
# 
_diffrn_detector.diffrn_id              1 
_diffrn_detector.detector               'AREA DETECTOR' 
_diffrn_detector.type                   MARRESEARCH 
_diffrn_detector.pdbx_collection_date   1998-11-19 
_diffrn_detector.details                ? 
# 
_diffrn_radiation.diffrn_id                        1 
_diffrn_radiation.wavelength_id                    1 
_diffrn_radiation.monochromator                    ? 
_diffrn_radiation.pdbx_monochromatic_or_laue_m_l   M 
_diffrn_radiation.pdbx_diffrn_protocol             'SINGLE WAVELENGTH' 
_diffrn_radiation.pdbx_scattering_type             x-ray 
# 
_diffrn_radiation_wavelength.id           1 
_diffrn_radiation_wavelength.wavelength   0.9500 
_diffrn_radiation_wavelength.wt           1.0 
# 
_diffrn_source.diffrn_id                   1 
_diffrn_source.source                      SYNCHROTRON 
_diffrn_source.type                        'NSLS BEAMLINE X8C' 
_diffrn_source.pdbx_wavelength             0.9500 
_diffrn_source.pdbx_synchrotron_site       NSLS 
_diffrn_source.pdbx_synchrotron_beamline   X8C 
_diffrn_source.pdbx_wavelength_list        ? 
# 
_reflns.entry_id                     1ENE 
_reflns.observed_criterion_sigma_I   -1.0 
_reflns.observed_criterion_sigma_F   ? 
_reflns.d_resolution_low             8.0 
_reflns.d_resolution_high            0.985 
_reflns.number_obs                   13423 
_reflns.number_all                   13423 
_reflns.percent_possible_obs         95.5 
_reflns.pdbx_Rmerge_I_obs            0.0320000 
_reflns.pdbx_Rsym_value              ? 
_reflns.pdbx_netI_over_sigmaI        30.7 
_reflns.B_iso_Wilson_estimate        4.41 
_reflns.pdbx_redundancy              4.65 
_reflns.R_free_details               ? 
_reflns.pdbx_diffrn_id               1 
_reflns.pdbx_ordinal                 1 
# 
_reflns_shell.d_res_high             0.985 
_reflns_shell.d_res_low              1.016 
_reflns_shell.percent_possible_obs   ? 
_reflns_shell.percent_possible_all   91.5 
_reflns_shell.Rmerge_I_obs           0.0900000 
_reflns_shell.meanI_over_sigI_obs    9.1 
_reflns_shell.pdbx_Rsym_value        ? 
_reflns_shell.pdbx_redundancy        ? 
_reflns_shell.number_unique_all      1279 
_reflns_shell.pdbx_diffrn_id         ? 
_reflns_shell.pdbx_ordinal           1 
# 
_refine.entry_id                                 1ENE 
_refine.ls_number_reflns_obs                     13423 
_refine.ls_number_reflns_all                     13423 
_refine.pdbx_ls_sigma_I                          0 
_refine.pdbx_ls_sigma_F                          0 
_refine.pdbx_data_cutoff_high_absF               ? 
_refine.pdbx_data_cutoff_low_absF                ? 
_refine.ls_d_res_low                             8.0 
_refine.ls_d_res_high                            0.985 
_refine.ls_percent_reflns_obs                    95.5 
_refine.ls_R_factor_obs                          0.1214000 
_refine.ls_R_factor_all                          ? 
_refine.ls_R_factor_R_work                       0.1214000 
_refine.ls_R_factor_R_free                       0.1477000 
_refine.ls_R_factor_R_free_error                 ? 
_refine.ls_R_factor_R_free_error_details         ? 
_refine.ls_percent_reflns_R_free                 5 
_refine.ls_number_reflns_R_free                  665 
_refine.ls_number_parameters                     16552 
_refine.ls_number_restraints                     4814 
_refine.occupancy_min                            ? 
_refine.occupancy_max                            ? 
_refine.B_iso_mean                               ? 
_refine.aniso_B[1][1]                            ? 
_refine.aniso_B[2][2]                            ? 
_refine.aniso_B[3][3]                            ? 
_refine.aniso_B[1][2]                            ? 
_refine.aniso_B[1][3]                            ? 
_refine.aniso_B[2][3]                            ? 
_refine.solvent_model_details                    'SHELX swat option' 
_refine.solvent_model_param_ksol                 ? 
_refine.solvent_model_param_bsol                 ? 
_refine.pdbx_ls_cross_valid_method               THROUGHOUT 
_refine.details                                  
;REFINEMENT STARTED IN X-PLOR 3.843 WITH IDEAL B-DNA FITTED ONTO BDJ019. 
AFTER ALL DATA HAS BEEN ADDED AND REFINED BY SIMULATED ANNEALING IN X-PLOR 
3.843, REFINEMENT CONTINUED BY CONJUGATE GRADIENT LEAST-SQUARES IN 
SHELXL-97. THE TOP 50 MOST DISAGREEABLE REFLECTIONS WERE REJECTED 
TOWARDS THE LATTER STAGES OF REFINEMENT BUT THESE ARE STILL INCLUDED 
IN THE RELEASED DATA.
;
_refine.pdbx_starting_model                      BDJ019 
_refine.pdbx_method_to_determine_struct          'MOLECULAR REPLACEMENT' 
_refine.pdbx_isotropic_thermal_model             ? 
_refine.pdbx_stereochemistry_target_values       'Parkinson et al.' 
_refine.pdbx_stereochem_target_val_spec_case     ? 
_refine.pdbx_R_Free_selection_details            random 
_refine.pdbx_overall_ESU_R_Free                  ? 
_refine.overall_SU_B                             ? 
_refine.ls_redundancy_reflns_obs                 ? 
_refine.overall_SU_ML                            ? 
_refine.pdbx_overall_ESU_R                       ? 
_refine.pdbx_data_cutoff_high_rms_absF           ? 
_refine.correlation_coeff_Fo_to_Fc               ? 
_refine.correlation_coeff_Fo_to_Fc_free          ? 
_refine.pdbx_solvent_vdw_probe_radii             ? 
_refine.pdbx_solvent_ion_probe_radii             ? 
_refine.pdbx_solvent_shrinkage_radii             ? 
_refine.overall_SU_R_Cruickshank_DPI             ? 
_refine.overall_SU_R_free                        ? 
_refine.pdbx_refine_id                           'X-RAY DIFFRACTION' 
_refine.pdbx_diffrn_id                           1 
_refine.pdbx_TLS_residual_ADP_flag               ? 
_refine.pdbx_overall_phase_error                 ? 
_refine.pdbx_overall_SU_R_free_Cruickshank_DPI   ? 
_refine.pdbx_overall_SU_R_Blow_DPI               ? 
_refine.pdbx_overall_SU_R_free_Blow_DPI          ? 
# 
_refine_analyze.entry_id                        1ENE 
_refine_analyze.Luzzati_coordinate_error_obs    ? 
_refine_analyze.Luzzati_sigma_a_obs             ? 
_refine_analyze.Luzzati_d_res_low_obs           ? 
_refine_analyze.Luzzati_coordinate_error_free   ? 
_refine_analyze.Luzzati_sigma_a_free            ? 
_refine_analyze.Luzzati_d_res_low_free          ? 
_refine_analyze.number_disordered_residues      13 
_refine_analyze.occupancy_sum_hydrogen          113 
_refine_analyze.occupancy_sum_non_hydrogen      276.5 
_refine_analyze.pdbx_refine_id                  'X-RAY DIFFRACTION' 
# 
_refine_hist.pdbx_refine_id                   'X-RAY DIFFRACTION' 
_refine_hist.cycle_id                         LAST 
_refine_hist.pdbx_number_atoms_protein        0 
_refine_hist.pdbx_number_atoms_nucleic_acid   351 
_refine_hist.pdbx_number_atoms_ligand         50 
_refine_hist.number_atoms_solvent             76 
_refine_hist.number_atoms_total               477 
_refine_hist.d_res_high                       0.985 
_refine_hist.d_res_low                        8.0 
# 
loop_
_refine_ls_restr.type 
_refine_ls_restr.dev_ideal 
_refine_ls_restr.dev_ideal_target 
_refine_ls_restr.weight 
_refine_ls_restr.number 
_refine_ls_restr.pdbx_refine_id 
_refine_ls_restr.pdbx_restraint_function 
s_bond_d               0.018 ? ? ? 'X-RAY DIFFRACTION' ? 
s_angle_d              0.048 ? ? ? 'X-RAY DIFFRACTION' ? 
s_anti_bump_dis_restr  0.286 ? ? ? 'X-RAY DIFFRACTION' ? 
s_rigid_bond_adp_cmpnt 0.006 ? ? ? 'X-RAY DIFFRACTION' ? 
s_similar_adp_cmpnt    0.026 ? ? ? 'X-RAY DIFFRACTION' ? 
s_approx_iso_adps      0.035 ? ? ? 'X-RAY DIFFRACTION' ? 
# 
_pdbx_refine.entry_id                                    1ENE 
_pdbx_refine.R_factor_all_no_cutoff                      ? 
_pdbx_refine.R_factor_obs_no_cutoff                      ? 
_pdbx_refine.free_R_factor_no_cutoff                     ? 
_pdbx_refine.free_R_val_test_set_size_perc_no_cutoff     ? 
_pdbx_refine.free_R_val_test_set_ct_no_cutoff            ? 
_pdbx_refine.R_factor_all_4sig_cutoff                    ? 
_pdbx_refine.R_factor_obs_4sig_cutoff                    0.1200000 
_pdbx_refine.free_R_factor_4sig_cutoff                   0.1470000 
_pdbx_refine.free_R_val_test_set_size_perc_4sig_cutoff   5 
_pdbx_refine.free_R_val_test_set_ct_4sig_cutoff          654 
_pdbx_refine.number_reflns_obs_4sig_cutoff               13004 
_pdbx_refine.number_reflns_obs_no_cutoff                 ? 
_pdbx_refine.pdbx_refine_id                              'X-RAY DIFFRACTION' 
_pdbx_refine.free_R_error_no_cutoff                      ? 
# 
_struct.entry_id                  1ENE 
_struct.title                     
'1A CRYSTAL STRUCTURES OF B-DNA REVEAL SEQUENCE-SPECIFIC BINDING AND GROOVE-SPECIFIC BENDING OF DNA BY MAGNESIUM AND CALCIUM.' 
_struct.pdbx_model_details        ? 
_struct.pdbx_CASP_flag            ? 
_struct.pdbx_model_type_details   ? 
# 
_struct_keywords.entry_id        1ENE 
_struct_keywords.pdbx_keywords   DNA 
_struct_keywords.text            'divalent cations, DNA sequence-specific binding, shelxdna, B-DNA, DNA' 
# 
loop_
_struct_asym.id 
_struct_asym.pdbx_blank_PDB_chainid_flag 
_struct_asym.pdbx_modified 
_struct_asym.entity_id 
_struct_asym.details 
A N N 1 ? 
B N N 2 ? 
C N N 2 ? 
D N N 2 ? 
E N N 2 ? 
F N N 2 ? 
G N N 3 ? 
H N N 3 ? 
I N N 3 ? 
J N N 4 ? 
# 
_struct_ref.id                         1 
_struct_ref.entity_id                  1 
_struct_ref.db_name                    PDB 
_struct_ref.db_code                    1ENE 
_struct_ref.pdbx_db_accession          1ENE 
_struct_ref.pdbx_db_isoform            ? 
_struct_ref.pdbx_seq_one_letter_code   ? 
_struct_ref.pdbx_align_begin           ? 
# 
_struct_ref_seq.align_id                      1 
_struct_ref_seq.ref_id                        1 
_struct_ref_seq.pdbx_PDB_id_code              1ENE 
_struct_ref_seq.pdbx_strand_id                A 
_struct_ref_seq.seq_align_beg                 1 
_struct_ref_seq.pdbx_seq_align_beg_ins_code   ? 
_struct_ref_seq.seq_align_end                 10 
_struct_ref_seq.pdbx_seq_align_end_ins_code   ? 
_struct_ref_seq.pdbx_db_accession             1ENE 
_struct_ref_seq.db_align_beg                  1 
_struct_ref_seq.pdbx_db_align_beg_ins_code    ? 
_struct_ref_seq.db_align_end                  10 
_struct_ref_seq.pdbx_db_align_end_ins_code    ? 
_struct_ref_seq.pdbx_auth_seq_align_beg       1 
_struct_ref_seq.pdbx_auth_seq_align_end       10 
# 
_pdbx_struct_assembly.id                   1 
_pdbx_struct_assembly.details              author_defined_assembly 
_pdbx_struct_assembly.method_details       ? 
_pdbx_struct_assembly.oligomeric_details   dimeric 
_pdbx_struct_assembly.oligomeric_count     2 
# 
_pdbx_struct_assembly_gen.assembly_id       1 
_pdbx_struct_assembly_gen.oper_expression   1,2 
_pdbx_struct_assembly_gen.asym_id_list      A,B,C,D,E,F,G,H,I,J 
# 
loop_
_pdbx_struct_oper_list.id 
_pdbx_struct_oper_list.type 
_pdbx_struct_oper_list.name 
_pdbx_struct_oper_list.symmetry_operation 
_pdbx_struct_oper_list.matrix[1][1] 
_pdbx_struct_oper_list.matrix[1][2] 
_pdbx_struct_oper_list.matrix[1][3] 
_pdbx_struct_oper_list.vector[1] 
_pdbx_struct_oper_list.matrix[2][1] 
_pdbx_struct_oper_list.matrix[2][2] 
_pdbx_struct_oper_list.matrix[2][3] 
_pdbx_struct_oper_list.vector[2] 
_pdbx_struct_oper_list.matrix[3][1] 
_pdbx_struct_oper_list.matrix[3][2] 
_pdbx_struct_oper_list.matrix[3][3] 
_pdbx_struct_oper_list.vector[3] 
1 'identity operation'         1_555 x,y,z       1.0000000000  0.0000000000  0.0000000000 0.0000000000 0.0000000000  1.0000000000  0.0000000000  0.0000000000  0.0000000000 0.0000000000  1.0000000000 0.0000000000  
2 'crystal symmetry operation' 2_656 -x+1,y,-z+1 -0.6817675880 -0.1469031627 0.7166675776 3.7895284627 -0.1469031627 -0.9321862312 -0.3308297011 -2.9522536777 0.7166675776 -0.3308297011 0.6139538191 -2.2878754905 
# 
_struct_biol.id                    1 
_struct_biol.pdbx_parent_biol_id   ? 
_struct_biol.details               ? 
# 
loop_
_struct_conn.id 
_struct_conn.conn_type_id 
_struct_conn.pdbx_leaving_atom_flag 
_struct_conn.pdbx_PDB_id 
_struct_conn.ptnr1_label_asym_id 
_struct_conn.ptnr1_label_comp_id 
_struct_conn.ptnr1_label_seq_id 
_struct_conn.ptnr1_label_atom_id 
_struct_conn.pdbx_ptnr1_label_alt_id 
_struct_conn.pdbx_ptnr1_PDB_ins_code 
_struct_conn.pdbx_ptnr1_standard_comp_id 
_struct_conn.ptnr1_symmetry 
_struct_conn.ptnr2_label_asym_id 
_struct_conn.ptnr2_label_comp_id 
_struct_conn.ptnr2_label_seq_id 
_struct_conn.ptnr2_label_atom_id 
_struct_conn.pdbx_ptnr2_label_alt_id 
_struct_conn.pdbx_ptnr2_PDB_ins_code 
_struct_conn.ptnr1_auth_asym_id 
_struct_conn.ptnr1_auth_comp_id 
_struct_conn.ptnr1_auth_seq_id 
_struct_conn.ptnr2_auth_asym_id 
_struct_conn.ptnr2_auth_comp_id 
_struct_conn.ptnr2_auth_seq_id 
_struct_conn.ptnr2_symmetry 
_struct_conn.pdbx_ptnr3_label_atom_id 
_struct_conn.pdbx_ptnr3_label_seq_id 
_struct_conn.pdbx_ptnr3_label_comp_id 
_struct_conn.pdbx_ptnr3_label_asym_id 
_struct_conn.pdbx_ptnr3_label_alt_id 
_struct_conn.pdbx_ptnr3_PDB_ins_code 
_struct_conn.details 
_struct_conn.pdbx_dist_value 
_struct_conn.pdbx_value_order 
_struct_conn.pdbx_role 
metalc1  metalc ? ? A DG 9  N7 ? ? ? 2_656 D CA  .  CA C ? A DG 9    A CA  113  1_555 ? ? ? ? ? ? ?            2.712 ? ? 
metalc2  metalc ? ? A DG 10 O6 ? ? ? 2_656 D CA  .  CA C ? A DG 10   A CA  113  1_555 ? ? ? ? ? ? ?            2.638 ? ? 
metalc3  metalc ? ? B CA .  CA C ? ? 1_555 G EOH .  O  C ? A CA 111  A EOH 1114 1_555 ? ? ? ? ? ? ?            2.447 ? ? 
metalc4  metalc ? ? B CA .  CA C ? ? 1_555 J HOH .  O  C ? A CA 111  A HOH 1359 1_555 ? ? ? ? ? ? ?            2.413 ? ? 
metalc5  metalc ? ? B CA .  CA C ? ? 1_555 J HOH .  O  C ? A CA 111  A HOH 1360 1_555 ? ? ? ? ? ? ?            2.382 ? ? 
metalc6  metalc ? ? B CA .  CA C ? ? 1_555 J HOH .  O  C ? A CA 111  A HOH 1360 2_655 ? ? ? ? ? ? ?            3.387 ? ? 
metalc7  metalc ? ? B CA .  CA C ? ? 1_555 J HOH .  O  C ? A CA 111  A HOH 1361 1_555 ? ? ? ? ? ? ?            2.446 ? ? 
metalc8  metalc ? ? B CA .  CA C ? ? 1_555 J HOH .  O  C ? A CA 111  A HOH 1362 1_555 ? ? ? ? ? ? ?            2.434 ? ? 
metalc9  metalc ? ? B CA .  CA C ? ? 1_555 J HOH .  O  C ? A CA 111  A HOH 1363 1_555 ? ? ? ? ? ? ?            2.479 ? ? 
metalc10 metalc ? ? B CA .  CA C ? ? 1_555 J HOH .  O  C ? A CA 111  A HOH 1363 2_655 ? ? ? ? ? ? ?            2.312 ? ? 
metalc11 metalc ? ? B CA .  CA C ? ? 1_555 J HOH .  O  C ? A CA 111  A HOH 1364 1_555 ? ? ? ? ? ? ?            2.397 ? ? 
metalc12 metalc ? ? B CA .  CA C ? ? 1_555 J HOH .  O  C ? A CA 111  A HOH 1364 2_655 ? ? ? ? ? ? ?            2.853 ? ? 
metalc13 metalc ? ? C CA .  CA C ? ? 1_555 J HOH .  O  C ? A CA 112  A HOH 1365 1_555 ? ? ? ? ? ? ?            2.458 ? ? 
metalc14 metalc ? ? C CA .  CA D ? ? 1_555 J HOH .  O  D ? A CA 112  A HOH 1365 1_555 ? ? ? ? ? ? ?            2.457 ? ? 
metalc15 metalc ? ? C CA .  CA C ? ? 1_555 J HOH .  O  C ? A CA 112  A HOH 1366 1_555 ? ? ? ? ? ? ?            2.422 ? ? 
metalc16 metalc ? ? C CA .  CA D ? ? 1_555 J HOH .  O  D ? A CA 112  A HOH 1366 1_555 ? ? ? ? ? ? ?            2.417 ? ? 
metalc17 metalc ? ? C CA .  CA C ? ? 1_555 J HOH .  O  C ? A CA 112  A HOH 1367 1_555 ? ? ? ? ? ? ?            2.444 ? ? 
metalc18 metalc ? ? C CA .  CA D ? ? 1_555 J HOH .  O  D ? A CA 112  A HOH 1367 1_555 ? ? ? ? ? ? ?            2.439 ? ? 
metalc19 metalc ? ? C CA .  CA C ? ? 1_555 J HOH .  O  C ? A CA 112  A HOH 1368 1_555 ? ? ? ? ? ? ?            2.465 ? ? 
metalc20 metalc ? ? C CA .  CA D ? ? 1_555 J HOH .  O  D ? A CA 112  A HOH 1368 1_555 ? ? ? ? ? ? ?            2.437 ? ? 
metalc21 metalc ? ? C CA .  CA C ? ? 1_555 J HOH .  O  C ? A CA 112  A HOH 1369 1_555 ? ? ? ? ? ? ?            2.440 ? ? 
metalc22 metalc ? ? C CA .  CA D ? ? 1_555 J HOH .  O  D ? A CA 112  A HOH 1369 1_555 ? ? ? ? ? ? ?            2.417 ? ? 
metalc23 metalc ? ? C CA .  CA C ? ? 1_555 J HOH .  O  C ? A CA 112  A HOH 1370 1_555 ? ? ? ? ? ? ?            2.436 ? ? 
metalc24 metalc ? ? C CA .  CA D ? ? 1_555 J HOH .  O  D ? A CA 112  A HOH 1370 1_555 ? ? ? ? ? ? ?            2.410 ? ? 
metalc25 metalc ? ? C CA .  CA C ? ? 1_555 J HOH .  O  C ? A CA 112  A HOH 1371 1_555 ? ? ? ? ? ? ?            2.428 ? ? 
metalc26 metalc ? ? C CA .  CA D ? ? 1_555 J HOH .  O  D ? A CA 112  A HOH 1371 1_555 ? ? ? ? ? ? ?            2.439 ? ? 
metalc27 metalc ? ? D CA .  CA C ? ? 1_555 J HOH .  O  C ? A CA 113  A HOH 1372 1_555 ? ? ? ? ? ? ?            2.464 ? ? 
metalc28 metalc ? ? D CA .  CA C ? ? 1_555 J HOH .  O  C ? A CA 113  A HOH 1373 1_555 ? ? ? ? ? ? ?            2.415 ? ? 
metalc29 metalc ? ? D CA .  CA C ? ? 1_555 J HOH .  O  C ? A CA 113  A HOH 1373 2_655 ? ? ? ? ? ? ?            3.197 ? ? 
metalc30 metalc ? ? D CA .  CA C ? ? 1_555 J HOH .  O  C ? A CA 113  A HOH 1374 1_555 ? ? ? ? ? ? ?            2.442 ? ? 
metalc31 metalc ? ? D CA .  CA C ? ? 1_555 J HOH .  O  C ? A CA 113  A HOH 1375 1_555 ? ? ? ? ? ? ?            2.464 ? ? 
metalc32 metalc ? ? D CA .  CA C ? ? 1_555 J HOH .  O  C ? A CA 113  A HOH 1376 1_555 ? ? ? ? ? ? ?            2.427 ? ? 
metalc33 metalc ? ? F CA .  CA B ? ? 1_555 J HOH .  O  B ? A CA 114  A HOH 1383 1_555 ? ? ? ? ? ? ?            2.406 ? ? 
metalc34 metalc ? ? F CA .  CA B ? ? 1_555 J HOH .  O  B ? A CA 114  A HOH 1384 1_555 ? ? ? ? ? ? ?            2.437 ? ? 
metalc35 metalc ? ? F CA .  CA B ? ? 1_555 J HOH .  O  B ? A CA 114  A HOH 1385 1_555 ? ? ? ? ? ? ?            2.424 ? ? 
metalc36 metalc ? ? E CA .  CA D ? ? 1_555 J HOH .  O  D ? A CA 1113 A HOH 1377 1_555 ? ? ? ? ? ? ?            2.446 ? ? 
metalc37 metalc ? ? E CA .  CA E ? ? 1_555 J HOH .  O  E ? A CA 1113 A HOH 1377 1_555 ? ? ? ? ? ? ?            2.437 ? ? 
metalc38 metalc ? ? E CA .  CA D ? ? 1_555 J HOH .  O  D ? A CA 1113 A HOH 1378 1_555 ? ? ? ? ? ? ?            2.462 ? ? 
metalc39 metalc ? ? E CA .  CA E ? ? 1_555 J HOH .  O  E ? A CA 1113 A HOH 1378 1_555 ? ? ? ? ? ? ?            2.442 ? ? 
metalc40 metalc ? ? E CA .  CA D ? ? 1_555 J HOH .  O  D ? A CA 1113 A HOH 1379 1_555 ? ? ? ? ? ? ?            2.481 ? ? 
metalc41 metalc ? ? E CA .  CA E ? ? 1_555 J HOH .  O  E ? A CA 1113 A HOH 1379 1_555 ? ? ? ? ? ? ?            2.448 ? ? 
metalc42 metalc ? ? E CA .  CA D ? ? 1_555 J HOH .  O  D ? A CA 1113 A HOH 1380 1_555 ? ? ? ? ? ? ?            2.463 ? ? 
metalc43 metalc ? ? E CA .  CA E ? ? 1_555 J HOH .  O  E ? A CA 1113 A HOH 1380 1_555 ? ? ? ? ? ? ?            2.444 ? ? 
metalc44 metalc ? ? E CA .  CA D ? ? 1_555 J HOH .  O  D ? A CA 1113 A HOH 1381 1_555 ? ? ? ? ? ? ?            2.475 ? ? 
metalc45 metalc ? ? E CA .  CA E ? ? 1_555 J HOH .  O  E ? A CA 1113 A HOH 1381 1_555 ? ? ? ? ? ? ?            2.453 ? ? 
metalc46 metalc ? ? E CA .  CA D ? ? 1_555 J HOH .  O  D ? A CA 1113 A HOH 1382 1_555 ? ? ? ? ? ? ?            2.468 ? ? 
metalc47 metalc ? ? E CA .  CA E ? ? 1_555 J HOH .  O  E ? A CA 1113 A HOH 1382 1_555 ? ? ? ? ? ? ?            2.440 ? ? 
hydrog1  hydrog ? ? A DC 1  N3 ? ? ? 1_555 A DG  10 N1 ? ? A DC 1    A DG  10   2_656 ? ? ? ? ? ? WATSON-CRICK ?     ? ? 
hydrog2  hydrog ? ? A DC 1  N4 ? ? ? 1_555 A DG  10 O6 ? ? A DC 1    A DG  10   2_656 ? ? ? ? ? ? WATSON-CRICK ?     ? ? 
hydrog3  hydrog ? ? A DC 1  O2 ? ? ? 1_555 A DG  10 N2 ? ? A DC 1    A DG  10   2_656 ? ? ? ? ? ? WATSON-CRICK ?     ? ? 
hydrog4  hydrog ? ? A DC 2  N3 ? ? ? 1_555 A DG  9  N1 ? ? A DC 2    A DG  9    2_656 ? ? ? ? ? ? WATSON-CRICK ?     ? ? 
hydrog5  hydrog ? ? A DC 2  N4 ? ? ? 1_555 A DG  9  O6 ? ? A DC 2    A DG  9    2_656 ? ? ? ? ? ? WATSON-CRICK ?     ? ? 
hydrog6  hydrog ? ? A DC 2  O2 ? ? ? 1_555 A DG  9  N2 ? ? A DC 2    A DG  9    2_656 ? ? ? ? ? ? WATSON-CRICK ?     ? ? 
hydrog7  hydrog ? ? A DA 3  N1 ? ? ? 1_555 A DT  8  N3 ? ? A DA 3    A DT  8    2_656 ? ? ? ? ? ? WATSON-CRICK ?     ? ? 
hydrog8  hydrog ? ? A DA 3  N6 ? ? ? 1_555 A DT  8  O4 ? ? A DA 3    A DT  8    2_656 ? ? ? ? ? ? WATSON-CRICK ?     ? ? 
hydrog9  hydrog ? ? A DG 4  N1 ? ? ? 1_555 A DC  7  N3 ? ? A DG 4    A DC  7    2_656 ? ? ? ? ? ? WATSON-CRICK ?     ? ? 
hydrog10 hydrog ? ? A DG 4  N2 ? ? ? 1_555 A DC  7  O2 ? ? A DG 4    A DC  7    2_656 ? ? ? ? ? ? WATSON-CRICK ?     ? ? 
hydrog11 hydrog ? ? A DG 4  O6 ? ? ? 1_555 A DC  7  N4 ? ? A DG 4    A DC  7    2_656 ? ? ? ? ? ? WATSON-CRICK ?     ? ? 
hydrog12 hydrog ? ? A DC 5  N3 ? ? ? 1_555 A DG  6  N1 ? ? A DC 5    A DG  6    2_656 ? ? ? ? ? ? WATSON-CRICK ?     ? ? 
hydrog13 hydrog ? ? A DC 5  N4 ? ? ? 1_555 A DG  6  O6 ? ? A DC 5    A DG  6    2_656 ? ? ? ? ? ? WATSON-CRICK ?     ? ? 
hydrog14 hydrog ? ? A DC 5  O2 ? ? ? 1_555 A DG  6  N2 ? ? A DC 5    A DG  6    2_656 ? ? ? ? ? ? WATSON-CRICK ?     ? ? 
hydrog15 hydrog ? ? A DG 6  N1 ? ? ? 1_555 A DC  5  N3 ? ? A DG 6    A DC  5    2_656 ? ? ? ? ? ? WATSON-CRICK ?     ? ? 
hydrog16 hydrog ? ? A DG 6  N2 ? ? ? 1_555 A DC  5  O2 ? ? A DG 6    A DC  5    2_656 ? ? ? ? ? ? WATSON-CRICK ?     ? ? 
hydrog17 hydrog ? ? A DG 6  O6 ? ? ? 1_555 A DC  5  N4 ? ? A DG 6    A DC  5    2_656 ? ? ? ? ? ? WATSON-CRICK ?     ? ? 
hydrog18 hydrog ? ? A DC 7  N3 ? ? ? 1_555 A DG  4  N1 ? ? A DC 7    A DG  4    2_656 ? ? ? ? ? ? WATSON-CRICK ?     ? ? 
hydrog19 hydrog ? ? A DC 7  N4 ? ? ? 1_555 A DG  4  O6 ? ? A DC 7    A DG  4    2_656 ? ? ? ? ? ? WATSON-CRICK ?     ? ? 
hydrog20 hydrog ? ? A DC 7  O2 ? ? ? 1_555 A DG  4  N2 ? ? A DC 7    A DG  4    2_656 ? ? ? ? ? ? WATSON-CRICK ?     ? ? 
hydrog21 hydrog ? ? A DT 8  N3 ? ? ? 1_555 A DA  3  N1 ? ? A DT 8    A DA  3    2_656 ? ? ? ? ? ? WATSON-CRICK ?     ? ? 
hydrog22 hydrog ? ? A DT 8  O4 ? ? ? 1_555 A DA  3  N6 ? ? A DT 8    A DA  3    2_656 ? ? ? ? ? ? WATSON-CRICK ?     ? ? 
hydrog23 hydrog ? ? A DG 9  N1 ? ? ? 1_555 A DC  2  N3 ? ? A DG 9    A DC  2    2_656 ? ? ? ? ? ? WATSON-CRICK ?     ? ? 
hydrog24 hydrog ? ? A DG 9  N2 ? ? ? 1_555 A DC  2  O2 ? ? A DG 9    A DC  2    2_656 ? ? ? ? ? ? WATSON-CRICK ?     ? ? 
hydrog25 hydrog ? ? A DG 9  O6 ? ? ? 1_555 A DC  2  N4 ? ? A DG 9    A DC  2    2_656 ? ? ? ? ? ? WATSON-CRICK ?     ? ? 
hydrog26 hydrog ? ? A DG 10 N1 ? ? ? 1_555 A DC  1  N3 ? ? A DG 10   A DC  1    2_656 ? ? ? ? ? ? WATSON-CRICK ?     ? ? 
hydrog27 hydrog ? ? A DG 10 N2 ? ? ? 1_555 A DC  1  O2 ? ? A DG 10   A DC  1    2_656 ? ? ? ? ? ? WATSON-CRICK ?     ? ? 
hydrog28 hydrog ? ? A DG 10 O6 ? ? ? 1_555 A DC  1  N4 ? ? A DG 10   A DC  1    2_656 ? ? ? ? ? ? WATSON-CRICK ?     ? ? 
# 
loop_
_struct_conn_type.id 
_struct_conn_type.criteria 
_struct_conn_type.reference 
metalc ? ? 
hydrog ? ? 
# 
loop_
_pdbx_struct_conn_angle.id 
_pdbx_struct_conn_angle.ptnr1_label_atom_id 
_pdbx_struct_conn_angle.ptnr1_label_alt_id 
_pdbx_struct_conn_angle.ptnr1_label_asym_id 
_pdbx_struct_conn_angle.ptnr1_label_comp_id 
_pdbx_struct_conn_angle.ptnr1_label_seq_id 
_pdbx_struct_conn_angle.ptnr1_auth_atom_id 
_pdbx_struct_conn_angle.ptnr1_auth_asym_id 
_pdbx_struct_conn_angle.ptnr1_auth_comp_id 
_pdbx_struct_conn_angle.ptnr1_auth_seq_id 
_pdbx_struct_conn_angle.ptnr1_PDB_ins_code 
_pdbx_struct_conn_angle.ptnr1_symmetry 
_pdbx_struct_conn_angle.ptnr2_label_atom_id 
_pdbx_struct_conn_angle.ptnr2_label_alt_id 
_pdbx_struct_conn_angle.ptnr2_label_asym_id 
_pdbx_struct_conn_angle.ptnr2_label_comp_id 
_pdbx_struct_conn_angle.ptnr2_label_seq_id 
_pdbx_struct_conn_angle.ptnr2_auth_atom_id 
_pdbx_struct_conn_angle.ptnr2_auth_asym_id 
_pdbx_struct_conn_angle.ptnr2_auth_comp_id 
_pdbx_struct_conn_angle.ptnr2_auth_seq_id 
_pdbx_struct_conn_angle.ptnr2_PDB_ins_code 
_pdbx_struct_conn_angle.ptnr2_symmetry 
_pdbx_struct_conn_angle.ptnr3_label_atom_id 
_pdbx_struct_conn_angle.ptnr3_label_alt_id 
_pdbx_struct_conn_angle.ptnr3_label_asym_id 
_pdbx_struct_conn_angle.ptnr3_label_comp_id 
_pdbx_struct_conn_angle.ptnr3_label_seq_id 
_pdbx_struct_conn_angle.ptnr3_auth_atom_id 
_pdbx_struct_conn_angle.ptnr3_auth_asym_id 
_pdbx_struct_conn_angle.ptnr3_auth_comp_id 
_pdbx_struct_conn_angle.ptnr3_auth_seq_id 
_pdbx_struct_conn_angle.ptnr3_PDB_ins_code 
_pdbx_struct_conn_angle.ptnr3_symmetry 
_pdbx_struct_conn_angle.value 
_pdbx_struct_conn_angle.value_esd 
1   N7 ? A DG  9  ? A DG  9    ? 2_656 CA C D CA . ? A CA 113  ? 1_555 O6 ? A DG  10 ? A DG  10   ? 2_656 78.0  ? 
2   N7 ? A DG  9  ? A DG  9    ? 2_656 CA C D CA . ? A CA 113  ? 1_555 O  C J HOH .  ? A HOH 1372 ? 1_555 81.2  ? 
3   O6 ? A DG  10 ? A DG  10   ? 2_656 CA C D CA . ? A CA 113  ? 1_555 O  C J HOH .  ? A HOH 1372 ? 1_555 90.7  ? 
4   N7 ? A DG  9  ? A DG  9    ? 2_656 CA C D CA . ? A CA 113  ? 1_555 O  C J HOH .  ? A HOH 1373 ? 1_555 140.0 ? 
5   O6 ? A DG  10 ? A DG  10   ? 2_656 CA C D CA . ? A CA 113  ? 1_555 O  C J HOH .  ? A HOH 1373 ? 1_555 62.1  ? 
6   O  C J HOH .  ? A HOH 1372 ? 1_555 CA C D CA . ? A CA 113  ? 1_555 O  C J HOH .  ? A HOH 1373 ? 1_555 95.4  ? 
7   N7 ? A DG  9  ? A DG  9    ? 2_656 CA C D CA . ? A CA 113  ? 1_555 O  C J HOH .  ? A HOH 1373 ? 2_655 122.5 ? 
8   O6 ? A DG  10 ? A DG  10   ? 2_656 CA C D CA . ? A CA 113  ? 1_555 O  C J HOH .  ? A HOH 1373 ? 2_655 58.0  ? 
9   O  C J HOH .  ? A HOH 1372 ? 1_555 CA C D CA . ? A CA 113  ? 1_555 O  C J HOH .  ? A HOH 1373 ? 2_655 129.4 ? 
10  O  C J HOH .  ? A HOH 1373 ? 1_555 CA C D CA . ? A CA 113  ? 1_555 O  C J HOH .  ? A HOH 1373 ? 2_655 36.5  ? 
11  N7 ? A DG  9  ? A DG  9    ? 2_656 CA C D CA . ? A CA 113  ? 1_555 O  C J HOH .  ? A HOH 1374 ? 1_555 143.9 ? 
12  O6 ? A DG  10 ? A DG  10   ? 2_656 CA C D CA . ? A CA 113  ? 1_555 O  C J HOH .  ? A HOH 1374 ? 1_555 134.3 ? 
13  O  C J HOH .  ? A HOH 1372 ? 1_555 CA C D CA . ? A CA 113  ? 1_555 O  C J HOH .  ? A HOH 1374 ? 1_555 82.6  ? 
14  O  C J HOH .  ? A HOH 1373 ? 1_555 CA C D CA . ? A CA 113  ? 1_555 O  C J HOH .  ? A HOH 1374 ? 1_555 73.6  ? 
15  O  C J HOH .  ? A HOH 1373 ? 2_655 CA C D CA . ? A CA 113  ? 1_555 O  C J HOH .  ? A HOH 1374 ? 1_555 92.6  ? 
16  N7 ? A DG  9  ? A DG  9    ? 2_656 CA C D CA . ? A CA 113  ? 1_555 O  C J HOH .  ? A HOH 1375 ? 1_555 90.6  ? 
17  O6 ? A DG  10 ? A DG  10   ? 2_656 CA C D CA . ? A CA 113  ? 1_555 O  C J HOH .  ? A HOH 1375 ? 1_555 82.8  ? 
18  O  C J HOH .  ? A HOH 1372 ? 1_555 CA C D CA . ? A CA 113  ? 1_555 O  C J HOH .  ? A HOH 1375 ? 1_555 170.5 ? 
19  O  C J HOH .  ? A HOH 1373 ? 1_555 CA C D CA . ? A CA 113  ? 1_555 O  C J HOH .  ? A HOH 1375 ? 1_555 87.8  ? 
20  O  C J HOH .  ? A HOH 1373 ? 2_655 CA C D CA . ? A CA 113  ? 1_555 O  C J HOH .  ? A HOH 1375 ? 1_555 51.9  ? 
21  O  C J HOH .  ? A HOH 1374 ? 1_555 CA C D CA . ? A CA 113  ? 1_555 O  C J HOH .  ? A HOH 1375 ? 1_555 106.9 ? 
22  N7 ? A DG  9  ? A DG  9    ? 2_656 CA C D CA . ? A CA 113  ? 1_555 O  C J HOH .  ? A HOH 1376 ? 1_555 73.9  ? 
23  O6 ? A DG  10 ? A DG  10   ? 2_656 CA C D CA . ? A CA 113  ? 1_555 O  C J HOH .  ? A HOH 1376 ? 1_555 149.7 ? 
24  O  C J HOH .  ? A HOH 1372 ? 1_555 CA C D CA . ? A CA 113  ? 1_555 O  C J HOH .  ? A HOH 1376 ? 1_555 96.2  ? 
25  O  C J HOH .  ? A HOH 1373 ? 1_555 CA C D CA . ? A CA 113  ? 1_555 O  C J HOH .  ? A HOH 1376 ? 1_555 145.7 ? 
26  O  C J HOH .  ? A HOH 1373 ? 2_655 CA C D CA . ? A CA 113  ? 1_555 O  C J HOH .  ? A HOH 1376 ? 1_555 131.5 ? 
27  O  C J HOH .  ? A HOH 1374 ? 1_555 CA C D CA . ? A CA 113  ? 1_555 O  C J HOH .  ? A HOH 1376 ? 1_555 76.0  ? 
28  O  C J HOH .  ? A HOH 1375 ? 1_555 CA C D CA . ? A CA 113  ? 1_555 O  C J HOH .  ? A HOH 1376 ? 1_555 86.1  ? 
29  O  C G EOH .  ? A EOH 1114 ? 1_555 CA C B CA . ? A CA 111  ? 1_555 O  C J HOH .  ? A HOH 1359 ? 1_555 113.9 ? 
30  O  C G EOH .  ? A EOH 1114 ? 1_555 CA C B CA . ? A CA 111  ? 1_555 O  C J HOH .  ? A HOH 1360 ? 1_555 93.3  ? 
31  O  C J HOH .  ? A HOH 1359 ? 1_555 CA C B CA . ? A CA 111  ? 1_555 O  C J HOH .  ? A HOH 1360 ? 1_555 130.2 ? 
32  O  C G EOH .  ? A EOH 1114 ? 1_555 CA C B CA . ? A CA 111  ? 1_555 O  C J HOH .  ? A HOH 1360 ? 2_655 82.9  ? 
33  O  C J HOH .  ? A HOH 1359 ? 1_555 CA C B CA . ? A CA 111  ? 1_555 O  C J HOH .  ? A HOH 1360 ? 2_655 51.5  ? 
34  O  C J HOH .  ? A HOH 1360 ? 1_555 CA C B CA . ? A CA 111  ? 1_555 O  C J HOH .  ? A HOH 1360 ? 2_655 95.3  ? 
35  O  C G EOH .  ? A EOH 1114 ? 1_555 CA C B CA . ? A CA 111  ? 1_555 O  C J HOH .  ? A HOH 1361 ? 1_555 82.0  ? 
36  O  C J HOH .  ? A HOH 1359 ? 1_555 CA C B CA . ? A CA 111  ? 1_555 O  C J HOH .  ? A HOH 1361 ? 1_555 145.9 ? 
37  O  C J HOH .  ? A HOH 1360 ? 1_555 CA C B CA . ? A CA 111  ? 1_555 O  C J HOH .  ? A HOH 1361 ? 1_555 75.0  ? 
38  O  C J HOH .  ? A HOH 1360 ? 2_655 CA C B CA . ? A CA 111  ? 1_555 O  C J HOH .  ? A HOH 1361 ? 1_555 161.5 ? 
39  O  C G EOH .  ? A EOH 1114 ? 1_555 CA C B CA . ? A CA 111  ? 1_555 O  C J HOH .  ? A HOH 1362 ? 1_555 77.7  ? 
40  O  C J HOH .  ? A HOH 1359 ? 1_555 CA C B CA . ? A CA 111  ? 1_555 O  C J HOH .  ? A HOH 1362 ? 1_555 77.2  ? 
41  O  C J HOH .  ? A HOH 1360 ? 1_555 CA C B CA . ? A CA 111  ? 1_555 O  C J HOH .  ? A HOH 1362 ? 1_555 151.8 ? 
42  O  C J HOH .  ? A HOH 1360 ? 2_655 CA C B CA . ? A CA 111  ? 1_555 O  C J HOH .  ? A HOH 1362 ? 1_555 109.7 ? 
43  O  C J HOH .  ? A HOH 1361 ? 1_555 CA C B CA . ? A CA 111  ? 1_555 O  C J HOH .  ? A HOH 1362 ? 1_555 77.3  ? 
44  O  C G EOH .  ? A EOH 1114 ? 1_555 CA C B CA . ? A CA 111  ? 1_555 O  C J HOH .  ? A HOH 1363 ? 1_555 72.9  ? 
45  O  C J HOH .  ? A HOH 1359 ? 1_555 CA C B CA . ? A CA 111  ? 1_555 O  C J HOH .  ? A HOH 1363 ? 1_555 74.2  ? 
46  O  C J HOH .  ? A HOH 1360 ? 1_555 CA C B CA . ? A CA 111  ? 1_555 O  C J HOH .  ? A HOH 1363 ? 1_555 75.4  ? 
47  O  C J HOH .  ? A HOH 1360 ? 2_655 CA C B CA . ? A CA 111  ? 1_555 O  C J HOH .  ? A HOH 1363 ? 1_555 23.1  ? 
48  O  C J HOH .  ? A HOH 1361 ? 1_555 CA C B CA . ? A CA 111  ? 1_555 O  C J HOH .  ? A HOH 1363 ? 1_555 139.7 ? 
49  O  C J HOH .  ? A HOH 1362 ? 1_555 CA C B CA . ? A CA 111  ? 1_555 O  C J HOH .  ? A HOH 1363 ? 1_555 125.3 ? 
50  O  C G EOH .  ? A EOH 1114 ? 1_555 CA C B CA . ? A CA 111  ? 1_555 O  C J HOH .  ? A HOH 1363 ? 2_655 94.5  ? 
51  O  C J HOH .  ? A HOH 1359 ? 1_555 CA C B CA . ? A CA 111  ? 1_555 O  C J HOH .  ? A HOH 1363 ? 2_655 97.7  ? 
52  O  C J HOH .  ? A HOH 1360 ? 1_555 CA C B CA . ? A CA 111  ? 1_555 O  C J HOH .  ? A HOH 1363 ? 2_655 36.5  ? 
53  O  C J HOH .  ? A HOH 1360 ? 2_655 CA C B CA . ? A CA 111  ? 1_555 O  C J HOH .  ? A HOH 1363 ? 2_655 59.4  ? 
54  O  C J HOH .  ? A HOH 1361 ? 1_555 CA C B CA . ? A CA 111  ? 1_555 O  C J HOH .  ? A HOH 1363 ? 2_655 111.4 ? 
55  O  C J HOH .  ? A HOH 1362 ? 1_555 CA C B CA . ? A CA 111  ? 1_555 O  C J HOH .  ? A HOH 1363 ? 2_655 167.7 ? 
56  O  C J HOH .  ? A HOH 1363 ? 1_555 CA C B CA . ? A CA 111  ? 1_555 O  C J HOH .  ? A HOH 1363 ? 2_655 42.6  ? 
57  O  C G EOH .  ? A EOH 1114 ? 1_555 CA C B CA . ? A CA 111  ? 1_555 O  C J HOH .  ? A HOH 1364 ? 1_555 151.2 ? 
58  O  C J HOH .  ? A HOH 1359 ? 1_555 CA C B CA . ? A CA 111  ? 1_555 O  C J HOH .  ? A HOH 1364 ? 1_555 79.4  ? 
59  O  C J HOH .  ? A HOH 1360 ? 1_555 CA C B CA . ? A CA 111  ? 1_555 O  C J HOH .  ? A HOH 1364 ? 1_555 96.6  ? 
60  O  C J HOH .  ? A HOH 1360 ? 2_655 CA C B CA . ? A CA 111  ? 1_555 O  C J HOH .  ? A HOH 1364 ? 1_555 122.8 ? 
61  O  C J HOH .  ? A HOH 1361 ? 1_555 CA C B CA . ? A CA 111  ? 1_555 O  C J HOH .  ? A HOH 1364 ? 1_555 74.6  ? 
62  O  C J HOH .  ? A HOH 1362 ? 1_555 CA C B CA . ? A CA 111  ? 1_555 O  C J HOH .  ? A HOH 1364 ? 1_555 80.9  ? 
63  O  C J HOH .  ? A HOH 1363 ? 1_555 CA C B CA . ? A CA 111  ? 1_555 O  C J HOH .  ? A HOH 1364 ? 1_555 135.9 ? 
64  O  C J HOH .  ? A HOH 1363 ? 2_655 CA C B CA . ? A CA 111  ? 1_555 O  C J HOH .  ? A HOH 1364 ? 1_555 109.4 ? 
65  O  C G EOH .  ? A EOH 1114 ? 1_555 CA C B CA . ? A CA 111  ? 1_555 O  C J HOH .  ? A HOH 1364 ? 2_655 105.0 ? 
66  O  C J HOH .  ? A HOH 1359 ? 1_555 CA C B CA . ? A CA 111  ? 1_555 O  C J HOH .  ? A HOH 1364 ? 2_655 24.3  ? 
67  O  C J HOH .  ? A HOH 1360 ? 1_555 CA C B CA . ? A CA 111  ? 1_555 O  C J HOH .  ? A HOH 1364 ? 2_655 153.9 ? 
68  O  C J HOH .  ? A HOH 1360 ? 2_655 CA C B CA . ? A CA 111  ? 1_555 O  C J HOH .  ? A HOH 1364 ? 2_655 69.2  ? 
69  O  C J HOH .  ? A HOH 1361 ? 1_555 CA C B CA . ? A CA 111  ? 1_555 O  C J HOH .  ? A HOH 1364 ? 2_655 125.3 ? 
70  O  C J HOH .  ? A HOH 1362 ? 1_555 CA C B CA . ? A CA 111  ? 1_555 O  C J HOH .  ? A HOH 1364 ? 2_655 52.9  ? 
71  O  C J HOH .  ? A HOH 1363 ? 1_555 CA C B CA . ? A CA 111  ? 1_555 O  C J HOH .  ? A HOH 1364 ? 2_655 92.0  ? 
72  O  C J HOH .  ? A HOH 1363 ? 2_655 CA C B CA . ? A CA 111  ? 1_555 O  C J HOH .  ? A HOH 1364 ? 2_655 121.7 ? 
73  O  C J HOH .  ? A HOH 1364 ? 1_555 CA C B CA . ? A CA 111  ? 1_555 O  C J HOH .  ? A HOH 1364 ? 2_655 76.3  ? 
74  O  C J HOH .  ? A HOH 1365 ? 1_555 CA C C CA . ? A CA 112  ? 1_555 O  C J HOH .  ? A HOH 1366 ? 1_555 129.5 ? 
75  O  C J HOH .  ? A HOH 1365 ? 1_555 CA C C CA . ? A CA 112  ? 1_555 O  C J HOH .  ? A HOH 1367 ? 1_555 149.9 ? 
76  O  C J HOH .  ? A HOH 1366 ? 1_555 CA C C CA . ? A CA 112  ? 1_555 O  C J HOH .  ? A HOH 1367 ? 1_555 78.9  ? 
77  O  C J HOH .  ? A HOH 1365 ? 1_555 CA C C CA . ? A CA 112  ? 1_555 O  C J HOH .  ? A HOH 1368 ? 1_555 72.7  ? 
78  O  C J HOH .  ? A HOH 1366 ? 1_555 CA C C CA . ? A CA 112  ? 1_555 O  C J HOH .  ? A HOH 1368 ? 1_555 74.0  ? 
79  O  C J HOH .  ? A HOH 1367 ? 1_555 CA C C CA . ? A CA 112  ? 1_555 O  C J HOH .  ? A HOH 1368 ? 1_555 132.5 ? 
80  O  C J HOH .  ? A HOH 1365 ? 1_555 CA C C CA . ? A CA 112  ? 1_555 O  C J HOH .  ? A HOH 1369 ? 1_555 85.1  ? 
81  O  C J HOH .  ? A HOH 1366 ? 1_555 CA C C CA . ? A CA 112  ? 1_555 O  C J HOH .  ? A HOH 1369 ? 1_555 83.3  ? 
82  O  C J HOH .  ? A HOH 1367 ? 1_555 CA C C CA . ? A CA 112  ? 1_555 O  C J HOH .  ? A HOH 1369 ? 1_555 89.6  ? 
83  O  C J HOH .  ? A HOH 1368 ? 1_555 CA C C CA . ? A CA 112  ? 1_555 O  C J HOH .  ? A HOH 1369 ? 1_555 124.1 ? 
84  O  C J HOH .  ? A HOH 1365 ? 1_555 CA C C CA . ? A CA 112  ? 1_555 O  C J HOH .  ? A HOH 1370 ? 1_555 71.6  ? 
85  O  C J HOH .  ? A HOH 1366 ? 1_555 CA C C CA . ? A CA 112  ? 1_555 O  C J HOH .  ? A HOH 1370 ? 1_555 152.7 ? 
86  O  C J HOH .  ? A HOH 1367 ? 1_555 CA C C CA . ? A CA 112  ? 1_555 O  C J HOH .  ? A HOH 1370 ? 1_555 78.4  ? 
87  O  C J HOH .  ? A HOH 1368 ? 1_555 CA C C CA . ? A CA 112  ? 1_555 O  C J HOH .  ? A HOH 1370 ? 1_555 133.2 ? 
88  O  C J HOH .  ? A HOH 1369 ? 1_555 CA C C CA . ? A CA 112  ? 1_555 O  C J HOH .  ? A HOH 1370 ? 1_555 81.6  ? 
89  O  C J HOH .  ? A HOH 1365 ? 1_555 CA C C CA . ? A CA 112  ? 1_555 O  C J HOH .  ? A HOH 1371 ? 1_555 103.0 ? 
90  O  C J HOH .  ? A HOH 1366 ? 1_555 CA C C CA . ? A CA 112  ? 1_555 O  C J HOH .  ? A HOH 1371 ? 1_555 101.6 ? 
91  O  C J HOH .  ? A HOH 1367 ? 1_555 CA C C CA . ? A CA 112  ? 1_555 O  C J HOH .  ? A HOH 1371 ? 1_555 76.1  ? 
92  O  C J HOH .  ? A HOH 1368 ? 1_555 CA C C CA . ? A CA 112  ? 1_555 O  C J HOH .  ? A HOH 1371 ? 1_555 72.3  ? 
93  O  C J HOH .  ? A HOH 1369 ? 1_555 CA C C CA . ? A CA 112  ? 1_555 O  C J HOH .  ? A HOH 1371 ? 1_555 163.5 ? 
94  O  C J HOH .  ? A HOH 1370 ? 1_555 CA C C CA . ? A CA 112  ? 1_555 O  C J HOH .  ? A HOH 1371 ? 1_555 87.4  ? 
95  O  D J HOH .  ? A HOH 1365 ? 1_555 CA D C CA . ? A CA 112  ? 1_555 O  D J HOH .  ? A HOH 1366 ? 1_555 100.8 ? 
96  O  D J HOH .  ? A HOH 1365 ? 1_555 CA D C CA . ? A CA 112  ? 1_555 O  D J HOH .  ? A HOH 1367 ? 1_555 75.9  ? 
97  O  D J HOH .  ? A HOH 1366 ? 1_555 CA D C CA . ? A CA 112  ? 1_555 O  D J HOH .  ? A HOH 1367 ? 1_555 77.7  ? 
98  O  D J HOH .  ? A HOH 1365 ? 1_555 CA D C CA . ? A CA 112  ? 1_555 O  D J HOH .  ? A HOH 1368 ? 1_555 74.6  ? 
99  O  D J HOH .  ? A HOH 1366 ? 1_555 CA D C CA . ? A CA 112  ? 1_555 O  D J HOH .  ? A HOH 1368 ? 1_555 155.4 ? 
100 O  D J HOH .  ? A HOH 1367 ? 1_555 CA D C CA . ? A CA 112  ? 1_555 O  D J HOH .  ? A HOH 1368 ? 1_555 77.8  ? 
101 O  D J HOH .  ? A HOH 1365 ? 1_555 CA D C CA . ? A CA 112  ? 1_555 O  D J HOH .  ? A HOH 1369 ? 1_555 154.6 ? 
102 O  D J HOH .  ? A HOH 1366 ? 1_555 CA D C CA . ? A CA 112  ? 1_555 O  D J HOH .  ? A HOH 1369 ? 1_555 84.6  ? 
103 O  D J HOH .  ? A HOH 1367 ? 1_555 CA D C CA . ? A CA 112  ? 1_555 O  D J HOH .  ? A HOH 1369 ? 1_555 81.2  ? 
104 O  D J HOH .  ? A HOH 1368 ? 1_555 CA D C CA . ? A CA 112  ? 1_555 O  D J HOH .  ? A HOH 1369 ? 1_555 90.2  ? 
105 O  D J HOH .  ? A HOH 1365 ? 1_555 CA D C CA . ? A CA 112  ? 1_555 O  D J HOH .  ? A HOH 1370 ? 1_555 115.0 ? 
106 O  D J HOH .  ? A HOH 1366 ? 1_555 CA D C CA . ? A CA 112  ? 1_555 O  D J HOH .  ? A HOH 1370 ? 1_555 129.2 ? 
107 O  D J HOH .  ? A HOH 1367 ? 1_555 CA D C CA . ? A CA 112  ? 1_555 O  D J HOH .  ? A HOH 1370 ? 1_555 143.4 ? 
108 O  D J HOH .  ? A HOH 1368 ? 1_555 CA D C CA . ? A CA 112  ? 1_555 O  D J HOH .  ? A HOH 1370 ? 1_555 72.6  ? 
109 O  D J HOH .  ? A HOH 1369 ? 1_555 CA D C CA . ? A CA 112  ? 1_555 O  D J HOH .  ? A HOH 1370 ? 1_555 78.1  ? 
110 O  D J HOH .  ? A HOH 1365 ? 1_555 CA D C CA . ? A CA 112  ? 1_555 O  D J HOH .  ? A HOH 1371 ? 1_555 80.6  ? 
111 O  D J HOH .  ? A HOH 1366 ? 1_555 CA D C CA . ? A CA 112  ? 1_555 O  D J HOH .  ? A HOH 1371 ? 1_555 80.7  ? 
112 O  D J HOH .  ? A HOH 1367 ? 1_555 CA D C CA . ? A CA 112  ? 1_555 O  D J HOH .  ? A HOH 1371 ? 1_555 144.2 ? 
113 O  D J HOH .  ? A HOH 1368 ? 1_555 CA D C CA . ? A CA 112  ? 1_555 O  D J HOH .  ? A HOH 1371 ? 1_555 121.3 ? 
114 O  D J HOH .  ? A HOH 1369 ? 1_555 CA D C CA . ? A CA 112  ? 1_555 O  D J HOH .  ? A HOH 1371 ? 1_555 124.8 ? 
115 O  D J HOH .  ? A HOH 1370 ? 1_555 CA D C CA . ? A CA 112  ? 1_555 O  D J HOH .  ? A HOH 1371 ? 1_555 71.5  ? 
116 O  B J HOH .  ? A HOH 1383 ? 1_555 CA B F CA . ? A CA 114  ? 1_555 O  B J HOH .  ? A HOH 1384 ? 1_555 138.3 ? 
117 O  B J HOH .  ? A HOH 1383 ? 1_555 CA B F CA . ? A CA 114  ? 1_555 O  B J HOH .  ? A HOH 1385 ? 1_555 88.0  ? 
118 O  B J HOH .  ? A HOH 1384 ? 1_555 CA B F CA . ? A CA 114  ? 1_555 O  B J HOH .  ? A HOH 1385 ? 1_555 97.5  ? 
119 O  D J HOH .  ? A HOH 1377 ? 1_555 CA D E CA . ? A CA 1113 ? 1_555 O  D J HOH .  ? A HOH 1378 ? 1_555 80.8  ? 
120 O  D J HOH .  ? A HOH 1377 ? 1_555 CA D E CA . ? A CA 1113 ? 1_555 O  D J HOH .  ? A HOH 1379 ? 1_555 96.9  ? 
121 O  D J HOH .  ? A HOH 1378 ? 1_555 CA D E CA . ? A CA 1113 ? 1_555 O  D J HOH .  ? A HOH 1379 ? 1_555 82.5  ? 
122 O  D J HOH .  ? A HOH 1377 ? 1_555 CA D E CA . ? A CA 1113 ? 1_555 O  D J HOH .  ? A HOH 1380 ? 1_555 82.3  ? 
123 O  D J HOH .  ? A HOH 1378 ? 1_555 CA D E CA . ? A CA 1113 ? 1_555 O  D J HOH .  ? A HOH 1380 ? 1_555 154.6 ? 
124 O  D J HOH .  ? A HOH 1379 ? 1_555 CA D E CA . ? A CA 1113 ? 1_555 O  D J HOH .  ? A HOH 1380 ? 1_555 80.8  ? 
125 O  D J HOH .  ? A HOH 1377 ? 1_555 CA D E CA . ? A CA 1113 ? 1_555 O  D J HOH .  ? A HOH 1381 ? 1_555 148.2 ? 
126 O  D J HOH .  ? A HOH 1378 ? 1_555 CA D E CA . ? A CA 1113 ? 1_555 O  D J HOH .  ? A HOH 1381 ? 1_555 100.2 ? 
127 O  D J HOH .  ? A HOH 1379 ? 1_555 CA D E CA . ? A CA 1113 ? 1_555 O  D J HOH .  ? A HOH 1381 ? 1_555 52.4  ? 
128 O  D J HOH .  ? A HOH 1380 ? 1_555 CA D E CA . ? A CA 1113 ? 1_555 O  D J HOH .  ? A HOH 1381 ? 1_555 84.4  ? 
129 O  D J HOH .  ? A HOH 1377 ? 1_555 CA D E CA . ? A CA 1113 ? 1_555 O  D J HOH .  ? A HOH 1382 ? 1_555 67.0  ? 
130 O  D J HOH .  ? A HOH 1378 ? 1_555 CA D E CA . ? A CA 1113 ? 1_555 O  D J HOH .  ? A HOH 1382 ? 1_555 140.7 ? 
131 O  D J HOH .  ? A HOH 1379 ? 1_555 CA D E CA . ? A CA 1113 ? 1_555 O  D J HOH .  ? A HOH 1382 ? 1_555 122.1 ? 
132 O  D J HOH .  ? A HOH 1380 ? 1_555 CA D E CA . ? A CA 1113 ? 1_555 O  D J HOH .  ? A HOH 1382 ? 1_555 43.4  ? 
133 O  D J HOH .  ? A HOH 1381 ? 1_555 CA D E CA . ? A CA 1113 ? 1_555 O  D J HOH .  ? A HOH 1382 ? 1_555 119.0 ? 
134 O  E J HOH .  ? A HOH 1377 ? 1_555 CA E E CA . ? A CA 1113 ? 1_555 O  E J HOH .  ? A HOH 1378 ? 1_555 120.5 ? 
135 O  E J HOH .  ? A HOH 1377 ? 1_555 CA E E CA . ? A CA 1113 ? 1_555 O  E J HOH .  ? A HOH 1379 ? 1_555 69.6  ? 
136 O  E J HOH .  ? A HOH 1378 ? 1_555 CA E E CA . ? A CA 1113 ? 1_555 O  E J HOH .  ? A HOH 1379 ? 1_555 145.0 ? 
137 O  E J HOH .  ? A HOH 1377 ? 1_555 CA E E CA . ? A CA 1113 ? 1_555 O  E J HOH .  ? A HOH 1380 ? 1_555 74.2  ? 
138 O  E J HOH .  ? A HOH 1378 ? 1_555 CA E E CA . ? A CA 1113 ? 1_555 O  E J HOH .  ? A HOH 1380 ? 1_555 73.3  ? 
139 O  E J HOH .  ? A HOH 1379 ? 1_555 CA E E CA . ? A CA 1113 ? 1_555 O  E J HOH .  ? A HOH 1380 ? 1_555 137.9 ? 
140 O  E J HOH .  ? A HOH 1377 ? 1_555 CA E E CA . ? A CA 1113 ? 1_555 O  E J HOH .  ? A HOH 1381 ? 1_555 79.1  ? 
141 O  E J HOH .  ? A HOH 1378 ? 1_555 CA E E CA . ? A CA 1113 ? 1_555 O  E J HOH .  ? A HOH 1381 ? 1_555 148.0 ? 
142 O  E J HOH .  ? A HOH 1379 ? 1_555 CA E E CA . ? A CA 1113 ? 1_555 O  E J HOH .  ? A HOH 1381 ? 1_555 62.6  ? 
143 O  E J HOH .  ? A HOH 1380 ? 1_555 CA E E CA . ? A CA 1113 ? 1_555 O  E J HOH .  ? A HOH 1381 ? 1_555 90.4  ? 
144 O  E J HOH .  ? A HOH 1377 ? 1_555 CA E E CA . ? A CA 1113 ? 1_555 O  E J HOH .  ? A HOH 1382 ? 1_555 158.5 ? 
145 O  E J HOH .  ? A HOH 1378 ? 1_555 CA E E CA . ? A CA 1113 ? 1_555 O  E J HOH .  ? A HOH 1382 ? 1_555 73.4  ? 
146 O  E J HOH .  ? A HOH 1379 ? 1_555 CA E E CA . ? A CA 1113 ? 1_555 O  E J HOH .  ? A HOH 1382 ? 1_555 109.4 ? 
147 O  E J HOH .  ? A HOH 1380 ? 1_555 CA E E CA . ? A CA 1113 ? 1_555 O  E J HOH .  ? A HOH 1382 ? 1_555 96.6  ? 
148 O  E J HOH .  ? A HOH 1381 ? 1_555 CA E E CA . ? A CA 1113 ? 1_555 O  E J HOH .  ? A HOH 1382 ? 1_555 81.6  ? 
# 
loop_
_struct_site.id 
_struct_site.pdbx_evidence_code 
_struct_site.pdbx_auth_asym_id 
_struct_site.pdbx_auth_comp_id 
_struct_site.pdbx_auth_seq_id 
_struct_site.pdbx_auth_ins_code 
_struct_site.pdbx_num_residues 
_struct_site.details 
AC1 Software A CA  111  ? 13 'BINDING SITE FOR RESIDUE CA A 111'   
AC2 Software A CA  112  ? 8  'BINDING SITE FOR RESIDUE CA A 112'   
AC3 Software A CA  113  ? 11 'BINDING SITE FOR RESIDUE CA A 113'   
AC4 Software A CA  1113 ? 14 'BINDING SITE FOR RESIDUE CA A 1113'  
AC5 Software A CA  114  ? 4  'BINDING SITE FOR RESIDUE CA A 114'   
AC6 Software A EOH 1114 ? 12 'BINDING SITE FOR RESIDUE EOH A 1114' 
AC7 Software A EOH 227  ? 7  'BINDING SITE FOR RESIDUE EOH A 227'  
AC8 Software A EOH 244  ? 6  'BINDING SITE FOR RESIDUE EOH A 244'  
# 
loop_
_struct_site_gen.id 
_struct_site_gen.site_id 
_struct_site_gen.pdbx_num_res 
_struct_site_gen.label_comp_id 
_struct_site_gen.label_asym_id 
_struct_site_gen.label_seq_id 
_struct_site_gen.pdbx_auth_ins_code 
_struct_site_gen.auth_comp_id 
_struct_site_gen.auth_asym_id 
_struct_site_gen.auth_seq_id 
_struct_site_gen.label_atom_id 
_struct_site_gen.label_alt_id 
_struct_site_gen.symmetry 
_struct_site_gen.details 
1  AC1 13 EOH G .  ? EOH A 1114 . ? 1_555 ? 
2  AC1 13 HOH J .  ? HOH A 1301 . ? 1_555 ? 
3  AC1 13 HOH J .  ? HOH A 1301 . ? 2_655 ? 
4  AC1 13 HOH J .  ? HOH A 1356 . ? 1_555 ? 
5  AC1 13 HOH J .  ? HOH A 1359 . ? 1_555 ? 
6  AC1 13 HOH J .  ? HOH A 1359 . ? 2_655 ? 
7  AC1 13 HOH J .  ? HOH A 1360 . ? 1_555 ? 
8  AC1 13 HOH J .  ? HOH A 1361 . ? 1_555 ? 
9  AC1 13 HOH J .  ? HOH A 1362 . ? 1_555 ? 
10 AC1 13 HOH J .  ? HOH A 1363 . ? 2_655 ? 
11 AC1 13 HOH J .  ? HOH A 1363 . ? 1_555 ? 
12 AC1 13 HOH J .  ? HOH A 1364 . ? 2_655 ? 
13 AC1 13 HOH J .  ? HOH A 1364 . ? 1_555 ? 
14 AC2 8  HOH J .  ? HOH A 222  . ? 1_555 ? 
15 AC2 8  HOH J .  ? HOH A 1365 . ? 1_555 ? 
16 AC2 8  HOH J .  ? HOH A 1366 . ? 1_555 ? 
17 AC2 8  HOH J .  ? HOH A 1367 . ? 1_555 ? 
18 AC2 8  HOH J .  ? HOH A 1368 . ? 1_555 ? 
19 AC2 8  HOH J .  ? HOH A 1369 . ? 1_555 ? 
20 AC2 8  HOH J .  ? HOH A 1370 . ? 1_555 ? 
21 AC2 8  HOH J .  ? HOH A 1371 . ? 1_555 ? 
22 AC3 11 DG  A 9  ? DG  A 9    . ? 2_656 ? 
23 AC3 11 DG  A 10 ? DG  A 10   . ? 2_656 ? 
24 AC3 11 HOH J .  ? HOH A 259  . ? 1_555 ? 
25 AC3 11 CA  E .  ? CA  A 1113 . ? 1_555 ? 
26 AC3 11 HOH J .  ? HOH A 1372 . ? 1_555 ? 
27 AC3 11 HOH J .  ? HOH A 1373 . ? 1_555 ? 
28 AC3 11 HOH J .  ? HOH A 1374 . ? 1_555 ? 
29 AC3 11 HOH J .  ? HOH A 1375 . ? 1_555 ? 
30 AC3 11 HOH J .  ? HOH A 1376 . ? 1_555 ? 
31 AC3 11 HOH J .  ? HOH A 1379 . ? 1_555 ? 
32 AC3 11 HOH J .  ? HOH A 1381 . ? 1_555 ? 
33 AC4 14 CA  D .  ? CA  A 113  . ? 1_555 ? 
34 AC4 14 HOH J .  ? HOH A 215  . ? 1_555 ? 
35 AC4 14 HOH J .  ? HOH A 252  . ? 1_555 ? 
36 AC4 14 HOH J .  ? HOH A 259  . ? 1_555 ? 
37 AC4 14 HOH J .  ? HOH A 1372 . ? 1_555 ? 
38 AC4 14 HOH J .  ? HOH A 1374 . ? 1_555 ? 
39 AC4 14 HOH J .  ? HOH A 1375 . ? 1_555 ? 
40 AC4 14 HOH J .  ? HOH A 1376 . ? 1_555 ? 
41 AC4 14 HOH J .  ? HOH A 1377 . ? 1_555 ? 
42 AC4 14 HOH J .  ? HOH A 1378 . ? 1_555 ? 
43 AC4 14 HOH J .  ? HOH A 1379 . ? 1_555 ? 
44 AC4 14 HOH J .  ? HOH A 1380 . ? 1_555 ? 
45 AC4 14 HOH J .  ? HOH A 1381 . ? 1_555 ? 
46 AC4 14 HOH J .  ? HOH A 1382 . ? 1_555 ? 
47 AC5 4  HOH J .  ? HOH A 260  . ? 1_555 ? 
48 AC5 4  HOH J .  ? HOH A 1383 . ? 1_555 ? 
49 AC5 4  HOH J .  ? HOH A 1384 . ? 1_555 ? 
50 AC5 4  HOH J .  ? HOH A 1385 . ? 1_555 ? 
51 AC6 12 DC  A 1  ? DC  A 1    . ? 2_655 ? 
52 AC6 12 DC  A 2  ? DC  A 2    . ? 2_655 ? 
53 AC6 12 DG  A 10 ? DG  A 10   . ? 2_656 ? 
54 AC6 12 CA  B .  ? CA  A 111  . ? 1_555 ? 
55 AC6 12 HOH J .  ? HOH A 202  . ? 1_555 ? 
56 AC6 12 HOH J .  ? HOH A 228  . ? 1_555 ? 
57 AC6 12 HOH J .  ? HOH A 229  . ? 1_555 ? 
58 AC6 12 HOH J .  ? HOH A 1301 . ? 2_655 ? 
59 AC6 12 HOH J .  ? HOH A 1356 . ? 1_555 ? 
60 AC6 12 HOH J .  ? HOH A 1360 . ? 1_555 ? 
61 AC6 12 HOH J .  ? HOH A 1362 . ? 1_555 ? 
62 AC6 12 HOH J .  ? HOH A 1363 . ? 1_555 ? 
63 AC7 7  DC  A 5  ? DC  A 5    . ? 3_545 ? 
64 AC7 7  DT  A 8  ? DT  A 8    . ? 2_656 ? 
65 AC7 7  HOH J .  ? HOH A 204  . ? 1_555 ? 
66 AC7 7  HOH J .  ? HOH A 207  . ? 1_555 ? 
67 AC7 7  HOH J .  ? HOH A 241  . ? 1_555 ? 
68 AC7 7  EOH I .  ? EOH A 244  . ? 1_555 ? 
69 AC7 7  HOH J .  ? HOH A 1358 . ? 1_555 ? 
70 AC8 6  DG  A 6  ? DG  A 6    . ? 2_656 ? 
71 AC8 6  DC  A 7  ? DC  A 7    . ? 2_656 ? 
72 AC8 6  EOH H .  ? EOH A 227  . ? 1_555 ? 
73 AC8 6  HOH J .  ? HOH A 241  . ? 1_555 ? 
74 AC8 6  HOH J .  ? HOH A 250  . ? 3_545 ? 
75 AC8 6  HOH J .  ? HOH A 1342 . ? 4_646 ? 
# 
_pdbx_validate_rmsd_bond.id                        1 
_pdbx_validate_rmsd_bond.PDB_model_num             1 
_pdbx_validate_rmsd_bond.auth_atom_id_1            "O3'" 
_pdbx_validate_rmsd_bond.auth_asym_id_1            A 
_pdbx_validate_rmsd_bond.auth_comp_id_1            DC 
_pdbx_validate_rmsd_bond.auth_seq_id_1             1 
_pdbx_validate_rmsd_bond.PDB_ins_code_1            ? 
_pdbx_validate_rmsd_bond.label_alt_id_1            A 
_pdbx_validate_rmsd_bond.auth_atom_id_2            P 
_pdbx_validate_rmsd_bond.auth_asym_id_2            A 
_pdbx_validate_rmsd_bond.auth_comp_id_2            DC 
_pdbx_validate_rmsd_bond.auth_seq_id_2             2 
_pdbx_validate_rmsd_bond.PDB_ins_code_2            ? 
_pdbx_validate_rmsd_bond.label_alt_id_2            A 
_pdbx_validate_rmsd_bond.bond_value                1.530 
_pdbx_validate_rmsd_bond.bond_target_value         1.607 
_pdbx_validate_rmsd_bond.bond_deviation            -0.077 
_pdbx_validate_rmsd_bond.bond_standard_deviation   0.012 
_pdbx_validate_rmsd_bond.linker_flag               Y 
# 
loop_
_pdbx_validate_rmsd_angle.id 
_pdbx_validate_rmsd_angle.PDB_model_num 
_pdbx_validate_rmsd_angle.auth_atom_id_1 
_pdbx_validate_rmsd_angle.auth_asym_id_1 
_pdbx_validate_rmsd_angle.auth_comp_id_1 
_pdbx_validate_rmsd_angle.auth_seq_id_1 
_pdbx_validate_rmsd_angle.PDB_ins_code_1 
_pdbx_validate_rmsd_angle.label_alt_id_1 
_pdbx_validate_rmsd_angle.auth_atom_id_2 
_pdbx_validate_rmsd_angle.auth_asym_id_2 
_pdbx_validate_rmsd_angle.auth_comp_id_2 
_pdbx_validate_rmsd_angle.auth_seq_id_2 
_pdbx_validate_rmsd_angle.PDB_ins_code_2 
_pdbx_validate_rmsd_angle.label_alt_id_2 
_pdbx_validate_rmsd_angle.auth_atom_id_3 
_pdbx_validate_rmsd_angle.auth_asym_id_3 
_pdbx_validate_rmsd_angle.auth_comp_id_3 
_pdbx_validate_rmsd_angle.auth_seq_id_3 
_pdbx_validate_rmsd_angle.PDB_ins_code_3 
_pdbx_validate_rmsd_angle.label_alt_id_3 
_pdbx_validate_rmsd_angle.angle_value 
_pdbx_validate_rmsd_angle.angle_target_value 
_pdbx_validate_rmsd_angle.angle_deviation 
_pdbx_validate_rmsd_angle.angle_standard_deviation 
_pdbx_validate_rmsd_angle.linker_flag 
1 1 "C4'" A DC 1 ? ? "C3'" A DC 1 ? A "O3'" A DC 1 ? A 93.31  109.70 -16.39 2.50 N 
2 1 C8    A DA 3 ? ? N9    A DA 3 ? ? C4    A DA 3 ? ? 108.27 105.80 2.47   0.40 N 
3 1 "C1'" A DG 4 ? ? "O4'" A DG 4 ? ? "C4'" A DG 4 ? ? 103.90 110.10 -6.20  1.00 N 
4 1 "C3'" A DC 5 ? A "O3'" A DC 5 ? A P     A DG 6 ? A 137.52 119.70 17.82  1.20 Y 
5 1 "C5'" A DG 6 ? A "C4'" A DG 6 ? A "O4'" A DG 6 ? ? 121.47 109.80 11.67  1.10 N 
6 1 N3    A DG 6 ? ? C4    A DG 6 ? ? C5    A DG 6 ? ? 131.77 128.60 3.17   0.50 N 
7 1 C4    A DG 6 ? ? C5    A DG 6 ? ? C6    A DG 6 ? ? 115.00 118.80 -3.80  0.60 N 
# 
loop_
_pdbx_validate_planes.id 
_pdbx_validate_planes.PDB_model_num 
_pdbx_validate_planes.auth_comp_id 
_pdbx_validate_planes.auth_asym_id 
_pdbx_validate_planes.auth_seq_id 
_pdbx_validate_planes.PDB_ins_code 
_pdbx_validate_planes.label_alt_id 
_pdbx_validate_planes.rmsd 
_pdbx_validate_planes.type 
1 1 DA A 3 ? ? 0.069 'SIDE CHAIN' 
2 1 DG A 6 ? A 0.085 'SIDE CHAIN' 
3 1 DC A 7 ? A 0.078 'SIDE CHAIN' 
4 1 DG A 9 ? ? 0.070 'SIDE CHAIN' 
# 
_pdbx_struct_special_symmetry.id              1 
_pdbx_struct_special_symmetry.PDB_model_num   1 
_pdbx_struct_special_symmetry.auth_asym_id    A 
_pdbx_struct_special_symmetry.auth_comp_id    HOH 
_pdbx_struct_special_symmetry.auth_seq_id     218 
_pdbx_struct_special_symmetry.PDB_ins_code    ? 
_pdbx_struct_special_symmetry.label_asym_id   J 
_pdbx_struct_special_symmetry.label_comp_id   HOH 
_pdbx_struct_special_symmetry.label_seq_id    . 
# 
loop_
_chem_comp_atom.comp_id 
_chem_comp_atom.atom_id 
_chem_comp_atom.type_symbol 
_chem_comp_atom.pdbx_aromatic_flag 
_chem_comp_atom.pdbx_stereo_config 
_chem_comp_atom.pdbx_ordinal 
CA  CA     CA N N 1   
DA  OP3    O  N N 2   
DA  P      P  N N 3   
DA  OP1    O  N N 4   
DA  OP2    O  N N 5   
DA  "O5'"  O  N N 6   
DA  "C5'"  C  N N 7   
DA  "C4'"  C  N R 8   
DA  "O4'"  O  N N 9   
DA  "C3'"  C  N S 10  
DA  "O3'"  O  N N 11  
DA  "C2'"  C  N N 12  
DA  "C1'"  C  N R 13  
DA  N9     N  Y N 14  
DA  C8     C  Y N 15  
DA  N7     N  Y N 16  
DA  C5     C  Y N 17  
DA  C6     C  Y N 18  
DA  N6     N  N N 19  
DA  N1     N  Y N 20  
DA  C2     C  Y N 21  
DA  N3     N  Y N 22  
DA  C4     C  Y N 23  
DA  HOP3   H  N N 24  
DA  HOP2   H  N N 25  
DA  "H5'"  H  N N 26  
DA  "H5''" H  N N 27  
DA  "H4'"  H  N N 28  
DA  "H3'"  H  N N 29  
DA  "HO3'" H  N N 30  
DA  "H2'"  H  N N 31  
DA  "H2''" H  N N 32  
DA  "H1'"  H  N N 33  
DA  H8     H  N N 34  
DA  H61    H  N N 35  
DA  H62    H  N N 36  
DA  H2     H  N N 37  
DC  OP3    O  N N 38  
DC  P      P  N N 39  
DC  OP1    O  N N 40  
DC  OP2    O  N N 41  
DC  "O5'"  O  N N 42  
DC  "C5'"  C  N N 43  
DC  "C4'"  C  N R 44  
DC  "O4'"  O  N N 45  
DC  "C3'"  C  N S 46  
DC  "O3'"  O  N N 47  
DC  "C2'"  C  N N 48  
DC  "C1'"  C  N R 49  
DC  N1     N  N N 50  
DC  C2     C  N N 51  
DC  O2     O  N N 52  
DC  N3     N  N N 53  
DC  C4     C  N N 54  
DC  N4     N  N N 55  
DC  C5     C  N N 56  
DC  C6     C  N N 57  
DC  HOP3   H  N N 58  
DC  HOP2   H  N N 59  
DC  "H5'"  H  N N 60  
DC  "H5''" H  N N 61  
DC  "H4'"  H  N N 62  
DC  "H3'"  H  N N 63  
DC  "HO3'" H  N N 64  
DC  "H2'"  H  N N 65  
DC  "H2''" H  N N 66  
DC  "H1'"  H  N N 67  
DC  H41    H  N N 68  
DC  H42    H  N N 69  
DC  H5     H  N N 70  
DC  H6     H  N N 71  
DG  OP3    O  N N 72  
DG  P      P  N N 73  
DG  OP1    O  N N 74  
DG  OP2    O  N N 75  
DG  "O5'"  O  N N 76  
DG  "C5'"  C  N N 77  
DG  "C4'"  C  N R 78  
DG  "O4'"  O  N N 79  
DG  "C3'"  C  N S 80  
DG  "O3'"  O  N N 81  
DG  "C2'"  C  N N 82  
DG  "C1'"  C  N R 83  
DG  N9     N  Y N 84  
DG  C8     C  Y N 85  
DG  N7     N  Y N 86  
DG  C5     C  Y N 87  
DG  C6     C  N N 88  
DG  O6     O  N N 89  
DG  N1     N  N N 90  
DG  C2     C  N N 91  
DG  N2     N  N N 92  
DG  N3     N  N N 93  
DG  C4     C  Y N 94  
DG  HOP3   H  N N 95  
DG  HOP2   H  N N 96  
DG  "H5'"  H  N N 97  
DG  "H5''" H  N N 98  
DG  "H4'"  H  N N 99  
DG  "H3'"  H  N N 100 
DG  "HO3'" H  N N 101 
DG  "H2'"  H  N N 102 
DG  "H2''" H  N N 103 
DG  "H1'"  H  N N 104 
DG  H8     H  N N 105 
DG  H1     H  N N 106 
DG  H21    H  N N 107 
DG  H22    H  N N 108 
DT  OP3    O  N N 109 
DT  P      P  N N 110 
DT  OP1    O  N N 111 
DT  OP2    O  N N 112 
DT  "O5'"  O  N N 113 
DT  "C5'"  C  N N 114 
DT  "C4'"  C  N R 115 
DT  "O4'"  O  N N 116 
DT  "C3'"  C  N S 117 
DT  "O3'"  O  N N 118 
DT  "C2'"  C  N N 119 
DT  "C1'"  C  N R 120 
DT  N1     N  N N 121 
DT  C2     C  N N 122 
DT  O2     O  N N 123 
DT  N3     N  N N 124 
DT  C4     C  N N 125 
DT  O4     O  N N 126 
DT  C5     C  N N 127 
DT  C7     C  N N 128 
DT  C6     C  N N 129 
DT  HOP3   H  N N 130 
DT  HOP2   H  N N 131 
DT  "H5'"  H  N N 132 
DT  "H5''" H  N N 133 
DT  "H4'"  H  N N 134 
DT  "H3'"  H  N N 135 
DT  "HO3'" H  N N 136 
DT  "H2'"  H  N N 137 
DT  "H2''" H  N N 138 
DT  "H1'"  H  N N 139 
DT  H3     H  N N 140 
DT  H71    H  N N 141 
DT  H72    H  N N 142 
DT  H73    H  N N 143 
DT  H6     H  N N 144 
EOH C1     C  N N 145 
EOH C2     C  N N 146 
EOH O      O  N N 147 
EOH H11    H  N N 148 
EOH H12    H  N N 149 
EOH H21    H  N N 150 
EOH H22    H  N N 151 
EOH H23    H  N N 152 
EOH HO     H  N N 153 
HOH O      O  N N 154 
HOH H1     H  N N 155 
HOH H2     H  N N 156 
# 
loop_
_chem_comp_bond.comp_id 
_chem_comp_bond.atom_id_1 
_chem_comp_bond.atom_id_2 
_chem_comp_bond.value_order 
_chem_comp_bond.pdbx_aromatic_flag 
_chem_comp_bond.pdbx_stereo_config 
_chem_comp_bond.pdbx_ordinal 
DA  OP3   P      sing N N 1   
DA  OP3   HOP3   sing N N 2   
DA  P     OP1    doub N N 3   
DA  P     OP2    sing N N 4   
DA  P     "O5'"  sing N N 5   
DA  OP2   HOP2   sing N N 6   
DA  "O5'" "C5'"  sing N N 7   
DA  "C5'" "C4'"  sing N N 8   
DA  "C5'" "H5'"  sing N N 9   
DA  "C5'" "H5''" sing N N 10  
DA  "C4'" "O4'"  sing N N 11  
DA  "C4'" "C3'"  sing N N 12  
DA  "C4'" "H4'"  sing N N 13  
DA  "O4'" "C1'"  sing N N 14  
DA  "C3'" "O3'"  sing N N 15  
DA  "C3'" "C2'"  sing N N 16  
DA  "C3'" "H3'"  sing N N 17  
DA  "O3'" "HO3'" sing N N 18  
DA  "C2'" "C1'"  sing N N 19  
DA  "C2'" "H2'"  sing N N 20  
DA  "C2'" "H2''" sing N N 21  
DA  "C1'" N9     sing N N 22  
DA  "C1'" "H1'"  sing N N 23  
DA  N9    C8     sing Y N 24  
DA  N9    C4     sing Y N 25  
DA  C8    N7     doub Y N 26  
DA  C8    H8     sing N N 27  
DA  N7    C5     sing Y N 28  
DA  C5    C6     sing Y N 29  
DA  C5    C4     doub Y N 30  
DA  C6    N6     sing N N 31  
DA  C6    N1     doub Y N 32  
DA  N6    H61    sing N N 33  
DA  N6    H62    sing N N 34  
DA  N1    C2     sing Y N 35  
DA  C2    N3     doub Y N 36  
DA  C2    H2     sing N N 37  
DA  N3    C4     sing Y N 38  
DC  OP3   P      sing N N 39  
DC  OP3   HOP3   sing N N 40  
DC  P     OP1    doub N N 41  
DC  P     OP2    sing N N 42  
DC  P     "O5'"  sing N N 43  
DC  OP2   HOP2   sing N N 44  
DC  "O5'" "C5'"  sing N N 45  
DC  "C5'" "C4'"  sing N N 46  
DC  "C5'" "H5'"  sing N N 47  
DC  "C5'" "H5''" sing N N 48  
DC  "C4'" "O4'"  sing N N 49  
DC  "C4'" "C3'"  sing N N 50  
DC  "C4'" "H4'"  sing N N 51  
DC  "O4'" "C1'"  sing N N 52  
DC  "C3'" "O3'"  sing N N 53  
DC  "C3'" "C2'"  sing N N 54  
DC  "C3'" "H3'"  sing N N 55  
DC  "O3'" "HO3'" sing N N 56  
DC  "C2'" "C1'"  sing N N 57  
DC  "C2'" "H2'"  sing N N 58  
DC  "C2'" "H2''" sing N N 59  
DC  "C1'" N1     sing N N 60  
DC  "C1'" "H1'"  sing N N 61  
DC  N1    C2     sing N N 62  
DC  N1    C6     sing N N 63  
DC  C2    O2     doub N N 64  
DC  C2    N3     sing N N 65  
DC  N3    C4     doub N N 66  
DC  C4    N4     sing N N 67  
DC  C4    C5     sing N N 68  
DC  N4    H41    sing N N 69  
DC  N4    H42    sing N N 70  
DC  C5    C6     doub N N 71  
DC  C5    H5     sing N N 72  
DC  C6    H6     sing N N 73  
DG  OP3   P      sing N N 74  
DG  OP3   HOP3   sing N N 75  
DG  P     OP1    doub N N 76  
DG  P     OP2    sing N N 77  
DG  P     "O5'"  sing N N 78  
DG  OP2   HOP2   sing N N 79  
DG  "O5'" "C5'"  sing N N 80  
DG  "C5'" "C4'"  sing N N 81  
DG  "C5'" "H5'"  sing N N 82  
DG  "C5'" "H5''" sing N N 83  
DG  "C4'" "O4'"  sing N N 84  
DG  "C4'" "C3'"  sing N N 85  
DG  "C4'" "H4'"  sing N N 86  
DG  "O4'" "C1'"  sing N N 87  
DG  "C3'" "O3'"  sing N N 88  
DG  "C3'" "C2'"  sing N N 89  
DG  "C3'" "H3'"  sing N N 90  
DG  "O3'" "HO3'" sing N N 91  
DG  "C2'" "C1'"  sing N N 92  
DG  "C2'" "H2'"  sing N N 93  
DG  "C2'" "H2''" sing N N 94  
DG  "C1'" N9     sing N N 95  
DG  "C1'" "H1'"  sing N N 96  
DG  N9    C8     sing Y N 97  
DG  N9    C4     sing Y N 98  
DG  C8    N7     doub Y N 99  
DG  C8    H8     sing N N 100 
DG  N7    C5     sing Y N 101 
DG  C5    C6     sing N N 102 
DG  C5    C4     doub Y N 103 
DG  C6    O6     doub N N 104 
DG  C6    N1     sing N N 105 
DG  N1    C2     sing N N 106 
DG  N1    H1     sing N N 107 
DG  C2    N2     sing N N 108 
DG  C2    N3     doub N N 109 
DG  N2    H21    sing N N 110 
DG  N2    H22    sing N N 111 
DG  N3    C4     sing N N 112 
DT  OP3   P      sing N N 113 
DT  OP3   HOP3   sing N N 114 
DT  P     OP1    doub N N 115 
DT  P     OP2    sing N N 116 
DT  P     "O5'"  sing N N 117 
DT  OP2   HOP2   sing N N 118 
DT  "O5'" "C5'"  sing N N 119 
DT  "C5'" "C4'"  sing N N 120 
DT  "C5'" "H5'"  sing N N 121 
DT  "C5'" "H5''" sing N N 122 
DT  "C4'" "O4'"  sing N N 123 
DT  "C4'" "C3'"  sing N N 124 
DT  "C4'" "H4'"  sing N N 125 
DT  "O4'" "C1'"  sing N N 126 
DT  "C3'" "O3'"  sing N N 127 
DT  "C3'" "C2'"  sing N N 128 
DT  "C3'" "H3'"  sing N N 129 
DT  "O3'" "HO3'" sing N N 130 
DT  "C2'" "C1'"  sing N N 131 
DT  "C2'" "H2'"  sing N N 132 
DT  "C2'" "H2''" sing N N 133 
DT  "C1'" N1     sing N N 134 
DT  "C1'" "H1'"  sing N N 135 
DT  N1    C2     sing N N 136 
DT  N1    C6     sing N N 137 
DT  C2    O2     doub N N 138 
DT  C2    N3     sing N N 139 
DT  N3    C4     sing N N 140 
DT  N3    H3     sing N N 141 
DT  C4    O4     doub N N 142 
DT  C4    C5     sing N N 143 
DT  C5    C7     sing N N 144 
DT  C5    C6     doub N N 145 
DT  C7    H71    sing N N 146 
DT  C7    H72    sing N N 147 
DT  C7    H73    sing N N 148 
DT  C6    H6     sing N N 149 
EOH C1    C2     sing N N 150 
EOH C1    O      sing N N 151 
EOH C1    H11    sing N N 152 
EOH C1    H12    sing N N 153 
EOH C2    H21    sing N N 154 
EOH C2    H22    sing N N 155 
EOH C2    H23    sing N N 156 
EOH O     HO     sing N N 157 
HOH O     H1     sing N N 158 
HOH O     H2     sing N N 159 
# 
loop_
_ndb_struct_conf_na.entry_id 
_ndb_struct_conf_na.feature 
1ENE 'double helix'        
1ENE 'b-form double helix' 
# 
loop_
_ndb_struct_na_base_pair.model_number 
_ndb_struct_na_base_pair.i_label_asym_id 
_ndb_struct_na_base_pair.i_label_comp_id 
_ndb_struct_na_base_pair.i_label_seq_id 
_ndb_struct_na_base_pair.i_symmetry 
_ndb_struct_na_base_pair.j_label_asym_id 
_ndb_struct_na_base_pair.j_label_comp_id 
_ndb_struct_na_base_pair.j_label_seq_id 
_ndb_struct_na_base_pair.j_symmetry 
_ndb_struct_na_base_pair.shear 
_ndb_struct_na_base_pair.stretch 
_ndb_struct_na_base_pair.stagger 
_ndb_struct_na_base_pair.buckle 
_ndb_struct_na_base_pair.propeller 
_ndb_struct_na_base_pair.opening 
_ndb_struct_na_base_pair.pair_number 
_ndb_struct_na_base_pair.pair_name 
_ndb_struct_na_base_pair.i_auth_asym_id 
_ndb_struct_na_base_pair.i_auth_seq_id 
_ndb_struct_na_base_pair.i_PDB_ins_code 
_ndb_struct_na_base_pair.j_auth_asym_id 
_ndb_struct_na_base_pair.j_auth_seq_id 
_ndb_struct_na_base_pair.j_PDB_ins_code 
_ndb_struct_na_base_pair.hbond_type_28 
_ndb_struct_na_base_pair.hbond_type_12 
1 A DC 1  1_555 A DG 10 2_656 0.105  -0.141 0.056  -6.207  -14.176 -0.157 1  A_DC1:DG10_A A 1  ? A 10 ? 19 1 
1 A DC 2  1_555 A DG 9  2_656 0.312  -0.162 0.085  -0.504  -11.690 -0.933 2  A_DC2:DG9_A  A 2  ? A 9  ? 19 1 
1 A DA 3  1_555 A DT 8  2_656 0.034  -0.125 0.076  -1.186  -4.100  0.541  3  A_DA3:DT8_A  A 3  ? A 8  ? 20 1 
1 A DG 4  1_555 A DC 7  2_656 -0.141 -0.074 0.249  10.655  -6.195  0.764  4  A_DG4:DC7_A  A 4  ? A 7  ? 19 1 
1 A DC 5  1_555 A DG 6  2_656 0.247  -0.123 -0.084 14.547  -14.635 -0.019 5  A_DC5:DG6_A  A 5  ? A 6  ? 19 1 
1 A DG 6  1_555 A DC 5  2_656 -0.247 -0.123 -0.084 -14.547 -14.635 -0.019 6  A_DG6:DC5_A  A 6  ? A 5  ? 19 1 
1 A DC 7  1_555 A DG 4  2_656 0.141  -0.074 0.249  -10.655 -6.195  0.764  7  A_DC7:DG4_A  A 7  ? A 4  ? 19 1 
1 A DT 8  1_555 A DA 3  2_656 -0.034 -0.125 0.076  1.186   -4.100  0.541  8  A_DT8:DA3_A  A 8  ? A 3  ? 20 1 
1 A DG 9  1_555 A DC 2  2_656 -0.312 -0.162 0.085  0.504   -11.690 -0.933 9  A_DG9:DC2_A  A 9  ? A 2  ? 19 1 
1 A DG 10 1_555 A DC 1  2_656 -0.105 -0.141 0.056  6.206   -14.176 -0.157 10 A_DG10:DC1_A A 10 ? A 1  ? 19 1 
# 
loop_
_ndb_struct_na_base_pair_step.model_number 
_ndb_struct_na_base_pair_step.i_label_asym_id_1 
_ndb_struct_na_base_pair_step.i_label_comp_id_1 
_ndb_struct_na_base_pair_step.i_label_seq_id_1 
_ndb_struct_na_base_pair_step.i_symmetry_1 
_ndb_struct_na_base_pair_step.j_label_asym_id_1 
_ndb_struct_na_base_pair_step.j_label_comp_id_1 
_ndb_struct_na_base_pair_step.j_label_seq_id_1 
_ndb_struct_na_base_pair_step.j_symmetry_1 
_ndb_struct_na_base_pair_step.i_label_asym_id_2 
_ndb_struct_na_base_pair_step.i_label_comp_id_2 
_ndb_struct_na_base_pair_step.i_label_seq_id_2 
_ndb_struct_na_base_pair_step.i_symmetry_2 
_ndb_struct_na_base_pair_step.j_label_asym_id_2 
_ndb_struct_na_base_pair_step.j_label_comp_id_2 
_ndb_struct_na_base_pair_step.j_label_seq_id_2 
_ndb_struct_na_base_pair_step.j_symmetry_2 
_ndb_struct_na_base_pair_step.shift 
_ndb_struct_na_base_pair_step.slide 
_ndb_struct_na_base_pair_step.rise 
_ndb_struct_na_base_pair_step.tilt 
_ndb_struct_na_base_pair_step.roll 
_ndb_struct_na_base_pair_step.twist 
_ndb_struct_na_base_pair_step.x_displacement 
_ndb_struct_na_base_pair_step.y_displacement 
_ndb_struct_na_base_pair_step.helical_rise 
_ndb_struct_na_base_pair_step.inclination 
_ndb_struct_na_base_pair_step.tip 
_ndb_struct_na_base_pair_step.helical_twist 
_ndb_struct_na_base_pair_step.step_number 
_ndb_struct_na_base_pair_step.step_name 
_ndb_struct_na_base_pair_step.i_auth_asym_id_1 
_ndb_struct_na_base_pair_step.i_auth_seq_id_1 
_ndb_struct_na_base_pair_step.i_PDB_ins_code_1 
_ndb_struct_na_base_pair_step.j_auth_asym_id_1 
_ndb_struct_na_base_pair_step.j_auth_seq_id_1 
_ndb_struct_na_base_pair_step.j_PDB_ins_code_1 
_ndb_struct_na_base_pair_step.i_auth_asym_id_2 
_ndb_struct_na_base_pair_step.i_auth_seq_id_2 
_ndb_struct_na_base_pair_step.i_PDB_ins_code_2 
_ndb_struct_na_base_pair_step.j_auth_asym_id_2 
_ndb_struct_na_base_pair_step.j_auth_seq_id_2 
_ndb_struct_na_base_pair_step.j_PDB_ins_code_2 
1 A DC 1 1_555 A DG 10 2_656 A DC 2  1_555 A DG 9 2_656 -0.545 0.732  3.268 3.398  8.478  28.778 -0.360 1.754  3.263 16.539 -6.630 
30.164 1 AA_DC1DC2:DG9DG10_AA A 1 ? A 10 ? A 2  ? A 9 ? 
1 A DC 2 1_555 A DG 9  2_656 A DA 3  1_555 A DT 8 2_656 0.137  2.854  3.253 -1.177 -7.359 50.583 3.787  -0.236 2.835 -8.559 1.369  
51.094 2 AA_DC2DA3:DT8DG9_AA  A 2 ? A 9  ? A 3  ? A 8 ? 
1 A DA 3 1_555 A DT 8  2_656 A DG 4  1_555 A DC 7 2_656 0.715  0.800  3.083 -3.012 9.182  20.435 -1.247 -2.905 3.021 24.210 7.941  
22.583 3 AA_DA3DG4:DC7DT8_AA  A 3 ? A 8  ? A 4  ? A 7 ? 
1 A DG 4 1_555 A DC 7  2_656 A DC 5  1_555 A DG 6 2_656 -0.501 0.598  3.249 2.333  -3.564 38.572 1.326  1.034  3.149 -5.375 -3.519 
38.798 4 AA_DG4DC5:DG6DC7_AA  A 4 ? A 7  ? A 5  ? A 6 ? 
1 A DC 5 1_555 A DG 6  2_656 A DG 6  1_555 A DC 5 2_656 0.000  -0.305 3.769 0.000  10.227 44.020 -1.445 0.000  3.615 13.430 0.000  
45.135 5 AA_DC5DG6:DC5DG6_AA  A 5 ? A 6  ? A 6  ? A 5 ? 
1 A DG 6 1_555 A DC 5  2_656 A DC 7  1_555 A DG 4 2_656 0.501  0.598  3.249 -2.333 -3.564 38.572 1.326  -1.034 3.149 -5.375 3.519  
38.798 6 AA_DG6DC7:DG4DC5_AA  A 6 ? A 5  ? A 7  ? A 4 ? 
1 A DC 7 1_555 A DG 4  2_656 A DT 8  1_555 A DA 3 2_656 -0.715 0.800  3.083 3.012  9.182  20.435 -1.247 2.905  3.021 24.210 -7.941 
22.583 7 AA_DC7DT8:DA3DG4_AA  A 7 ? A 4  ? A 8  ? A 3 ? 
1 A DT 8 1_555 A DA 3  2_656 A DG 9  1_555 A DC 2 2_656 -0.137 2.854  3.253 1.177  -7.359 50.583 3.787  0.236  2.835 -8.559 -1.369 
51.094 8 AA_DT8DG9:DC2DA3_AA  A 8 ? A 3  ? A 9  ? A 2 ? 
1 A DG 9 1_555 A DC 2  2_656 A DG 10 1_555 A DC 1 2_656 0.545  0.732  3.268 -3.398 8.478  28.778 -0.360 -1.754 3.263 16.539 6.630  
30.164 9 AA_DG9DG10:DC1DC2_AA A 9 ? A 2  ? A 10 ? A 1 ? 
# 
_pdbx_initial_refinement_model.accession_code   5DNB 
_pdbx_initial_refinement_model.id               1 
_pdbx_initial_refinement_model.entity_id_list   ? 
_pdbx_initial_refinement_model.type             'experimental model' 
_pdbx_initial_refinement_model.source_name      PDB 
_pdbx_initial_refinement_model.details          BDJ019 
# 
_atom_sites.entry_id                    1ENE 
_atom_sites.fract_transf_matrix[1][1]   -0.01573131 
_atom_sites.fract_transf_matrix[1][2]   -0.03160932 
_atom_sites.fract_transf_matrix[1][3]   0.00050610 
_atom_sites.fract_transf_matrix[2][1]   -0.01550620 
_atom_sites.fract_transf_matrix[2][2]   0.00715801 
_atom_sites.fract_transf_matrix[2][3]   -0.03492035 
_atom_sites.fract_transf_matrix[3][1]   0.01688794 
_atom_sites.fract_transf_matrix[3][2]   -0.02521895 
_atom_sites.fract_transf_matrix[3][3]   -0.01266840 
_atom_sites.fract_transf_vector[1]      0.483726 
_atom_sites.fract_transf_vector[2]      0.467745 
_atom_sites.fract_transf_vector[3]      0.416278 
# 
loop_
_atom_type.symbol 
C  
CA 
H  
N  
O  
P  
# 
loop_
_atom_site.group_PDB 
_atom_site.id 
_atom_site.type_symbol 
_atom_site.label_atom_id 
_atom_site.label_alt_id 
_atom_site.label_comp_id 
_atom_site.label_asym_id 
_atom_site.label_entity_id 
_atom_site.label_seq_id 
_atom_site.pdbx_PDB_ins_code 
_atom_site.Cartn_x 
_atom_site.Cartn_y 
_atom_site.Cartn_z 
_atom_site.occupancy 
_atom_site.B_iso_or_equiv 
_atom_site.pdbx_formal_charge 
_atom_site.auth_seq_id 
_atom_site.auth_comp_id 
_atom_site.auth_asym_id 
_atom_site.auth_atom_id 
_atom_site.pdbx_PDB_model_num 
ATOM   1   O  "O5'"  . DC  A 1 1  ? -17.036 0.358   4.624   1.00 17.06 ? 1    DC  A "O5'"  1 
ATOM   2   C  "C5'"  . DC  A 1 1  ? -16.151 -0.183  3.604   1.00 10.70 ? 1    DC  A "C5'"  1 
ATOM   3   C  "C4'"  . DC  A 1 1  ? -15.370 0.892   2.962   1.00 8.94  ? 1    DC  A "C4'"  1 
ATOM   4   O  "O4'"  . DC  A 1 1  ? -14.609 1.401   4.036   1.00 12.16 ? 1    DC  A "O4'"  1 
ATOM   5   C  "C3'"  A DC  A 1 1  ? -14.274 0.538   1.901   0.60 7.71  ? 1    DC  A "C3'"  1 
ATOM   6   C  "C3'"  B DC  A 1 1  ? -14.273 0.512   1.924   0.40 8.06  ? 1    DC  A "C3'"  1 
ATOM   7   O  "O3'"  A DC  A 1 1  ? -14.882 1.330   0.888   0.60 5.75  ? 1    DC  A "O3'"  1 
ATOM   8   O  "O3'"  B DC  A 1 1  ? -14.772 0.879   0.643   0.40 5.36  ? 1    DC  A "O3'"  1 
ATOM   9   C  "C2'"  . DC  A 1 1  ? -13.007 1.215   2.380   1.00 7.16  ? 1    DC  A "C2'"  1 
ATOM   10  C  "C1'"  . DC  A 1 1  ? -13.442 1.933   3.594   1.00 7.34  ? 1    DC  A "C1'"  1 
ATOM   11  N  N1     . DC  A 1 1  ? -12.500 1.964   4.703   1.00 7.03  ? 1    DC  A N1     1 
ATOM   12  C  C2     . DC  A 1 1  ? -11.717 3.110   4.870   1.00 6.11  ? 1    DC  A C2     1 
ATOM   13  O  O2     . DC  A 1 1  ? -11.843 4.057   4.101   1.00 7.10  ? 1    DC  A O2     1 
ATOM   14  N  N3     . DC  A 1 1  ? -10.954 3.204   5.990   1.00 5.44  ? 1    DC  A N3     1 
ATOM   15  C  C4     . DC  A 1 1  ? -10.881 2.160   6.818   1.00 5.18  ? 1    DC  A C4     1 
ATOM   16  N  N4     . DC  A 1 1  ? -10.114 2.248   7.920   1.00 5.39  ? 1    DC  A N4     1 
ATOM   17  C  C5     . DC  A 1 1  ? -11.549 0.913   6.563   1.00 6.86  ? 1    DC  A C5     1 
ATOM   18  C  C6     . DC  A 1 1  ? -12.319 0.874   5.478   1.00 7.67  ? 1    DC  A C6     1 
ATOM   19  H  "H5'"  . DC  A 1 1  ? -16.687 -0.654  2.918   1.00 12.84 ? 1    DC  A "H5'"  1 
ATOM   20  H  "H5''" . DC  A 1 1  ? -15.533 -0.838  4.016   1.00 12.84 ? 1    DC  A "H5''" 1 
ATOM   21  H  "H4'"  . DC  A 1 1  ? -15.980 1.599   2.605   1.00 10.72 ? 1    DC  A "H4'"  1 
ATOM   22  H  "H3'"  A DC  A 1 1  ? -14.184 -0.435  1.687   0.60 9.25  ? 1    DC  A "H3'"  1 
ATOM   23  H  "H3'"  B DC  A 1 1  ? -14.127 -0.476  1.948   0.40 9.67  ? 1    DC  A "H3'"  1 
ATOM   24  H  "H2'"  . DC  A 1 1  ? -12.306 0.549   2.592   1.00 8.59  ? 1    DC  A "H2'"  1 
ATOM   25  H  "H2''" . DC  A 1 1  ? -12.660 1.844   1.699   1.00 8.59  ? 1    DC  A "H2''" 1 
ATOM   26  H  "H1'"  . DC  A 1 1  ? -13.626 2.880   3.332   1.00 8.81  ? 1    DC  A "H1'"  1 
ATOM   27  H  H41    . DC  A 1 1  ? -9.668  2.988   8.089   1.00 6.47  ? 1    DC  A H41    1 
ATOM   28  H  H42    . DC  A 1 1  ? -10.059 1.565   8.474   1.00 6.47  ? 1    DC  A H42    1 
ATOM   29  H  H5     . DC  A 1 1  ? -11.446 0.161   7.134   1.00 8.23  ? 1    DC  A H5     1 
ATOM   30  H  H6     . DC  A 1 1  ? -12.751 0.061   5.244   1.00 9.20  ? 1    DC  A H6     1 
ATOM   31  H  "HO5'" . DC  A 1 1  ? -17.727 0.667   4.261   1.00 25.59 ? 1    DC  A "HO5'" 1 
ATOM   32  P  P      A DC  A 1 2  ? -14.658 1.185   -0.619  0.60 4.31  ? 2    DC  A P      1 
ATOM   33  P  P      B DC  A 1 2  ? -14.169 0.267   -0.715  0.40 6.26  ? 2    DC  A P      1 
ATOM   34  O  OP1    A DC  A 1 2  ? -15.701 2.159   -1.064  0.60 7.46  ? 2    DC  A OP1    1 
ATOM   35  O  OP1    B DC  A 1 2  ? -15.216 0.614   -1.701  0.40 9.81  ? 2    DC  A OP1    1 
ATOM   36  O  OP2    A DC  A 1 2  ? -14.633 -0.257  -0.998  0.60 6.50  ? 2    DC  A OP2    1 
ATOM   37  O  OP2    B DC  A 1 2  ? -13.670 -1.113  -0.456  0.40 8.13  ? 2    DC  A OP2    1 
ATOM   38  O  "O5'"  A DC  A 1 2  ? -13.183 1.753   -0.923  0.60 4.12  ? 2    DC  A "O5'"  1 
ATOM   39  O  "O5'"  B DC  A 1 2  ? -12.855 1.168   -0.970  0.40 5.33  ? 2    DC  A "O5'"  1 
ATOM   40  C  "C5'"  A DC  A 1 2  ? -12.994 3.169   -1.013  0.60 5.34  ? 2    DC  A "C5'"  1 
ATOM   41  C  "C5'"  B DC  A 1 2  ? -13.001 2.561   -1.201  0.40 5.57  ? 2    DC  A "C5'"  1 
ATOM   42  C  "C4'"  A DC  A 1 2  ? -11.536 3.426   -1.279  0.60 4.98  ? 2    DC  A "C4'"  1 
ATOM   43  C  "C4'"  B DC  A 1 2  ? -11.647 3.248   -1.259  0.40 5.06  ? 2    DC  A "C4'"  1 
ATOM   44  O  "O4'"  . DC  A 1 2  ? -10.916 3.222   0.011   1.00 4.49  ? 2    DC  A "O4'"  1 
ATOM   45  C  "C3'"  . DC  A 1 2  ? -10.754 2.508   -2.248  1.00 4.98  ? 2    DC  A "C3'"  1 
ATOM   46  O  "O3'"  . DC  A 1 2  ? -9.835  3.346   -2.944  1.00 5.20  ? 2    DC  A "O3'"  1 
ATOM   47  C  "C2'"  . DC  A 1 2  ? -9.977  1.573   -1.330  1.00 4.32  ? 2    DC  A "C2'"  1 
ATOM   48  C  "C1'"  . DC  A 1 2  ? -9.697  2.541   -0.183  1.00 3.67  ? 2    DC  A "C1'"  1 
ATOM   49  N  N1     . DC  A 1 2  ? -9.270  1.980   1.085   1.00 4.03  ? 2    DC  A N1     1 
ATOM   50  C  C2     . DC  A 1 2  ? -8.587  2.828   1.959   1.00 3.69  ? 2    DC  A C2     1 
ATOM   51  O  O2     . DC  A 1 2  ? -8.290  3.967   1.577   1.00 4.38  ? 2    DC  A O2     1 
ATOM   52  N  N3     . DC  A 1 2  ? -8.261  2.391   3.193   1.00 3.75  ? 2    DC  A N3     1 
ATOM   53  C  C4     . DC  A 1 2  ? -8.624  1.163   3.591   1.00 4.20  ? 2    DC  A C4     1 
ATOM   54  N  N4     . DC  A 1 2  ? -8.302  0.771   4.810   1.00 4.30  ? 2    DC  A N4     1 
ATOM   55  C  C5     . DC  A 1 2  ? -9.276  0.250   2.706   1.00 4.57  ? 2    DC  A C5     1 
ATOM   56  C  C6     . DC  A 1 2  ? -9.601  0.725   1.494   1.00 4.64  ? 2    DC  A C6     1 
ATOM   57  H  "H5'"  A DC  A 1 2  ? -13.266 3.603   -0.166  0.60 6.41  ? 2    DC  A "H5'"  1 
ATOM   58  H  "H5'"  B DC  A 1 2  ? -13.542 2.961   -0.475  0.40 6.69  ? 2    DC  A "H5'"  1 
ATOM   59  H  "H5''" A DC  A 1 2  ? -13.545 3.540   -1.746  0.60 6.41  ? 2    DC  A "H5''" 1 
ATOM   60  H  "H5''" B DC  A 1 2  ? -13.480 2.706   -2.055  0.40 6.69  ? 2    DC  A "H5''" 1 
ATOM   61  H  "H4'"  A DC  A 1 2  ? -11.414 4.379   -1.557  0.60 5.98  ? 2    DC  A "H4'"  1 
ATOM   62  H  "H4'"  B DC  A 1 2  ? -11.765 4.195   -1.559  0.40 6.07  ? 2    DC  A "H4'"  1 
ATOM   63  H  "H3'"  . DC  A 1 2  ? -11.360 2.011   -2.871  1.00 5.98  ? 2    DC  A "H3'"  1 
ATOM   64  H  "H2'"  . DC  A 1 2  ? -10.523 0.802   -1.039  1.00 5.18  ? 2    DC  A "H2'"  1 
ATOM   65  H  "H2''" . DC  A 1 2  ? -9.142  1.250   -1.754  1.00 5.18  ? 2    DC  A "H2''" 1 
ATOM   66  H  "H1'"  . DC  A 1 2  ? -9.010  3.201   -0.485  1.00 4.40  ? 2    DC  A "H1'"  1 
ATOM   67  H  H41    . DC  A 1 2  ? -7.858  1.311   5.344   1.00 5.16  ? 2    DC  A H41    1 
ATOM   68  H  H42    . DC  A 1 2  ? -8.532  -0.032  5.089   1.00 5.16  ? 2    DC  A H42    1 
ATOM   69  H  H5     . DC  A 1 2  ? -9.469  -0.645  2.961   1.00 5.48  ? 2    DC  A H5     1 
ATOM   70  H  H6     . DC  A 1 2  ? -10.081 0.162   0.897   1.00 5.57  ? 2    DC  A H6     1 
ATOM   71  P  P      . DA  A 1 3  ? -10.138 3.865   -4.401  1.00 5.26  ? 3    DA  A P      1 
ATOM   72  O  OP1    . DA  A 1 3  ? -11.513 4.402   -4.473  1.00 6.55  ? 3    DA  A OP1    1 
ATOM   73  O  OP2    . DA  A 1 3  ? -9.737  2.819   -5.372  1.00 7.82  ? 3    DA  A OP2    1 
ATOM   74  O  "O5'"  . DA  A 1 3  ? -9.092  5.022   -4.531  1.00 5.83  ? 3    DA  A "O5'"  1 
ATOM   75  C  "C5'"  . DA  A 1 3  ? -9.316  6.277   -3.882  1.00 5.15  ? 3    DA  A "C5'"  1 
ATOM   76  C  "C4'"  . DA  A 1 3  ? -8.007  6.888   -3.510  1.00 4.56  ? 3    DA  A "C4'"  1 
ATOM   77  O  "O4'"  . DA  A 1 3  ? -7.343  6.138   -2.452  1.00 4.94  ? 3    DA  A "O4'"  1 
ATOM   78  C  "C3'"  . DA  A 1 3  ? -6.965  6.966   -4.633  1.00 4.79  ? 3    DA  A "C3'"  1 
ATOM   79  O  "O3'"  . DA  A 1 3  ? -6.257  8.209   -4.422  1.00 4.69  ? 3    DA  A "O3'"  1 
ATOM   80  C  "C2'"  . DA  A 1 3  ? -6.102  5.766   -4.392  1.00 4.69  ? 3    DA  A "C2'"  1 
ATOM   81  C  "C1'"  . DA  A 1 3  ? -6.117  5.561   -2.899  1.00 4.35  ? 3    DA  A "C1'"  1 
ATOM   82  N  N9     . DA  A 1 3  ? -6.096  4.153   -2.457  1.00 4.46  ? 3    DA  A N9     1 
ATOM   83  C  C8     . DA  A 1 3  ? -6.625  3.080   -3.106  1.00 4.84  ? 3    DA  A C8     1 
ATOM   84  N  N7     . DA  A 1 3  ? -6.673  2.002   -2.335  1.00 4.84  ? 3    DA  A N7     1 
ATOM   85  C  C5     . DA  A 1 3  ? -6.139  2.415   -1.150  1.00 4.44  ? 3    DA  A C5     1 
ATOM   86  C  C6     . DA  A 1 3  ? -5.912  1.742   0.074   1.00 4.37  ? 3    DA  A C6     1 
ATOM   87  N  N6     . DA  A 1 3  ? -6.263  0.473   0.292   1.00 4.65  ? 3    DA  A N6     1 
ATOM   88  N  N1     . DA  A 1 3  ? -5.291  2.426   1.075   1.00 4.87  ? 3    DA  A N1     1 
ATOM   89  C  C2     . DA  A 1 3  ? -4.974  3.705   0.878   1.00 4.52  ? 3    DA  A C2     1 
ATOM   90  N  N3     . DA  A 1 3  ? -5.206  4.452   -0.224  1.00 4.90  ? 3    DA  A N3     1 
ATOM   91  C  C4     . DA  A 1 3  ? -5.788  3.774   -1.189  1.00 4.24  ? 3    DA  A C4     1 
ATOM   92  H  "H5'"  . DA  A 1 3  ? -9.866  6.141   -3.070  1.00 6.17  ? 3    DA  A "H5'"  1 
ATOM   93  H  "H5''" . DA  A 1 3  ? -9.807  6.885   -4.490  1.00 6.17  ? 3    DA  A "H5''" 1 
ATOM   94  H  "H4'"  . DA  A 1 3  ? -8.179  7.814   -3.176  1.00 5.47  ? 3    DA  A "H4'"  1 
ATOM   95  H  "H3'"  . DA  A 1 3  ? -7.395  6.936   -5.535  1.00 5.75  ? 3    DA  A "H3'"  1 
ATOM   96  H  "H2'"  . DA  A 1 3  ? -6.469  4.973   -4.857  1.00 5.63  ? 3    DA  A "H2'"  1 
ATOM   97  H  "H2''" . DA  A 1 3  ? -5.181  5.928   -4.713  1.00 5.63  ? 3    DA  A "H2''" 1 
ATOM   98  H  "H1'"  . DA  A 1 3  ? -5.348  6.051   -2.488  1.00 5.22  ? 3    DA  A "H1'"  1 
ATOM   99  H  H8     . DA  A 1 3  ? -6.926  3.100   -4.007  1.00 5.81  ? 3    DA  A H8     1 
ATOM   100 H  H61    . DA  A 1 3  ? -6.091  0.096   1.068   1.00 5.58  ? 3    DA  A H61    1 
ATOM   101 H  H62    . DA  A 1 3  ? -6.665  0.013   -0.342  1.00 5.58  ? 3    DA  A H62    1 
ATOM   102 H  H2     . DA  A 1 3  ? -4.534  4.143   1.597   1.00 5.42  ? 3    DA  A H2     1 
ATOM   103 P  P      . DG  A 1 4  ? -5.217  8.761   -5.494  1.00 4.42  ? 4    DG  A P      1 
ATOM   104 O  OP1    . DG  A 1 4  ? -5.120  10.215  -5.201  1.00 5.12  ? 4    DG  A OP1    1 
ATOM   105 O  OP2    . DG  A 1 4  ? -5.600  8.296   -6.861  1.00 5.72  ? 4    DG  A OP2    1 
ATOM   106 O  "O5'"  . DG  A 1 4  ? -3.839  8.011   -5.187  1.00 5.24  ? 4    DG  A "O5'"  1 
ATOM   107 C  "C5'"  . DG  A 1 4  ? -3.120  8.338   -4.010  1.00 5.51  ? 4    DG  A "C5'"  1 
ATOM   108 C  "C4'"  . DG  A 1 4  ? -2.034  7.320   -3.797  1.00 5.91  ? 4    DG  A "C4'"  1 
ATOM   109 O  "O4'"  . DG  A 1 4  ? -2.659  6.086   -3.343  1.00 5.79  ? 4    DG  A "O4'"  1 
ATOM   110 C  "C3'"  . DG  A 1 4  ? -1.218  6.991   -5.075  1.00 6.00  ? 4    DG  A "C3'"  1 
ATOM   111 O  "O3'"  . DG  A 1 4  ? 0.185   6.923   -4.742  1.00 7.55  ? 4    DG  A "O3'"  1 
ATOM   112 C  "C2'"  . DG  A 1 4  ? -1.654  5.580   -5.402  1.00 6.26  ? 4    DG  A "C2'"  1 
ATOM   113 C  "C1'"  . DG  A 1 4  ? -1.924  5.077   -3.991  1.00 5.50  ? 4    DG  A "C1'"  1 
ATOM   114 N  N9     . DG  A 1 4  ? -2.646  3.823   -3.867  1.00 5.14  ? 4    DG  A N9     1 
ATOM   115 C  C8     . DG  A 1 4  ? -3.334  3.113   -4.814  1.00 5.86  ? 4    DG  A C8     1 
ATOM   116 N  N7     . DG  A 1 4  ? -3.800  1.968   -4.370  1.00 5.51  ? 4    DG  A N7     1 
ATOM   117 C  C5     . DG  A 1 4  ? -3.325  1.912   -3.086  1.00 4.78  ? 4    DG  A C5     1 
ATOM   118 C  C6     . DG  A 1 4  ? -3.453  0.886   -2.084  1.00 4.75  ? 4    DG  A C6     1 
ATOM   119 O  O6     . DG  A 1 4  ? -4.048  -0.165  -2.168  1.00 5.79  ? 4    DG  A O6     1 
ATOM   120 N  N1     . DG  A 1 4  ? -2.800  1.213   -0.908  1.00 5.02  ? 4    DG  A N1     1 
ATOM   121 C  C2     . DG  A 1 4  ? -2.133  2.368   -0.676  1.00 4.76  ? 4    DG  A C2     1 
ATOM   122 N  N2     . DG  A 1 4  ? -1.636  2.549   0.557   1.00 6.41  ? 4    DG  A N2     1 
ATOM   123 N  N3     . DG  A 1 4  ? -2.031  3.363   -1.584  1.00 4.86  ? 4    DG  A N3     1 
ATOM   124 C  C4     . DG  A 1 4  ? -2.634  3.042   -2.719  1.00 4.72  ? 4    DG  A C4     1 
ATOM   125 H  "H5'"  . DG  A 1 4  ? -3.732  8.344   -3.232  1.00 6.61  ? 4    DG  A "H5'"  1 
ATOM   126 H  "H5''" . DG  A 1 4  ? -2.722  9.240   -4.099  1.00 6.61  ? 4    DG  A "H5''" 1 
ATOM   127 H  "H4'"  . DG  A 1 4  ? -1.410  7.652   -3.089  1.00 7.09  ? 4    DG  A "H4'"  1 
ATOM   128 H  "H3'"  . DG  A 1 4  ? -1.403  7.629   -5.822  1.00 7.20  ? 4    DG  A "H3'"  1 
ATOM   129 H  "H2'"  . DG  A 1 4  ? -2.471  5.565   -5.962  1.00 7.51  ? 4    DG  A "H2'"  1 
ATOM   130 H  "H2''" . DG  A 1 4  ? -0.936  5.065   -5.847  1.00 7.51  ? 4    DG  A "H2''" 1 
ATOM   131 H  "H1'"  . DG  A 1 4  ? -1.047  4.980   -3.521  1.00 6.60  ? 4    DG  A "H1'"  1 
ATOM   132 H  H8     . DG  A 1 4  ? -3.461  3.418   -5.704  1.00 7.03  ? 4    DG  A H8     1 
ATOM   133 H  H1     . DG  A 1 4  ? -2.819  0.621   -0.257  1.00 6.02  ? 4    DG  A H1     1 
ATOM   134 H  H21    . DG  A 1 4  ? -1.248  3.309   0.768   1.00 7.69  ? 4    DG  A H21    1 
ATOM   135 H  H22    . DG  A 1 4  ? -1.698  1.906   1.154   1.00 7.69  ? 4    DG  A H22    1 
ATOM   136 P  P      . DC  A 1 5  ? 1.151   8.095   -5.067  1.00 7.17  ? 5    DC  A P      1 
ATOM   137 O  OP1    . DC  A 1 5  ? 0.464   9.378   -4.832  1.00 11.81 ? 5    DC  A OP1    1 
ATOM   138 O  OP2    . DC  A 1 5  ? 1.658   7.829   -6.394  1.00 12.82 ? 5    DC  A OP2    1 
ATOM   139 O  "O5'"  . DC  A 1 5  ? 2.345   7.807   -4.015  1.00 9.07  ? 5    DC  A "O5'"  1 
ATOM   140 C  "C5'"  . DC  A 1 5  ? 2.112   8.213   -2.648  1.00 10.57 ? 5    DC  A "C5'"  1 
ATOM   141 C  "C4'"  . DC  A 1 5  ? 2.578   7.148   -1.754  1.00 10.39 ? 5    DC  A "C4'"  1 
ATOM   142 O  "O4'"  . DC  A 1 5  ? 1.724   5.981   -1.871  1.00 9.01  ? 5    DC  A "O4'"  1 
ATOM   143 C  "C3'"  A DC  A 1 5  ? 4.013   6.709   -2.069  0.60 12.12 ? 5    DC  A "C3'"  1 
ATOM   144 C  "C3'"  B DC  A 1 5  ? 4.002   6.618   -1.809  0.40 10.69 ? 5    DC  A "C3'"  1 
ATOM   145 O  "O3'"  A DC  A 1 5  ? 4.937   6.491   -1.019  0.60 10.44 ? 5    DC  A "O3'"  1 
ATOM   146 O  "O3'"  B DC  A 1 5  ? 4.294   6.555   -0.404  0.40 6.92  ? 5    DC  A "O3'"  1 
ATOM   147 C  "C2'"  . DC  A 1 5  ? 3.836   5.365   -2.676  1.00 10.37 ? 5    DC  A "C2'"  1 
ATOM   148 C  "C1'"  . DC  A 1 5  ? 2.600   4.814   -2.011  1.00 8.68  ? 5    DC  A "C1'"  1 
ATOM   149 N  N1     . DC  A 1 5  ? 1.825   3.806   -2.701  1.00 6.36  ? 5    DC  A N1     1 
ATOM   150 C  C2     . DC  A 1 5  ? 1.349   2.683   -1.981  1.00 6.47  ? 5    DC  A C2     1 
ATOM   151 O  O2     . DC  A 1 5  ? 1.522   2.665   -0.774  1.00 8.57  ? 5    DC  A O2     1 
ATOM   152 N  N3     . DC  A 1 5  ? 0.639   1.752   -2.652  1.00 5.68  ? 5    DC  A N3     1 
ATOM   153 C  C4     . DC  A 1 5  ? 0.400   1.856   -3.955  1.00 6.08  ? 5    DC  A C4     1 
ATOM   154 N  N4     . DC  A 1 5  ? -0.381  0.931   -4.511  1.00 6.80  ? 5    DC  A N4     1 
ATOM   155 C  C5     . DC  A 1 5  ? 0.886   2.961   -4.685  1.00 6.81  ? 5    DC  A C5     1 
ATOM   156 C  C6     . DC  A 1 5  ? 1.566   3.923   -4.061  1.00 6.84  ? 5    DC  A C6     1 
ATOM   157 H  "H5'"  . DC  A 1 5  ? 1.146   8.376   -2.504  1.00 12.69 ? 5    DC  A "H5'"  1 
ATOM   158 H  "H5''" . DC  A 1 5  ? 2.602   9.052   -2.457  1.00 12.69 ? 5    DC  A "H5''" 1 
ATOM   159 H  "H4'"  . DC  A 1 5  ? 2.542   7.480   -0.811  1.00 12.47 ? 5    DC  A "H4'"  1 
ATOM   160 H  "H3'"  A DC  A 1 5  ? 4.412   7.331   -2.742  0.60 14.54 ? 5    DC  A "H3'"  1 
ATOM   161 H  "H3'"  B DC  A 1 5  ? 4.602   7.278   -2.260  0.40 12.82 ? 5    DC  A "H3'"  1 
ATOM   162 H  "H2'"  . DC  A 1 5  ? 3.709   5.434   -3.655  1.00 12.45 ? 5    DC  A "H2'"  1 
ATOM   163 H  "H2''" . DC  A 1 5  ? 4.620   4.789   -2.494  1.00 12.45 ? 5    DC  A "H2''" 1 
ATOM   164 H  "H1'"  . DC  A 1 5  ? 2.842   4.475   -1.102  1.00 10.41 ? 5    DC  A "H1'"  1 
ATOM   165 H  H41    . DC  A 1 5  ? -0.716  0.284   -4.018  1.00 8.16  ? 5    DC  A H41    1 
ATOM   166 H  H42    . DC  A 1 5  ? -0.561  0.967   -5.372  1.00 8.16  ? 5    DC  A H42    1 
ATOM   167 H  H5     . DC  A 1 5  ? 0.730   3.020   -5.620  1.00 8.18  ? 5    DC  A H5     1 
ATOM   168 H  H6     . DC  A 1 5  ? 1.870   4.683   -4.542  1.00 8.21  ? 5    DC  A H6     1 
ATOM   169 P  P      A DG  A 1 6  ? 6.360   5.796   -0.829  0.60 11.12 ? 6    DG  A P      1 
ATOM   170 P  P      B DG  A 1 6  ? 5.731   6.004   0.088   0.40 6.48  ? 6    DG  A P      1 
ATOM   171 O  OP1    A DG  A 1 6  ? 7.109   6.765   0.055   0.60 12.97 ? 6    DG  A OP1    1 
ATOM   172 O  OP1    B DG  A 1 6  ? 6.191   6.849   1.226   0.40 9.97  ? 6    DG  A OP1    1 
ATOM   173 O  OP2    A DG  A 1 6  ? 6.983   5.435   -2.169  0.60 11.92 ? 6    DG  A OP2    1 
ATOM   174 O  OP2    B DG  A 1 6  ? 6.588   5.783   -1.097  0.40 7.86  ? 6    DG  A OP2    1 
ATOM   175 O  "O5'"  A DG  A 1 6  ? 6.086   4.462   -0.045  0.60 9.82  ? 6    DG  A "O5'"  1 
ATOM   176 O  "O5'"  B DG  A 1 6  ? 5.411   4.527   0.572   0.40 6.82  ? 6    DG  A "O5'"  1 
ATOM   177 C  "C5'"  A DG  A 1 6  ? 5.508   4.439   1.249   0.60 9.66  ? 6    DG  A "C5'"  1 
ATOM   178 C  "C5'"  B DG  A 1 6  ? 4.699   4.283   1.799   0.40 6.92  ? 6    DG  A "C5'"  1 
ATOM   179 C  "C4'"  A DG  A 1 6  ? 5.293   3.081   1.832   0.60 11.21 ? 6    DG  A "C4'"  1 
ATOM   180 C  "C4'"  B DG  A 1 6  ? 5.089   2.851   2.197   0.40 10.27 ? 6    DG  A "C4'"  1 
ATOM   181 O  "O4'"  . DG  A 1 6  ? 4.445   2.095   1.173   1.00 10.00 ? 6    DG  A "O4'"  1 
ATOM   182 C  "C3'"  A DG  A 1 6  ? 6.569   2.300   2.174   0.60 10.06 ? 6    DG  A "C3'"  1 
ATOM   183 C  "C3'"  B DG  A 1 6  ? 6.585   2.519   1.989   0.40 10.87 ? 6    DG  A "C3'"  1 
ATOM   184 O  "O3'"  A DG  A 1 6  ? 6.431   1.534   3.397   0.60 9.40  ? 6    DG  A "O3'"  1 
ATOM   185 O  "O3'"  B DG  A 1 6  ? 7.043   1.868   3.178   0.40 12.14 ? 6    DG  A "O3'"  1 
ATOM   186 C  "C2'"  . DG  A 1 6  ? 6.665   1.443   0.915   1.00 9.46  ? 6    DG  A "C2'"  1 
ATOM   187 C  "C1'"  . DG  A 1 6  ? 5.260   1.058   0.633   1.00 9.49  ? 6    DG  A "C1'"  1 
ATOM   188 N  N9     . DG  A 1 6  ? 4.915   0.881   -0.769  1.00 8.44  ? 6    DG  A N9     1 
ATOM   189 C  C8     . DG  A 1 6  ? 4.901   1.877   -1.727  1.00 8.28  ? 6    DG  A C8     1 
ATOM   190 N  N7     . DG  A 1 6  ? 4.366   1.493   -2.858  1.00 7.79  ? 6    DG  A N7     1 
ATOM   191 C  C5     . DG  A 1 6  ? 3.954   0.192   -2.588  1.00 7.19  ? 6    DG  A C5     1 
ATOM   192 C  C6     . DG  A 1 6  ? 3.161   -0.738  -3.335  1.00 6.54  ? 6    DG  A C6     1 
ATOM   193 O  O6     . DG  A 1 6  ? 2.707   -0.541  -4.495  1.00 6.96  ? 6    DG  A O6     1 
ATOM   194 N  N1     . DG  A 1 6  ? 2.974   -1.932  -2.693  1.00 6.10  ? 6    DG  A N1     1 
ATOM   195 C  C2     . DG  A 1 6  ? 3.419   -2.267  -1.453  1.00 6.43  ? 6    DG  A C2     1 
ATOM   196 N  N2     . DG  A 1 6  ? 3.178   -3.482  -1.014  1.00 7.07  ? 6    DG  A N2     1 
ATOM   197 N  N3     . DG  A 1 6  ? 4.107   -1.377  -0.684  1.00 6.88  ? 6    DG  A N3     1 
ATOM   198 C  C4     . DG  A 1 6  ? 4.296   -0.222  -1.322  1.00 6.93  ? 6    DG  A C4     1 
ATOM   199 H  "H5'"  A DG  A 1 6  ? 4.636   4.905   1.210   0.60 11.59 ? 6    DG  A "H5'"  1 
ATOM   200 H  "H5'"  B DG  A 1 6  ? 3.721   4.355   1.659   0.40 8.31  ? 6    DG  A "H5'"  1 
ATOM   201 H  "H5''" A DG  A 1 6  ? 6.091   4.954   1.861   0.60 11.59 ? 6    DG  A "H5''" 1 
ATOM   202 H  "H5''" B DG  A 1 6  ? 4.971   4.929   2.497   0.40 8.31  ? 6    DG  A "H5''" 1 
ATOM   203 H  "H4'"  A DG  A 1 6  ? 4.852   3.247   2.713   0.60 13.46 ? 6    DG  A "H4'"  1 
ATOM   204 H  "H4'"  B DG  A 1 6  ? 4.768   2.606   3.112   0.40 12.32 ? 6    DG  A "H4'"  1 
ATOM   205 H  "H3'"  A DG  A 1 6  ? 7.352   2.919   2.236   0.60 12.08 ? 6    DG  A "H3'"  1 
ATOM   206 H  "H3'"  B DG  A 1 6  ? 7.128   3.327   1.761   0.40 13.05 ? 6    DG  A "H3'"  1 
ATOM   207 H  "H2'"  . DG  A 1 6  ? 7.048   1.960   0.163   1.00 11.35 ? 6    DG  A "H2'"  1 
ATOM   208 H  "H2''" . DG  A 1 6  ? 7.225   0.643   1.073   1.00 11.35 ? 6    DG  A "H2''" 1 
ATOM   209 H  "H1'"  . DG  A 1 6  ? 5.058   0.209   1.119   1.00 11.39 ? 6    DG  A "H1'"  1 
ATOM   210 H  H8     . DG  A 1 6  ? 5.242   2.752   -1.579  1.00 9.94  ? 6    DG  A H8     1 
ATOM   211 H  H1     . DG  A 1 6  ? 2.520   -2.547  -3.130  1.00 7.32  ? 6    DG  A H1     1 
ATOM   212 H  H21    . DG  A 1 6  ? 3.461   -3.726  -0.217  1.00 8.48  ? 6    DG  A H21    1 
ATOM   213 H  H22    . DG  A 1 6  ? 2.734   -4.051  -1.517  1.00 8.48  ? 6    DG  A H22    1 
ATOM   214 P  P      A DC  A 1 7  ? 7.786   0.941   4.041   0.60 9.95  ? 7    DC  A P      1 
ATOM   215 P  P      B DC  A 1 7  ? 8.550   1.383   3.401   0.40 13.70 ? 7    DC  A P      1 
ATOM   216 O  OP1    A DC  A 1 7  ? 7.566   0.685   5.489   0.60 14.01 ? 7    DC  A OP1    1 
ATOM   217 O  OP1    B DC  A 1 7  ? 8.702   1.357   4.878   0.40 15.14 ? 7    DC  A OP1    1 
ATOM   218 O  OP2    A DC  A 1 7  ? 8.963   1.837   3.794   0.60 13.52 ? 7    DC  A OP2    1 
ATOM   219 O  OP2    B DC  A 1 7  ? 9.511   2.082   2.573   0.40 15.26 ? 7    DC  A OP2    1 
ATOM   220 O  "O5'"  A DC  A 1 7  ? 7.973   -0.400  3.251   0.60 8.26  ? 7    DC  A "O5'"  1 
ATOM   221 O  "O5'"  B DC  A 1 7  ? 8.543   -0.132  2.875   0.40 10.94 ? 7    DC  A "O5'"  1 
ATOM   222 C  "C5'"  A DC  A 1 7  ? 7.107   -1.503  3.520   0.60 8.00  ? 7    DC  A "C5'"  1 
ATOM   223 C  "C5'"  B DC  A 1 7  ? 7.476   -0.996  3.264   0.40 9.29  ? 7    DC  A "C5'"  1 
ATOM   224 C  "C4'"  A DC  A 1 7  ? 7.370   -2.545  2.465   0.60 6.84  ? 7    DC  A "C4'"  1 
ATOM   225 C  "C4'"  B DC  A 1 7  ? 7.523   -2.292  2.509   0.40 7.37  ? 7    DC  A "C4'"  1 
ATOM   226 O  "O4'"  . DC  A 1 7  ? 7.021   -2.013  1.199   1.00 7.39  ? 7    DC  A "O4'"  1 
ATOM   227 C  "C3'"  . DC  A 1 7  ? 8.860   -2.956  2.283   1.00 7.25  ? 7    DC  A "C3'"  1 
ATOM   228 O  "O3'"  . DC  A 1 7  ? 8.976   -4.101  3.139   1.00 7.19  ? 7    DC  A "O3'"  1 
ATOM   229 C  "C2'"  . DC  A 1 7  ? 8.917   -3.279  0.817   1.00 7.44  ? 7    DC  A "C2'"  1 
ATOM   230 C  "C1'"  . DC  A 1 7  ? 7.548   -2.894  0.259   1.00 7.66  ? 7    DC  A "C1'"  1 
ATOM   231 N  N1     . DC  A 1 7  ? 7.539   -2.275  -1.066  1.00 6.41  ? 7    DC  A N1     1 
ATOM   232 C  C2     . DC  A 1 7  ? 6.825   -2.882  -2.099  1.00 5.65  ? 7    DC  A C2     1 
ATOM   233 O  O2     . DC  A 1 7  ? 6.426   -4.039  -1.931  1.00 6.36  ? 7    DC  A O2     1 
ATOM   234 N  N3     . DC  A 1 7  ? 6.679   -2.199  -3.244  1.00 5.51  ? 7    DC  A N3     1 
ATOM   235 C  C4     . DC  A 1 7  ? 7.193   -0.993  -3.418  1.00 5.79  ? 7    DC  A C4     1 
ATOM   236 N  N4     . DC  A 1 7  ? 6.927   -0.363  -4.547  1.00 6.13  ? 7    DC  A N4     1 
ATOM   237 C  C5     . DC  A 1 7  ? 7.972   -0.385  -2.359  1.00 7.89  ? 7    DC  A C5     1 
ATOM   238 C  C6     . DC  A 1 7  ? 8.122   -1.057  -1.225  1.00 7.38  ? 7    DC  A C6     1 
ATOM   239 H  "H5'"  A DC  A 1 7  ? 6.162   -1.213  3.487   0.60 9.60  ? 7    DC  A "H5'"  1 
ATOM   240 H  "H5'"  B DC  A 1 7  ? 6.610   -0.547  3.094   0.40 11.15 ? 7    DC  A "H5'"  1 
ATOM   241 H  "H5''" A DC  A 1 7  ? 7.291   -1.872  4.420   0.60 9.60  ? 7    DC  A "H5''" 1 
ATOM   242 H  "H5''" B DC  A 1 7  ? 7.539   -1.179  4.235   0.40 11.15 ? 7    DC  A "H5''" 1 
ATOM   243 H  "H4'"  A DC  A 1 7  ? 6.818   -3.358  2.651   0.60 8.21  ? 7    DC  A "H4'"  1 
ATOM   244 H  "H4'"  B DC  A 1 7  ? 6.911   -2.946  2.955   0.40 8.85  ? 7    DC  A "H4'"  1 
ATOM   245 H  "H3'"  . DC  A 1 7  ? 9.492   -2.223  2.538   1.00 8.70  ? 7    DC  A "H3'"  1 
ATOM   246 H  "H2'"  . DC  A 1 7  ? 9.633   -2.759  0.373   1.00 8.92  ? 7    DC  A "H2'"  1 
ATOM   247 H  "H2''" . DC  A 1 7  ? 9.091   -4.243  0.678   1.00 8.92  ? 7    DC  A "H2''" 1 
ATOM   248 H  "H1'"  . DC  A 1 7  ? 6.975   -3.712  0.233   1.00 9.20  ? 7    DC  A "H1'"  1 
ATOM   249 H  H41    . DC  A 1 7  ? 6.422   -0.746  -5.157  1.00 7.36  ? 7    DC  A H41    1 
ATOM   250 H  H42    . DC  A 1 7  ? 7.257   0.441   -4.690  1.00 7.36  ? 7    DC  A H42    1 
ATOM   251 H  H5     . DC  A 1 7  ? 8.365   0.472   -2.474  1.00 9.47  ? 7    DC  A H5     1 
ATOM   252 H  H6     . DC  A 1 7  ? 8.640   -0.686  -0.521  1.00 8.85  ? 7    DC  A H6     1 
ATOM   253 P  P      . DT  A 1 8  ? 10.326  -4.846  3.348   1.00 6.94  ? 8    DT  A P      1 
ATOM   254 O  OP1    . DT  A 1 8  ? 10.159  -5.514  4.691   1.00 9.54  ? 8    DT  A OP1    1 
ATOM   255 O  OP2    . DT  A 1 8  ? 11.488  -3.985  3.182   1.00 8.90  ? 8    DT  A OP2    1 
ATOM   256 O  "O5'"  . DT  A 1 8  ? 10.437  -5.928  2.208   1.00 6.38  ? 8    DT  A "O5'"  1 
ATOM   257 C  "C5'"  . DT  A 1 8  ? 9.433   -6.941  2.113   1.00 5.46  ? 8    DT  A "C5'"  1 
ATOM   258 C  "C4'"  . DT  A 1 8  ? 9.613   -7.700  0.850   1.00 5.11  ? 8    DT  A "C4'"  1 
ATOM   259 O  "O4'"  . DT  A 1 8  ? 9.295   -6.838  -0.274  1.00 4.37  ? 8    DT  A "O4'"  1 
ATOM   260 C  "C3'"  . DT  A 1 8  ? 11.030  -8.202  0.600   1.00 4.94  ? 8    DT  A "C3'"  1 
ATOM   261 O  "O3'"  . DT  A 1 8  ? 10.972  -9.535  -0.017  1.00 5.17  ? 8    DT  A "O3'"  1 
ATOM   262 C  "C2'"  . DT  A 1 8  ? 11.566  -7.274  -0.414  1.00 5.06  ? 8    DT  A "C2'"  1 
ATOM   263 C  "C1'"  . DT  A 1 8  ? 10.321  -6.991  -1.246  1.00 4.45  ? 8    DT  A "C1'"  1 
ATOM   264 N  N1     . DT  A 1 8  ? 10.351  -5.809  -2.117  1.00 4.36  ? 8    DT  A N1     1 
ATOM   265 C  C2     . DT  A 1 8  ? 9.532   -5.864  -3.215  1.00 4.79  ? 8    DT  A C2     1 
ATOM   266 O  O2     . DT  A 1 8  ? 8.889   -6.863  -3.536  1.00 5.24  ? 8    DT  A O2     1 
ATOM   267 N  N3     . DT  A 1 8  ? 9.458   -4.706  -3.960  1.00 4.20  ? 8    DT  A N3     1 
ATOM   268 C  C4     . DT  A 1 8  ? 10.121  -3.511  -3.666  1.00 4.07  ? 8    DT  A C4     1 
ATOM   269 O  O4     . DT  A 1 8  ? 9.954   -2.540  -4.386  1.00 5.01  ? 8    DT  A O4     1 
ATOM   270 C  C5     . DT  A 1 8  ? 10.933  -3.531  -2.458  1.00 4.35  ? 8    DT  A C5     1 
ATOM   271 C  C7     . DT  A 1 8  ? 11.681  -2.261  -2.084  1.00 5.79  ? 8    DT  A C7     1 
ATOM   272 C  C6     . DT  A 1 8  ? 11.000  -4.653  -1.748  1.00 4.52  ? 8    DT  A C6     1 
ATOM   273 H  "H5'"  . DT  A 1 8  ? 8.536   -6.524  2.128   1.00 6.55  ? 8    DT  A "H5'"  1 
ATOM   274 H  "H5''" . DT  A 1 8  ? 9.503   -7.555  2.885   1.00 6.55  ? 8    DT  A "H5''" 1 
ATOM   275 H  "H4'"  . DT  A 1 8  ? 8.987   -8.479  0.849   1.00 6.13  ? 8    DT  A "H4'"  1 
ATOM   276 H  "H3'"  . DT  A 1 8  ? 11.580  -8.201  1.435   1.00 5.93  ? 8    DT  A "H3'"  1 
ATOM   277 H  "H2'"  . DT  A 1 8  ? 11.920  -6.448  -0.001  1.00 6.07  ? 8    DT  A "H2'"  1 
ATOM   278 H  "H2''" . DT  A 1 8  ? 12.276  -7.699  -0.958  1.00 6.07  ? 8    DT  A "H2''" 1 
ATOM   279 H  "H1'"  . DT  A 1 8  ? 10.117  -7.796  -1.804  1.00 5.34  ? 8    DT  A "H1'"  1 
ATOM   280 H  H3     . DT  A 1 8  ? 8.951   -4.720  -4.679  1.00 5.04  ? 8    DT  A H3     1 
ATOM   281 H  H71    . DT  A 1 8  ? 11.491  -1.563  -2.745  1.00 8.69  ? 8    DT  A H71    1 
ATOM   282 H  H72    . DT  A 1 8  ? 12.645  -2.443  -2.068  1.00 8.69  ? 8    DT  A H72    1 
ATOM   283 H  H73    . DT  A 1 8  ? 11.392  -1.960  -1.197  1.00 8.69  ? 8    DT  A H73    1 
ATOM   284 H  H6     . DT  A 1 8  ? 11.519  -4.657  -0.953  1.00 5.42  ? 8    DT  A H6     1 
ATOM   285 P  P      . DG  A 1 9  ? 11.175  -10.823 0.910   1.00 5.34  ? 9    DG  A P      1 
ATOM   286 O  OP1    . DG  A 1 9  ? 10.381  -10.673 2.142   1.00 7.11  ? 9    DG  A OP1    1 
ATOM   287 O  OP2    . DG  A 1 9  ? 12.625  -11.120 1.048   1.00 6.77  ? 9    DG  A OP2    1 
ATOM   288 O  "O5'"  . DG  A 1 9  ? 10.582  -11.936 -0.065  1.00 4.90  ? 9    DG  A "O5'"  1 
ATOM   289 C  "C5'"  . DG  A 1 9  ? 9.158   -12.028 -0.292  1.00 5.06  ? 9    DG  A "C5'"  1 
ATOM   290 C  "C4'"  . DG  A 1 9  ? 8.896   -12.590 -1.643  1.00 4.36  ? 9    DG  A "C4'"  1 
ATOM   291 O  "O4'"  . DG  A 1 9  ? 9.227   -11.612 -2.666  1.00 4.55  ? 9    DG  A "O4'"  1 
ATOM   292 C  "C3'"  . DG  A 1 9  ? 9.719   -13.824 -2.011  1.00 4.90  ? 9    DG  A "C3'"  1 
ATOM   293 O  "O3'"  . DG  A 1 9  ? 8.871   -14.654 -2.823  1.00 4.65  ? 9    DG  A "O3'"  1 
ATOM   294 C  "C2'"  . DG  A 1 9  ? 10.890  -13.261 -2.785  1.00 4.35  ? 9    DG  A "C2'"  1 
ATOM   295 C  "C1'"  . DG  A 1 9  ? 10.365  -12.003 -3.427  1.00 4.55  ? 9    DG  A "C1'"  1 
ATOM   296 N  N9     . DG  A 1 9  ? 11.306  -10.886 -3.476  1.00 4.43  ? 9    DG  A N9     1 
ATOM   297 C  C8     . DG  A 1 9  ? 12.335  -10.573 -2.640  1.00 4.77  ? 9    DG  A C8     1 
ATOM   298 N  N7     . DG  A 1 9  ? 12.842  -9.387  -2.878  1.00 4.96  ? 9    DG  A N7     1 
ATOM   299 C  C5     . DG  A 1 9  ? 12.087  -8.875  -3.900  1.00 3.67  ? 9    DG  A C5     1 
ATOM   300 C  C6     . DG  A 1 9  ? 12.164  -7.636  -4.574  1.00 3.85  ? 9    DG  A C6     1 
ATOM   301 O  O6     . DG  A 1 9  ? 12.885  -6.659  -4.308  1.00 4.47  ? 9    DG  A O6     1 
ATOM   302 N  N1     . DG  A 1 9  ? 11.282  -7.568  -5.639  1.00 3.82  ? 9    DG  A N1     1 
ATOM   303 C  C2     . DG  A 1 9  ? 10.345  -8.530  -5.946  1.00 3.69  ? 9    DG  A C2     1 
ATOM   304 N  N2     . DG  A 1 9  ? 9.596   -8.319  -7.032  1.00 4.53  ? 9    DG  A N2     1 
ATOM   305 N  N3     . DG  A 1 9  ? 10.248  -9.683  -5.288  1.00 3.70  ? 9    DG  A N3     1 
ATOM   306 C  C4     . DG  A 1 9  ? 11.142  -9.804  -4.293  1.00 3.77  ? 9    DG  A C4     1 
ATOM   307 H  "H5'"  . DG  A 1 9  ? 8.750   -11.128 -0.220  1.00 6.07  ? 9    DG  A "H5'"  1 
ATOM   308 H  "H5''" . DG  A 1 9  ? 8.747   -12.609 0.397   1.00 6.07  ? 9    DG  A "H5''" 1 
ATOM   309 H  "H4'"  . DG  A 1 9  ? 7.924   -12.817 -1.716  1.00 5.23  ? 9    DG  A "H4'"  1 
ATOM   310 H  "H3'"  . DG  A 1 9  ? 10.026  -14.310 -1.194  1.00 5.88  ? 9    DG  A "H3'"  1 
ATOM   311 H  "H2'"  . DG  A 1 9  ? 11.645  -13.057 -2.178  1.00 5.23  ? 9    DG  A "H2'"  1 
ATOM   312 H  "H2''" . DG  A 1 9  ? 11.196  -13.904 -3.473  1.00 5.23  ? 9    DG  A "H2''" 1 
ATOM   313 H  "H1'"  . DG  A 1 9  ? 10.071  -12.217 -4.359  1.00 5.46  ? 9    DG  A "H1'"  1 
ATOM   314 H  H8     . DG  A 1 9  ? 12.651  -11.153 -1.958  1.00 5.72  ? 9    DG  A H8     1 
ATOM   315 H  H1     . DG  A 1 9  ? 11.323  -6.858  -6.157  1.00 4.59  ? 9    DG  A H1     1 
ATOM   316 H  H21    . DG  A 1 9  ? 9.041   -8.942  -7.311  1.00 5.44  ? 9    DG  A H21    1 
ATOM   317 H  H22    . DG  A 1 9  ? 9.658   -7.558  -7.468  1.00 5.44  ? 9    DG  A H22    1 
ATOM   318 P  P      . DG  A 1 10 ? 9.312   -16.130 -3.256  1.00 4.55  ? 10   DG  A P      1 
ATOM   319 O  OP1    . DG  A 1 10 ? 8.028   -16.864 -3.501  1.00 5.39  ? 10   DG  A OP1    1 
ATOM   320 O  OP2    . DG  A 1 10 ? 10.269  -16.694 -2.287  1.00 5.09  ? 10   DG  A OP2    1 
ATOM   321 O  "O5'"  . DG  A 1 10 ? 10.067  -15.931 -4.640  1.00 6.22  ? 10   DG  A "O5'"  1 
ATOM   322 C  "C5'"  . DG  A 1 10 ? 9.257   -15.425 -5.744  1.00 7.40  ? 10   DG  A "C5'"  1 
ATOM   323 C  "C4'"  . DG  A 1 10 ? 10.165  -14.917 -6.845  1.00 6.92  ? 10   DG  A "C4'"  1 
ATOM   324 O  "O4'"  . DG  A 1 10 ? 10.840  -13.733 -6.392  1.00 4.99  ? 10   DG  A "O4'"  1 
ATOM   325 C  "C3'"  . DG  A 1 10 ? 11.254  -15.849 -7.252  1.00 7.60  ? 10   DG  A "C3'"  1 
ATOM   326 O  "O3'"  . DG  A 1 10 ? 11.062  -16.183 -8.624  1.00 10.89 ? 10   DG  A "O3'"  1 
ATOM   327 C  "C2'"  . DG  A 1 10 ? 12.553  -15.061 -7.206  1.00 9.90  ? 10   DG  A "C2'"  1 
ATOM   328 C  "C1'"  . DG  A 1 10 ? 12.061  -13.610 -7.067  1.00 5.25  ? 10   DG  A "C1'"  1 
ATOM   329 N  N9     . DG  A 1 10 ? 12.908  -12.702 -6.364  1.00 4.11  ? 10   DG  A N9     1 
ATOM   330 C  C8     . DG  A 1 10 ? 13.672  -12.961 -5.246  1.00 4.77  ? 10   DG  A C8     1 
ATOM   331 N  N7     . DG  A 1 10 ? 14.361  -11.915 -4.838  1.00 4.17  ? 10   DG  A N7     1 
ATOM   332 C  C5     . DG  A 1 10 ? 14.078  -10.916 -5.743  1.00 4.01  ? 10   DG  A C5     1 
ATOM   333 C  C6     . DG  A 1 10 ? 14.576  -9.580  -5.870  1.00 4.30  ? 10   DG  A C6     1 
ATOM   334 O  O6     . DG  A 1 10 ? 15.362  -9.010  -5.080  1.00 5.53  ? 10   DG  A O6     1 
ATOM   335 N  N1     . DG  A 1 10 ? 14.069  -8.937  -6.971  1.00 4.24  ? 10   DG  A N1     1 
ATOM   336 C  C2     . DG  A 1 10 ? 13.151  -9.467  -7.851  1.00 4.62  ? 10   DG  A C2     1 
ATOM   337 N  N2     . DG  A 1 10 ? 12.745  -8.682  -8.828  1.00 6.10  ? 10   DG  A N2     1 
ATOM   338 N  N3     . DG  A 1 10 ? 12.673  -10.697 -7.750  1.00 4.51  ? 10   DG  A N3     1 
ATOM   339 C  C4     . DG  A 1 10 ? 13.175  -11.355 -6.700  1.00 4.23  ? 10   DG  A C4     1 
ATOM   340 H  "H5'"  . DG  A 1 10 ? 8.676   -14.688 -5.423  1.00 8.88  ? 10   DG  A "H5'"  1 
ATOM   341 H  "H5''" . DG  A 1 10 ? 8.678   -16.147 -6.094  1.00 8.88  ? 10   DG  A "H5''" 1 
ATOM   342 H  "H4'"  . DG  A 1 10 ? 9.612   -14.691 -7.646  1.00 8.30  ? 10   DG  A "H4'"  1 
ATOM   343 H  "H3'"  . DG  A 1 10 ? 11.288  -16.661 -6.670  1.00 9.12  ? 10   DG  A "H3'"  1 
ATOM   344 H  "HO3'" . DG  A 1 10 ? 10.935  -15.482 -9.068  1.00 16.34 ? 10   DG  A "HO3'" 1 
ATOM   345 H  "H2'"  . DG  A 1 10 ? 13.106  -15.328 -6.430  1.00 11.88 ? 10   DG  A "H2'"  1 
ATOM   346 H  "H2''" . DG  A 1 10 ? 13.078  -15.185 -8.036  1.00 11.88 ? 10   DG  A "H2''" 1 
ATOM   347 H  "H1'"  . DG  A 1 10 ? 11.886  -13.242 -7.980  1.00 6.31  ? 10   DG  A "H1'"  1 
ATOM   348 H  H8     . DG  A 1 10 ? 13.697  -13.806 -4.814  1.00 5.72  ? 10   DG  A H8     1 
ATOM   349 H  H1     . DG  A 1 10 ? 14.354  -8.120  -7.128  1.00 5.09  ? 10   DG  A H1     1 
ATOM   350 H  H21    . DG  A 1 10 ? 12.156  -8.976  -9.412  1.00 7.32  ? 10   DG  A H21    1 
ATOM   351 H  H22    . DG  A 1 10 ? 13.062  -7.864  -8.895  1.00 7.32  ? 10   DG  A H22    1 
HETATM 352 CA CA     C CA  B 2 .  ? -13.306 6.973   0.520   0.50 5.01  ? 111  CA  A CA     1 
HETATM 353 CA CA     C CA  C 2 .  ? 0.421   4.910   3.620   0.58 6.13  ? 112  CA  A CA     1 
HETATM 354 CA CA     D CA  C 2 .  ? 1.346   4.081   3.589   0.42 9.65  ? 112  CA  A CA     1 
HETATM 355 CA CA     C CA  D 2 .  ? -7.207  3.877   10.243  0.38 5.46  ? 113  CA  A CA     1 
HETATM 356 CA CA     D CA  E 2 .  ? -5.974  7.627   13.080  0.31 9.10  ? 1113 CA  A CA     1 
HETATM 357 CA CA     E CA  E 2 .  ? -6.480  1.516   11.189  0.31 7.41  ? 1113 CA  A CA     1 
HETATM 358 CA CA     B CA  F 2 .  ? 4.738   0.892   -10.334 0.50 14.24 ? 114  CA  A CA     1 
HETATM 359 C  C1     C EOH G 3 .  ? -11.002 7.886   2.119   0.50 6.13  ? 1114 EOH A C1     1 
HETATM 360 C  C2     C EOH G 3 .  ? -9.416  8.179   1.769   0.50 4.22  ? 1114 EOH A C2     1 
HETATM 361 O  O      C EOH G 3 .  ? -12.085 8.810   1.579   0.50 5.42  ? 1114 EOH A O      1 
HETATM 362 C  C1     . EOH H 3 .  ? -7.420  -4.361  6.254   0.50 9.61  ? 227  EOH A C1     1 
HETATM 363 C  C2     . EOH H 3 .  ? -7.903  -4.296  5.078   0.50 9.31  ? 227  EOH A C2     1 
HETATM 364 O  O      . EOH H 3 .  ? -6.400  -5.382  6.472   0.50 16.02 ? 227  EOH A O      1 
HETATM 365 C  C1     B EOH I 3 .  ? -3.810  -5.549  4.687   0.40 12.45 ? 244  EOH A C1     1 
HETATM 366 C  C2     B EOH I 3 .  ? -4.156  -6.411  3.918   0.40 16.27 ? 244  EOH A C2     1 
HETATM 367 O  O      B EOH I 3 .  ? -2.585  -5.218  5.324   0.40 11.45 ? 244  EOH A O      1 
HETATM 368 O  O      . HOH J 4 .  ? -7.826  -1.181  8.310   1.00 7.76  ? 201  HOH A O      1 
HETATM 369 O  O      . HOH J 4 .  ? -8.772  6.010   -0.056  1.00 6.22  ? 202  HOH A O      1 
HETATM 370 O  O      . HOH J 4 .  ? -10.000 -0.156  9.615   1.00 7.46  ? 203  HOH A O      1 
HETATM 371 O  O      . HOH J 4 .  ? -8.974  -1.874  5.920   1.00 8.42  ? 204  HOH A O      1 
HETATM 372 O  O      . HOH J 4 .  ? -7.778  10.074  -1.035  1.00 10.90 ? 205  HOH A O      1 
HETATM 373 O  O      C HOH J 4 .  ? -0.763  5.761   -0.656  0.58 4.96  ? 206  HOH A O      1 
HETATM 374 O  O      D HOH J 4 .  ? -0.942  7.155   0.972   0.42 11.86 ? 206  HOH A O      1 
HETATM 375 O  O      . HOH J 4 .  ? -7.053  -3.029  2.655   1.00 13.65 ? 207  HOH A O      1 
HETATM 376 O  O      . HOH J 4 .  ? 3.922   7.678   2.938   1.00 11.29 ? 208  HOH A O      1 
HETATM 377 O  O      . HOH J 4 .  ? 7.283   -19.489 -3.755  1.00 11.18 ? 209  HOH A O      1 
HETATM 378 O  O      . HOH J 4 .  ? -7.857  -1.593  -1.194  1.00 12.95 ? 210  HOH A O      1 
HETATM 379 O  O      . HOH J 4 .  ? -11.561 -2.521  5.849   1.00 13.00 ? 211  HOH A O      1 
HETATM 380 O  O      A HOH J 4 .  ? -15.234 -2.852  0.165   0.60 7.11  ? 212  HOH A O      1 
HETATM 381 O  O      C HOH J 4 .  ? -3.819  -1.150  9.063   0.75 13.41 ? 214  HOH A O      1 
HETATM 382 O  O      E HOH J 4 .  ? -5.992  6.931   11.075  0.31 12.82 ? 215  HOH A O      1 
HETATM 383 O  O      . HOH J 4 .  ? -13.812 2.959   -5.102  1.00 11.52 ? 216  HOH A O      1 
HETATM 384 O  O      . HOH J 4 .  ? -8.536  15.105  7.544   1.00 13.30 ? 217  HOH A O      1 
HETATM 385 O  O      . HOH J 4 .  ? 3.312   -2.130  2.049   0.50 10.04 ? 218  HOH A O      1 
HETATM 386 O  O      . HOH J 4 .  ? -4.668  7.156   0.503   1.00 11.27 ? 219  HOH A O      1 
HETATM 387 O  O      . HOH J 4 .  ? 1.555   3.758   11.778  1.00 15.51 ? 221  HOH A O      1 
HETATM 388 O  O      C HOH J 4 .  ? -3.453  7.246   3.125   0.58 8.38  ? 222  HOH A O      1 
HETATM 389 O  O      D HOH J 4 .  ? -2.424  5.642   4.318   0.42 9.94  ? 222  HOH A O      1 
HETATM 390 O  O      . HOH J 4 .  ? -3.862  -4.249  -2.941  1.00 17.14 ? 224  HOH A O      1 
HETATM 391 O  O      . HOH J 4 .  ? 12.921  0.234   -9.007  1.00 17.24 ? 225  HOH A O      1 
HETATM 392 O  O      A HOH J 4 .  ? 1.215   -4.220  11.623  0.40 25.99 ? 226  HOH A O      1 
HETATM 393 O  O      B HOH J 4 .  ? -7.296  8.052   0.756   0.50 5.61  ? 228  HOH A O      1 
HETATM 394 O  O      A HOH J 4 .  ? -6.948  8.835   3.120   0.50 11.91 ? 229  HOH A O      1 
HETATM 395 O  O      B HOH J 4 .  ? -7.910  9.048   3.326   0.50 8.97  ? 229  HOH A O      1 
HETATM 396 O  O      C HOH J 4 .  ? -0.061  8.582   1.165   0.58 10.34 ? 230  HOH A O      1 
HETATM 397 O  O      D HOH J 4 .  ? -0.771  8.646   3.587   0.42 17.36 ? 230  HOH A O      1 
HETATM 398 O  O      . HOH J 4 .  ? -2.324  8.115   -0.575  1.00 17.32 ? 231  HOH A O      1 
HETATM 399 O  O      B HOH J 4 .  ? 9.518   -0.974  6.371   0.40 16.30 ? 233  HOH A O      1 
HETATM 400 O  O      B HOH J 4 .  ? -16.193 2.347   -3.376  0.40 9.93  ? 234  HOH A O      1 
HETATM 401 O  O      C HOH J 4 .  ? -12.845 -0.983  -2.946  0.58 10.14 ? 235  HOH A O      1 
HETATM 402 O  O      . HOH J 4 .  ? -0.993  1.434   -7.344  1.00 22.80 ? 236  HOH A O      1 
HETATM 403 O  O      . HOH J 4 .  ? 8.791   2.147   -4.739  1.00 25.69 ? 237  HOH A O      1 
HETATM 404 O  O      . HOH J 4 .  ? -7.214  3.203   -6.756  1.00 23.65 ? 238  HOH A O      1 
HETATM 405 O  O      A HOH J 4 .  ? 5.986   2.532   6.490   0.60 20.11 ? 240  HOH A O      1 
HETATM 406 O  O      A HOH J 4 .  ? -6.042  -5.099  4.058   0.50 14.96 ? 241  HOH A O      1 
HETATM 407 O  O      . HOH J 4 .  ? -9.896  -1.430  -3.163  1.00 22.96 ? 243  HOH A O      1 
HETATM 408 O  O      . HOH J 4 .  ? -3.168  -1.843  -4.878  1.00 17.51 ? 248  HOH A O      1 
HETATM 409 O  O      D HOH J 4 .  ? -13.854 9.677   -1.085  0.40 6.36  ? 249  HOH A O      1 
HETATM 410 O  O      . HOH J 4 .  ? 4.162   7.963   -7.178  1.00 20.84 ? 250  HOH A O      1 
HETATM 411 O  O      C HOH J 4 .  ? -5.882  9.778   11.680  0.75 10.21 ? 252  HOH A O      1 
HETATM 412 O  O      E HOH J 4 .  ? -4.859  7.396   11.658  0.25 8.86  ? 252  HOH A O      1 
HETATM 413 O  O      C HOH J 4 .  ? -3.496  0.666   12.578  0.38 10.66 ? 253  HOH A O      1 
HETATM 414 O  O      D HOH J 4 .  ? -1.874  1.795   12.577  0.62 16.17 ? 253  HOH A O      1 
HETATM 415 O  O      A HOH J 4 .  ? 4.751   -0.501  6.056   0.60 18.62 ? 256  HOH A O      1 
HETATM 416 O  O      B HOH J 4 .  ? -6.879  1.076   8.680   0.31 6.78  ? 259  HOH A O      1 
HETATM 417 O  O      D HOH J 4 .  ? -6.329  3.435   10.419  0.31 10.70 ? 259  HOH A O      1 
HETATM 418 O  O      A HOH J 4 .  ? 5.605   -0.302  -9.795  0.50 16.68 ? 260  HOH A O      1 
HETATM 419 O  O      C HOH J 4 .  ? -1.477  -2.115  12.281  0.38 13.62 ? 262  HOH A O      1 
HETATM 420 O  O      D HOH J 4 .  ? -1.697  -0.732  13.363  0.62 15.84 ? 262  HOH A O      1 
HETATM 421 O  O      . HOH J 4 .  ? -9.277  -3.094  0.843   1.00 24.95 ? 265  HOH A O      1 
HETATM 422 O  O      . HOH J 4 .  ? 3.330   -0.006  8.231   1.00 24.51 ? 267  HOH A O      1 
HETATM 423 O  O      C HOH J 4 .  ? -2.377  7.988   12.414  0.31 9.92  ? 287  HOH A O      1 
HETATM 424 O  O      A HOH J 4 .  ? -4.712  8.526   3.507   0.42 10.80 ? 1229 HOH A O      1 
HETATM 425 O  O      C HOH J 4 .  ? -0.153  10.560  -2.658  0.75 18.75 ? 1244 HOH A O      1 
HETATM 426 O  O      . HOH J 4 .  ? 13.868  -11.569 3.316   1.00 19.87 ? 1249 HOH A O      1 
HETATM 427 O  O      . HOH J 4 .  ? -12.978 -1.820  3.814   1.00 18.08 ? 1251 HOH A O      1 
HETATM 428 O  O      . HOH J 4 .  ? -4.408  5.676   -7.565  1.00 17.07 ? 1258 HOH A O      1 
HETATM 429 O  O      . HOH J 4 .  ? 11.849  -1.624  4.569   1.00 17.91 ? 1276 HOH A O      1 
HETATM 430 O  O      . HOH J 4 .  ? -11.065 2.185   -7.590  1.00 25.59 ? 1280 HOH A O      1 
HETATM 431 O  O      . HOH J 4 .  ? -13.428 -4.641  1.186   1.00 21.89 ? 1283 HOH A O      1 
HETATM 432 O  O      D HOH J 4 .  ? -14.520 4.664   1.048   0.50 11.46 ? 1301 HOH A O      1 
HETATM 433 O  O      A HOH J 4 .  ? -3.457  -6.415  0.838   0.60 19.19 ? 1320 HOH A O      1 
HETATM 434 O  O      A HOH J 4 .  ? -5.294  -2.841  -7.772  0.50 19.00 ? 1342 HOH A O      1 
HETATM 435 O  O      B HOH J 4 .  ? -2.690  12.130  2.426   0.50 18.65 ? 1343 HOH A O      1 
HETATM 436 O  O      D HOH J 4 .  ? -10.914 7.313   -0.512  0.50 8.47  ? 1356 HOH A O      1 
HETATM 437 O  O      . HOH J 4 .  ? -10.454 -5.417  3.918   0.50 17.38 ? 1358 HOH A O      1 
HETATM 438 O  O      C HOH J 4 .  ? -15.705 7.176   0.672   0.50 5.93  ? 1359 HOH A O      1 
HETATM 439 O  O      C HOH J 4 .  ? -11.845 5.312   1.404   0.50 5.27  ? 1360 HOH A O      1 
HETATM 440 O  O      C HOH J 4 .  ? -11.360 6.988   -0.963  0.50 4.85  ? 1361 HOH A O      1 
HETATM 441 O  O      C HOH J 4 .  ? -13.783 8.838   -0.969  0.50 5.14  ? 1362 HOH A O      1 
HETATM 442 O  O      C HOH J 4 .  ? -13.836 6.901   2.941   0.50 6.28  ? 1363 HOH A O      1 
HETATM 443 O  O      C HOH J 4 .  ? -13.977 5.743   -1.425  0.50 5.77  ? 1364 HOH A O      1 
HETATM 444 O  O      C HOH J 4 .  ? -0.268  2.641   4.266   0.58 7.87  ? 1365 HOH A O      1 
HETATM 445 O  O      D HOH J 4 .  ? -0.376  2.385   4.028   0.42 8.81  ? 1365 HOH A O      1 
HETATM 446 O  O      C HOH J 4 .  ? 0.679   6.892   4.988   0.58 7.49  ? 1366 HOH A O      1 
HETATM 447 O  O      D HOH J 4 .  ? 0.636   5.842   5.086   0.42 11.17 ? 1366 HOH A O      1 
HETATM 448 O  O      C HOH J 4 .  ? 1.561   6.413   2.065   0.58 8.50  ? 1367 HOH A O      1 
HETATM 449 O  O      D HOH J 4 .  ? 1.943   3.179   5.775   0.42 10.81 ? 1367 HOH A O      1 
HETATM 450 O  O      C HOH J 4 .  ? -1.668  5.120   4.911   0.58 6.57  ? 1368 HOH A O      1 
HETATM 451 O  O      D HOH J 4 .  ? 2.372   1.950   3.006   0.42 10.60 ? 1368 HOH A O      1 
HETATM 452 O  O      C HOH J 4 .  ? 2.577   4.308   4.592   0.58 10.23 ? 1369 HOH A O      1 
HETATM 453 O  O      D HOH J 4 .  ? 3.534   5.082   3.819   0.42 11.84 ? 1369 HOH A O      1 
HETATM 454 O  O      C HOH J 4 .  ? 1.167   3.358   1.896   0.58 8.81  ? 1370 HOH A O      1 
HETATM 455 O  O      D HOH J 4 .  ? 2.067   4.231   1.295   0.42 10.73 ? 1370 HOH A O      1 
HETATM 456 O  O      C HOH J 4 .  ? -1.330  5.599   2.085   0.58 7.11  ? 1371 HOH A O      1 
HETATM 457 O  O      D HOH J 4 .  ? -0.478  5.013   2.263   0.42 9.73  ? 1371 HOH A O      1 
HETATM 458 O  O      C HOH J 4 .  ? -7.019  1.842   8.867   0.38 7.10  ? 1372 HOH A O      1 
HETATM 459 O  O      C HOH J 4 .  ? -9.540  3.570   10.784  0.38 7.16  ? 1373 HOH A O      1 
HETATM 460 O  O      C HOH J 4 .  ? -7.285  2.258   12.068  0.38 8.00  ? 1374 HOH A O      1 
HETATM 461 O  O      C HOH J 4 .  ? -7.363  6.115   11.263  0.38 6.67  ? 1375 HOH A O      1 
HETATM 462 O  O      C HOH J 4 .  ? -4.931  3.833   11.085  0.38 7.50  ? 1376 HOH A O      1 
HETATM 463 O  O      D HOH J 4 .  ? -6.165  9.804   11.981  0.31 8.91  ? 1377 HOH A O      1 
HETATM 464 O  O      E HOH J 4 .  ? -6.746  3.737   10.221  0.31 9.54  ? 1377 HOH A O      1 
HETATM 465 O  O      D HOH J 4 .  ? -3.929  7.556   11.713  0.31 9.13  ? 1378 HOH A O      1 
HETATM 466 O  O      E HOH J 4 .  ? -4.550  0.137   10.612  0.31 8.66  ? 1378 HOH A O      1 
HETATM 467 O  O      D HOH J 4 .  ? -6.879  6.269   11.211  0.31 11.54 ? 1379 HOH A O      1 
HETATM 468 O  O      E HOH J 4 .  ? -7.421  3.059   12.840  0.31 9.57  ? 1379 HOH A O      1 
HETATM 469 O  O      D HOH J 4 .  ? -8.382  7.980   13.465  0.31 10.26 ? 1380 HOH A O      1 
HETATM 470 O  O      E HOH J 4 .  ? -6.555  1.183   8.769   0.31 5.57  ? 1380 HOH A O      1 
HETATM 471 O  O      D HOH J 4 .  ? -6.568  5.224   13.107  0.31 13.27 ? 1381 HOH A O      1 
HETATM 472 O  O      E HOH J 4 .  ? -8.921  1.759   11.246  0.31 8.12  ? 1381 HOH A O      1 
HETATM 473 O  O      D HOH J 4 .  ? -7.375  9.221   14.340  0.31 9.10  ? 1382 HOH A O      1 
HETATM 474 O  O      E HOH J 4 .  ? -7.050  -0.775  11.803  0.31 9.60  ? 1382 HOH A O      1 
HETATM 475 O  O      B HOH J 4 .  ? 4.876   0.858   -7.932  0.50 8.98  ? 1383 HOH A O      1 
HETATM 476 O  O      B HOH J 4 .  ? 5.951   -0.024  -12.238 0.50 14.53 ? 1384 HOH A O      1 
HETATM 477 O  O      B HOH J 4 .  ? 3.044   -0.836  -10.177 0.50 11.45 ? 1385 HOH A O      1 
# 
loop_
_atom_site_anisotrop.id 
_atom_site_anisotrop.type_symbol 
_atom_site_anisotrop.pdbx_label_atom_id 
_atom_site_anisotrop.pdbx_label_alt_id 
_atom_site_anisotrop.pdbx_label_comp_id 
_atom_site_anisotrop.pdbx_label_asym_id 
_atom_site_anisotrop.pdbx_label_seq_id 
_atom_site_anisotrop.pdbx_PDB_ins_code 
_atom_site_anisotrop.U[1][1] 
_atom_site_anisotrop.U[2][2] 
_atom_site_anisotrop.U[3][3] 
_atom_site_anisotrop.U[1][2] 
_atom_site_anisotrop.U[1][3] 
_atom_site_anisotrop.U[2][3] 
_atom_site_anisotrop.pdbx_auth_seq_id 
_atom_site_anisotrop.pdbx_auth_comp_id 
_atom_site_anisotrop.pdbx_auth_asym_id 
_atom_site_anisotrop.pdbx_auth_atom_id 
1   O  "O5'" . DC  A 1  ? 0.1895 0.2698 0.1887 -0.0863 0.0995  -0.0471 1    DC  A "O5'" 
2   C  "C5'" . DC  A 1  ? 0.1287 0.1390 0.1389 -0.0231 0.0270  0.0056  1    DC  A "C5'" 
3   C  "C4'" . DC  A 1  ? 0.0830 0.1623 0.0943 -0.0578 0.0003  -0.0092 1    DC  A "C4'" 
4   O  "O4'" . DC  A 1  ? 0.0629 0.3159 0.0831 -0.0604 0.0177  -0.0456 1    DC  A "O4'" 
5   C  "C3'" A DC  A 1  ? 0.1414 0.0856 0.0657 -0.0201 -0.0004 -0.0012 1    DC  A "C3'" 
6   C  "C3'" B DC  A 1  ? 0.1398 0.0949 0.0714 -0.0238 0.0031  -0.0102 1    DC  A "C3'" 
7   O  "O3'" A DC  A 1  ? 0.0767 0.0658 0.0760 -0.0074 0.0180  -0.0075 1    DC  A "O3'" 
8   O  "O3'" B DC  A 1  ? 0.0330 0.0790 0.0918 -0.0120 0.0146  0.0051  1    DC  A "O3'" 
9   C  "C2'" . DC  A 1  ? 0.0847 0.1307 0.0566 -0.0007 0.0135  0.0119  1    DC  A "C2'" 
10  C  "C1'" . DC  A 1  ? 0.0326 0.1150 0.1314 -0.0027 -0.0083 -0.0499 1    DC  A "C1'" 
11  N  N1    . DC  A 1  ? 0.0488 0.1000 0.1182 0.0170  -0.0158 -0.0722 1    DC  A N1    
12  C  C2    . DC  A 1  ? 0.0268 0.1154 0.0898 0.0146  -0.0035 -0.0476 1    DC  A C2    
13  O  O2    . DC  A 1  ? 0.0519 0.1330 0.0849 0.0112  -0.0288 -0.0348 1    DC  A O2    
14  N  N3    . DC  A 1  ? 0.0389 0.0913 0.0765 0.0063  -0.0037 -0.0341 1    DC  A N3    
15  C  C4    . DC  A 1  ? 0.0293 0.0903 0.0773 0.0013  0.0230  -0.0351 1    DC  A C4    
16  N  N4    . DC  A 1  ? 0.0461 0.0771 0.0816 -0.0041 0.0088  -0.0219 1    DC  A N4    
17  C  C5    . DC  A 1  ? 0.0565 0.0938 0.1101 -0.0015 0.0089  -0.0400 1    DC  A C5    
18  C  C6    . DC  A 1  ? 0.0464 0.1075 0.1374 -0.0014 -0.0079 -0.0582 1    DC  A C6    
32  P  P     A DC  A 2  ? 0.0409 0.0610 0.0617 -0.0119 0.0022  0.0006  2    DC  A P     
33  P  P     B DC  A 2  ? 0.0730 0.1053 0.0595 -0.0505 0.0189  -0.0046 2    DC  A P     
34  O  OP1   A DC  A 2  ? 0.0447 0.1073 0.1313 -0.0013 -0.0038 0.0494  2    DC  A OP1   
35  O  OP1   B DC  A 2  ? 0.0994 0.1846 0.0886 -0.0729 -0.0123 0.0176  2    DC  A OP1   
36  O  OP2   A DC  A 2  ? 0.0696 0.0729 0.1044 -0.0299 0.0211  -0.0371 2    DC  A OP2   
37  O  OP2   B DC  A 2  ? 0.0997 0.0853 0.1238 -0.0404 0.0486  -0.0243 2    DC  A OP2   
38  O  "O5'" A DC  A 2  ? 0.0428 0.0482 0.0656 -0.0082 0.0053  -0.0096 2    DC  A "O5'" 
39  O  "O5'" B DC  A 2  ? 0.0610 0.0821 0.0595 -0.0282 0.0128  0.0041  2    DC  A "O5'" 
40  C  "C5'" A DC  A 2  ? 0.0477 0.0610 0.0944 -0.0069 -0.0006 0.0251  2    DC  A "C5'" 
41  C  "C5'" B DC  A 2  ? 0.0520 0.0768 0.0829 -0.0187 -0.0002 0.0084  2    DC  A "C5'" 
42  C  "C4'" A DC  A 2  ? 0.0384 0.0654 0.0855 -0.0006 0.0075  0.0239  2    DC  A "C4'" 
43  C  "C4'" B DC  A 2  ? 0.0332 0.0702 0.0889 -0.0010 0.0042  0.0240  2    DC  A "C4'" 
44  O  "O4'" . DC  A 2  ? 0.0414 0.0483 0.0812 -0.0005 0.0090  -0.0010 2    DC  A "O4'" 
45  C  "C3'" . DC  A 2  ? 0.0566 0.0619 0.0709 -0.0182 -0.0048 0.0119  2    DC  A "C3'" 
46  O  "O3'" . DC  A 2  ? 0.0426 0.0809 0.0740 -0.0194 -0.0004 -0.0007 2    DC  A "O3'" 
47  C  "C2'" . DC  A 2  ? 0.0365 0.0506 0.0770 -0.0062 -0.0091 -0.0140 2    DC  A "C2'" 
48  C  "C1'" . DC  A 2  ? 0.0234 0.0508 0.0652 -0.0100 0.0005  -0.0057 2    DC  A "C1'" 
49  N  N1    . DC  A 2  ? 0.0329 0.0540 0.0664 -0.0142 0.0039  0.0002  2    DC  A N1    
50  C  C2    . DC  A 2  ? 0.0306 0.0527 0.0567 -0.0009 0.0018  -0.0090 2    DC  A C2    
51  O  O2    . DC  A 2  ? 0.0533 0.0524 0.0609 -0.0117 -0.0064 0.0056  2    DC  A O2    
52  N  N3    . DC  A 2  ? 0.0255 0.0513 0.0657 -0.0059 0.0060  0.0006  2    DC  A N3    
53  C  C4    . DC  A 2  ? 0.0420 0.0603 0.0572 -0.0065 0.0215  0.0023  2    DC  A C4    
54  N  N4    . DC  A 2  ? 0.0431 0.0623 0.0578 -0.0126 0.0210  0.0049  2    DC  A N4    
55  C  C5    . DC  A 2  ? 0.0406 0.0606 0.0723 -0.0214 0.0061  0.0107  2    DC  A C5    
56  C  C6    . DC  A 2  ? 0.0521 0.0506 0.0735 -0.0046 -0.0006 -0.0079 2    DC  A C6    
71  P  P     . DA  A 3  ? 0.0713 0.0670 0.0616 -0.0071 0.0029  0.0050  3    DA  A P     
72  O  OP1   . DA  A 3  ? 0.0716 0.0805 0.0967 -0.0095 -0.0169 0.0113  3    DA  A OP1   
73  O  OP2   . DA  A 3  ? 0.1248 0.0819 0.0906 -0.0141 0.0115  -0.0092 3    DA  A OP2   
74  O  "O5'" . DA  A 3  ? 0.0742 0.0726 0.0749 -0.0084 0.0082  0.0065  3    DA  A "O5'" 
75  C  "C5'" . DA  A 3  ? 0.0660 0.0503 0.0791 0.0017  0.0096  0.0122  3    DA  A "C5'" 
76  C  "C4'" . DA  A 3  ? 0.0634 0.0464 0.0634 0.0094  0.0169  0.0061  3    DA  A "C4'" 
77  O  "O4'" . DA  A 3  ? 0.0680 0.0562 0.0635 0.0172  0.0111  0.0052  3    DA  A "O4'" 
78  C  "C3'" . DA  A 3  ? 0.0558 0.0550 0.0713 0.0004  0.0119  0.0102  3    DA  A "C3'" 
79  O  "O3'" . DA  A 3  ? 0.0585 0.0526 0.0669 0.0049  0.0160  0.0109  3    DA  A "O3'" 
80  C  "C2'" . DA  A 3  ? 0.0487 0.0573 0.0720 0.0023  0.0278  0.0055  3    DA  A "C2'" 
81  C  "C1'" . DA  A 3  ? 0.0478 0.0497 0.0677 -0.0118 0.0202  0.0104  3    DA  A "C1'" 
82  N  N9    . DA  A 3  ? 0.0427 0.0511 0.0755 -0.0016 0.0189  0.0085  3    DA  A N9    
83  C  C8    . DA  A 3  ? 0.0528 0.0626 0.0687 0.0030  0.0143  -0.0023 3    DA  A C8    
84  N  N7    . DA  A 3  ? 0.0436 0.0518 0.0884 -0.0046 0.0040  0.0099  3    DA  A N7    
85  C  C5    . DA  A 3  ? 0.0433 0.0502 0.0749 0.0065  0.0189  0.0027  3    DA  A C5    
86  C  C6    . DA  A 3  ? 0.0352 0.0480 0.0828 0.0047  0.0219  0.0047  3    DA  A C6    
87  N  N6    . DA  A 3  ? 0.0461 0.0527 0.0777 0.0088  0.0115  0.0055  3    DA  A N6    
88  N  N1    . DA  A 3  ? 0.0600 0.0582 0.0668 0.0024  0.0223  0.0121  3    DA  A N1    
89  C  C2    . DA  A 3  ? 0.0362 0.0600 0.0754 -0.0019 0.0113  0.0020  3    DA  A C2    
90  N  N3    . DA  A 3  ? 0.0570 0.0528 0.0761 0.0071  0.0275  -0.0026 3    DA  A N3    
91  C  C4    . DA  A 3  ? 0.0447 0.0493 0.0670 0.0012  0.0295  0.0041  3    DA  A C4    
103 P  P     . DG  A 4  ? 0.0476 0.0553 0.0652 0.0003  0.0050  0.0180  4    DG  A P     
104 O  OP1   . DG  A 4  ? 0.0605 0.0551 0.0789 0.0008  0.0040  0.0178  4    DG  A OP1   
105 O  OP2   . DG  A 4  ? 0.0731 0.0875 0.0567 -0.0020 0.0040  0.0120  4    DG  A OP2   
106 O  "O5'" . DG  A 4  ? 0.0491 0.0661 0.0838 0.0109  0.0001  0.0088  4    DG  A "O5'" 
107 C  "C5'" . DG  A 4  ? 0.0640 0.0634 0.0820 0.0066  -0.0210 0.0176  4    DG  A "C5'" 
108 C  "C4'" . DG  A 4  ? 0.0658 0.0667 0.0921 0.0027  -0.0061 0.0188  4    DG  A "C4'" 
109 O  "O4'" . DG  A 4  ? 0.0594 0.0667 0.0938 0.0006  0.0254  0.0204  4    DG  A "O4'" 
110 C  "C3'" . DG  A 4  ? 0.0497 0.0855 0.0928 -0.0069 0.0029  0.0408  4    DG  A "C3'" 
111 O  "O3'" . DG  A 4  ? 0.0564 0.0807 0.1499 0.0089  -0.0011 0.0587  4    DG  A "O3'" 
112 C  "C2'" . DG  A 4  ? 0.0733 0.0896 0.0749 0.0048  0.0093  0.0258  4    DG  A "C2'" 
113 C  "C1'" . DG  A 4  ? 0.0495 0.0670 0.0926 0.0107  0.0153  0.0302  4    DG  A "C1'" 
114 N  N9    . DG  A 4  ? 0.0486 0.0683 0.0782 0.0078  0.0232  0.0140  4    DG  A N9    
115 C  C8    . DG  A 4  ? 0.0726 0.0728 0.0772 0.0081  0.0141  0.0159  4    DG  A C8    
116 N  N7    . DG  A 4  ? 0.0492 0.0779 0.0822 0.0031  0.0070  0.0164  4    DG  A N7    
117 C  C5    . DG  A 4  ? 0.0325 0.0721 0.0771 0.0154  0.0113  0.0187  4    DG  A C5    
118 C  C6    . DG  A 4  ? 0.0409 0.0601 0.0793 0.0235  0.0199  0.0101  4    DG  A C6    
119 O  O6    . DG  A 4  ? 0.0499 0.0766 0.0937 0.0111  0.0223  0.0142  4    DG  A O6    
120 N  N1    . DG  A 4  ? 0.0447 0.0710 0.0750 0.0171  0.0252  0.0144  4    DG  A N1    
121 C  C2    . DG  A 4  ? 0.0389 0.0574 0.0846 0.0158  0.0107  0.0198  4    DG  A C2    
122 N  N2    . DG  A 4  ? 0.0721 0.0767 0.0948 0.0218  -0.0052 0.0166  4    DG  A N2    
123 N  N3    . DG  A 4  ? 0.0436 0.0629 0.0782 0.0182  0.0197  0.0145  4    DG  A N3    
124 C  C4    . DG  A 4  ? 0.0379 0.0626 0.0790 0.0221  0.0198  0.0149  4    DG  A C4    
136 P  P     . DC  A 5  ? 0.0678 0.0953 0.1092 -0.0200 -0.0023 0.0427  5    DC  A P     
137 O  OP1   . DC  A 5  ? 0.2298 0.0775 0.1415 0.0131  -0.0700 0.0314  5    DC  A OP1   
138 O  OP2   . DC  A 5  ? 0.0825 0.2836 0.1211 0.0177  0.0293  0.0524  5    DC  A OP2   
139 O  "O5'" . DC  A 5  ? 0.1023 0.1020 0.1402 -0.0261 -0.0191 0.0368  5    DC  A "O5'" 
140 C  "C5'" . DC  A 5  ? 0.2028 0.0684 0.1307 -0.0145 -0.0633 0.0134  5    DC  A "C5'" 
141 C  "C4'" . DC  A 5  ? 0.1830 0.0616 0.1501 -0.0124 -0.0856 0.0151  5    DC  A "C4'" 
142 O  "O4'" . DC  A 5  ? 0.1669 0.0601 0.1155 0.0020  -0.0149 0.0004  5    DC  A "O4'" 
143 C  "C3'" A DC  A 5  ? 0.1729 0.1017 0.1860 -0.0267 -0.0730 0.0205  5    DC  A "C3'" 
144 C  "C3'" B DC  A 5  ? 0.1719 0.0966 0.1375 -0.0216 -0.0542 0.0334  5    DC  A "C3'" 
145 O  "O3'" A DC  A 5  ? 0.1243 0.1484 0.1241 -0.0218 -0.0177 0.0074  5    DC  A "O3'" 
146 O  "O3'" B DC  A 5  ? 0.0297 0.1267 0.1066 0.0067  0.0350  0.0229  5    DC  A "O3'" 
147 C  "C2'" . DC  A 5  ? 0.1045 0.1007 0.1889 -0.0098 -0.0686 0.0143  5    DC  A "C2'" 
148 C  "C1'" . DC  A 5  ? 0.1334 0.0650 0.1312 0.0051  -0.0496 0.0040  5    DC  A "C1'" 
149 N  N1    . DC  A 5  ? 0.0766 0.0694 0.0958 0.0066  0.0002  -0.0051 5    DC  A N1    
150 C  C2    . DC  A 5  ? 0.0788 0.0911 0.0758 0.0013  0.0116  -0.0141 5    DC  A C2    
151 O  O2    . DC  A 5  ? 0.1399 0.1053 0.0807 -0.0058 0.0031  -0.0081 5    DC  A O2    
152 N  N3    . DC  A 5  ? 0.0489 0.0833 0.0835 0.0119  0.0119  -0.0196 5    DC  A N3    
153 C  C4    . DC  A 5  ? 0.0703 0.0828 0.0779 0.0340  0.0026  -0.0172 5    DC  A C4    
154 N  N4    . DC  A 5  ? 0.0650 0.1052 0.0881 0.0319  -0.0018 -0.0236 5    DC  A N4    
155 C  C5    . DC  A 5  ? 0.0856 0.0882 0.0850 0.0387  0.0045  -0.0070 5    DC  A C5    
156 C  C6    . DC  A 5  ? 0.0869 0.0959 0.0773 0.0216  0.0174  -0.0092 5    DC  A C6    
169 P  P     A DG  A 6  ? 0.1218 0.1633 0.1374 -0.0179 -0.0299 -0.0278 6    DG  A P     
170 P  P     B DG  A 6  ? 0.0438 0.1218 0.0805 -0.0108 0.0066  -0.0210 6    DG  A P     
171 O  OP1   A DG  A 6  ? 0.1200 0.1496 0.2233 -0.0001 -0.0392 -0.0747 6    DG  A OP1   
172 O  OP1   B DG  A 6  ? 0.0442 0.1497 0.1850 -0.0127 0.0114  -0.1027 6    DG  A OP1   
173 O  OP2   A DG  A 6  ? 0.1659 0.1299 0.1570 0.0156  -0.0053 -0.0124 6    DG  A OP2   
174 O  OP2   B DG  A 6  ? 0.0563 0.0824 0.1598 -0.0049 0.0628  -0.0474 6    DG  A OP2   
175 O  "O5'" A DG  A 6  ? 0.1035 0.1338 0.1356 0.0169  -0.0064 -0.0432 6    DG  A "O5'" 
176 O  "O5'" B DG  A 6  ? 0.0641 0.0894 0.1057 0.0209  0.0351  -0.0302 6    DG  A "O5'" 
177 C  "C5'" A DG  A 6  ? 0.1375 0.1001 0.1293 0.0430  -0.0125 -0.0264 6    DG  A "C5'" 
178 C  "C5'" B DG  A 6  ? 0.0712 0.0929 0.0990 0.0264  0.0378  -0.0201 6    DG  A "C5'" 
179 C  "C4'" A DG  A 6  ? 0.2225 0.0815 0.1220 0.0519  -0.0508 -0.0274 6    DG  A "C4'" 
180 C  "C4'" B DG  A 6  ? 0.2124 0.0952 0.0826 0.0534  -0.0313 -0.0236 6    DG  A "C4'" 
181 O  "O4'" . DG  A 6  ? 0.1677 0.0967 0.1156 0.0435  -0.0115 -0.0353 6    DG  A "O4'" 
182 C  "C3'" A DG  A 6  ? 0.1934 0.0842 0.1048 0.0213  -0.0346 -0.0067 6    DG  A "C3'" 
183 C  "C3'" B DG  A 6  ? 0.2022 0.0623 0.1487 0.0526  -0.0646 -0.0230 6    DG  A "C3'" 
184 O  "O3'" A DG  A 6  ? 0.1597 0.0886 0.1087 0.0360  -0.0025 0.0033  6    DG  A "O3'" 
185 O  "O3'" B DG  A 6  ? 0.2314 0.0821 0.1475 0.0315  -0.0910 -0.0247 6    DG  A "O3'" 
186 C  "C2'" . DG  A 6  ? 0.1540 0.0857 0.1195 0.0157  -0.0212 -0.0226 6    DG  A "C2'" 
187 C  "C1'" . DG  A 6  ? 0.1496 0.1038 0.1071 0.0465  -0.0227 -0.0424 6    DG  A "C1'" 
188 N  N9    . DG  A 6  ? 0.1302 0.0850 0.1054 0.0315  -0.0161 -0.0244 6    DG  A N9    
189 C  C8    . DG  A 6  ? 0.0975 0.0983 0.1189 -0.0050 -0.0060 -0.0078 6    DG  A C8    
190 N  N7    . DG  A 6  ? 0.1036 0.0908 0.1017 0.0157  0.0003  -0.0137 6    DG  A N7    
191 C  C5    . DG  A 6  ? 0.0923 0.0811 0.0998 0.0321  -0.0076 -0.0106 6    DG  A C5    
192 C  C6    . DG  A 6  ? 0.0656 0.0964 0.0867 0.0237  0.0204  -0.0105 6    DG  A C6    
193 O  O6    . DG  A 6  ? 0.0898 0.0979 0.0767 0.0274  0.0141  -0.0138 6    DG  A O6    
194 N  N1    . DG  A 6  ? 0.0644 0.0936 0.0738 0.0321  0.0202  -0.0129 6    DG  A N1    
195 C  C2    . DG  A 6  ? 0.0689 0.0914 0.0838 0.0285  0.0106  -0.0128 6    DG  A C2    
196 N  N2    . DG  A 6  ? 0.0737 0.1018 0.0930 0.0191  0.0117  0.0051  6    DG  A N2    
197 N  N3    . DG  A 6  ? 0.0810 0.0903 0.0898 0.0281  -0.0041 -0.0100 6    DG  A N3    
198 C  C4    . DG  A 6  ? 0.0791 0.0889 0.0955 0.0212  0.0080  -0.0173 6    DG  A C4    
214 P  P     A DC  A 7  ? 0.1845 0.0909 0.1028 0.0359  -0.0154 0.0001  7    DC  A P     
215 P  P     B DC  A 7  ? 0.2296 0.1041 0.1868 0.0236  -0.1188 -0.0321 7    DC  A P     
216 O  OP1   A DC  A 7  ? 0.3349 0.1082 0.0893 0.0787  -0.0440 -0.0123 7    DC  A OP1   
217 O  OP1   B DC  A 7  ? 0.2543 0.1323 0.1888 0.0308  -0.1385 -0.0637 7    DC  A OP1   
218 O  OP2   A DC  A 7  ? 0.1841 0.0993 0.2303 0.0057  -0.0762 -0.0150 7    DC  A OP2   
219 O  OP2   B DC  A 7  ? 0.2265 0.1290 0.2242 -0.0330 -0.1157 -0.0627 7    DC  A OP2   
220 O  "O5'" A DC  A 7  ? 0.1337 0.0865 0.0934 0.0140  0.0076  0.0015  7    DC  A "O5'" 
221 O  "O5'" B DC  A 7  ? 0.1671 0.1036 0.1451 0.0207  -0.0897 -0.0301 7    DC  A "O5'" 
222 C  "C5'" A DC  A 7  ? 0.1305 0.0962 0.0774 0.0151  0.0184  -0.0048 7    DC  A "C5'" 
223 C  "C5'" B DC  A 7  ? 0.1657 0.0878 0.0995 0.0515  -0.0358 -0.0233 7    DC  A "C5'" 
224 C  "C4'" A DC  A 7  ? 0.1061 0.0801 0.0736 0.0190  0.0037  0.0115  7    DC  A "C4'" 
225 C  "C4'" B DC  A 7  ? 0.1214 0.0861 0.0726 0.0349  -0.0153 -0.0123 7    DC  A "C4'" 
226 O  "O4'" . DC  A 7  ? 0.1120 0.1053 0.0632 0.0299  -0.0046 -0.0031 7    DC  A "O4'" 
227 C  "C3'" . DC  A 7  ? 0.1100 0.0826 0.0831 0.0244  -0.0132 -0.0217 7    DC  A "C3'" 
228 O  "O3'" . DC  A 7  ? 0.0957 0.0899 0.0873 0.0185  0.0066  -0.0076 7    DC  A "O3'" 
229 C  "C2'" . DC  A 7  ? 0.1055 0.1009 0.0762 0.0274  -0.0045 -0.0082 7    DC  A "C2'" 
230 C  "C1'" . DC  A 7  ? 0.0972 0.1226 0.0714 0.0287  0.0000  -0.0136 7    DC  A "C1'" 
231 N  N1    . DC  A 7  ? 0.0847 0.1011 0.0580 0.0210  0.0023  -0.0245 7    DC  A N1    
232 C  C2    . DC  A 7  ? 0.0551 0.0921 0.0673 0.0172  0.0152  -0.0193 7    DC  A C2    
233 O  O2    . DC  A 7  ? 0.0781 0.1075 0.0559 -0.0016 0.0005  -0.0084 7    DC  A O2    
234 N  N3    . DC  A 7  ? 0.0595 0.0860 0.0637 0.0037  0.0197  -0.0118 7    DC  A N3    
235 C  C4    . DC  A 7  ? 0.0553 0.0908 0.0737 -0.0021 -0.0005 -0.0133 7    DC  A C4    
236 N  N4    . DC  A 7  ? 0.0722 0.0952 0.0655 -0.0115 0.0116  -0.0076 7    DC  A N4    
237 C  C5    . DC  A 7  ? 0.1355 0.0817 0.0827 -0.0065 -0.0158 -0.0224 7    DC  A C5    
238 C  C6    . DC  A 7  ? 0.1078 0.1012 0.0713 0.0118  -0.0204 -0.0228 7    DC  A C6    
253 P  P     . DT  A 8  ? 0.0985 0.0855 0.0795 0.0119  -0.0149 -0.0120 8    DT  A P     
254 O  OP1   . DT  A 8  ? 0.1462 0.1367 0.0796 0.0222  -0.0048 -0.0067 8    DT  A OP1   
255 O  OP2   . DT  A 8  ? 0.0917 0.1176 0.1289 -0.0145 -0.0241 -0.0327 8    DT  A OP2   
256 O  "O5'" . DT  A 8  ? 0.0674 0.0877 0.0876 0.0051  -0.0028 -0.0226 8    DT  A "O5'" 
257 C  "C5'" . DT  A 8  ? 0.0619 0.0758 0.0699 -0.0003 0.0195  -0.0008 8    DT  A "C5'" 
258 C  "C4'" . DT  A 8  ? 0.0668 0.0656 0.0618 -0.0046 0.0098  -0.0032 8    DT  A "C4'" 
259 O  "O4'" . DT  A 8  ? 0.0466 0.0529 0.0667 -0.0011 0.0100  -0.0006 8    DT  A "O4'" 
260 C  "C3'" . DT  A 8  ? 0.0533 0.0599 0.0743 0.0026  -0.0011 -0.0086 8    DT  A "C3'" 
261 O  "O3'" . DT  A 8  ? 0.0772 0.0505 0.0688 -0.0121 0.0075  -0.0092 8    DT  A "O3'" 
262 C  "C2'" . DT  A 8  ? 0.0498 0.0578 0.0847 -0.0021 0.0051  -0.0130 8    DT  A "C2'" 
263 C  "C1'" . DT  A 8  ? 0.0518 0.0576 0.0596 -0.0037 0.0059  -0.0101 8    DT  A "C1'" 
264 N  N1    . DT  A 8  ? 0.0315 0.0597 0.0745 -0.0037 0.0163  -0.0142 8    DT  A N1    
265 C  C2    . DT  A 8  ? 0.0566 0.0568 0.0687 0.0078  0.0051  -0.0182 8    DT  A C2    
266 O  O2    . DT  A 8  ? 0.0496 0.0523 0.0971 -0.0114 0.0127  -0.0254 8    DT  A O2    
267 N  N3    . DT  A 8  ? 0.0379 0.0570 0.0645 -0.0058 0.0142  -0.0160 8    DT  A N3    
268 C  C4    . DT  A 8  ? 0.0224 0.0583 0.0739 0.0023  0.0092  -0.0110 8    DT  A C4    
269 O  O4    . DT  A 8  ? 0.0483 0.0565 0.0857 0.0019  0.0072  -0.0095 8    DT  A O4    
270 C  C5    . DT  A 8  ? 0.0333 0.0582 0.0738 0.0026  0.0118  -0.0157 8    DT  A C5    
271 C  C7    . DT  A 8  ? 0.0620 0.0668 0.0912 -0.0141 -0.0056 -0.0066 8    DT  A C7    
272 C  C6    . DT  A 8  ? 0.0490 0.0575 0.0651 0.0049  0.0104  -0.0166 8    DT  A C6    
285 P  P     . DG  A 9  ? 0.0700 0.0653 0.0678 -0.0019 0.0010  0.0033  9    DG  A P     
286 O  OP1   . DG  A 9  ? 0.1126 0.0955 0.0620 -0.0219 0.0146  -0.0054 9    DG  A OP1   
287 O  OP2   . DG  A 9  ? 0.0809 0.0839 0.0924 0.0028  -0.0098 -0.0055 9    DG  A OP2   
288 O  "O5'" . DG  A 9  ? 0.0574 0.0588 0.0699 0.0015  0.0071  0.0024  9    DG  A "O5'" 
289 C  "C5'" . DG  A 9  ? 0.0631 0.0614 0.0679 -0.0050 0.0092  -0.0016 9    DG  A "C5'" 
290 C  "C4'" . DG  A 9  ? 0.0453 0.0605 0.0597 -0.0007 0.0109  0.0064  9    DG  A "C4'" 
291 O  "O4'" . DG  A 9  ? 0.0549 0.0484 0.0696 0.0041  0.0114  0.0119  9    DG  A "O4'" 
292 C  "C3'" . DG  A 9  ? 0.0747 0.0503 0.0612 -0.0031 0.0018  0.0096  9    DG  A "C3'" 
293 O  "O3'" . DG  A 9  ? 0.0686 0.0506 0.0576 -0.0057 0.0082  0.0025  9    DG  A "O3'" 
294 C  "C2'" . DG  A 9  ? 0.0565 0.0437 0.0653 0.0014  0.0105  -0.0046 9    DG  A "C2'" 
295 C  "C1'" . DG  A 9  ? 0.0637 0.0536 0.0557 -0.0102 0.0079  0.0075  9    DG  A "C1'" 
296 N  N9    . DG  A 9  ? 0.0673 0.0426 0.0584 -0.0057 0.0088  0.0016  9    DG  A N9    
297 C  C8    . DG  A 9  ? 0.0505 0.0560 0.0748 -0.0021 0.0026  0.0070  9    DG  A C8    
298 N  N7    . DG  A 9  ? 0.0506 0.0660 0.0721 0.0002  0.0064  0.0060  9    DG  A N7    
299 C  C5    . DG  A 9  ? 0.0441 0.0529 0.0426 0.0006  0.0141  -0.0076 9    DG  A C5    
300 C  C6    . DG  A 9  ? 0.0271 0.0646 0.0547 -0.0068 0.0163  0.0014  9    DG  A C6    
301 O  O6    . DG  A 9  ? 0.0457 0.0556 0.0684 -0.0140 0.0027  0.0071  9    DG  A O6    
302 N  N1    . DG  A 9  ? 0.0482 0.0536 0.0434 -0.0116 0.0176  0.0025  9    DG  A N1    
303 C  C2    . DG  A 9  ? 0.0383 0.0499 0.0521 -0.0005 0.0116  -0.0009 9    DG  A C2    
304 N  N2    . DG  A 9  ? 0.0551 0.0528 0.0642 -0.0173 0.0031  0.0063  9    DG  A N2    
305 N  N3    . DG  A 9  ? 0.0471 0.0474 0.0462 -0.0063 0.0200  0.0017  9    DG  A N3    
306 C  C4    . DG  A 9  ? 0.0457 0.0472 0.0503 -0.0017 0.0146  0.0021  9    DG  A C4    
318 P  P     . DG  A 10 ? 0.0714 0.0496 0.0517 -0.0068 0.0130  0.0048  10   DG  A P     
319 O  OP1   . DG  A 10 ? 0.0797 0.0606 0.0646 -0.0155 0.0026  0.0047  10   DG  A OP1   
320 O  OP2   . DG  A 10 ? 0.0651 0.0636 0.0648 -0.0047 0.0147  0.0048  10   DG  A OP2   
321 O  "O5'" . DG  A 10 ? 0.1074 0.0793 0.0497 -0.0148 0.0223  -0.0060 10   DG  A "O5'" 
322 C  "C5'" . DG  A 10 ? 0.1356 0.0930 0.0525 -0.0566 -0.0052 0.0191  10   DG  A "C5'" 
323 C  "C4'" . DG  A 10 ? 0.1134 0.0839 0.0655 -0.0335 0.0020  -0.0011 10   DG  A "C4'" 
324 O  "O4'" . DG  A 10 ? 0.0764 0.0594 0.0538 -0.0083 0.0047  0.0041  10   DG  A "O4'" 
325 C  "C3'" . DG  A 10 ? 0.1584 0.0622 0.0680 -0.0078 -0.0023 -0.0027 10   DG  A "C3'" 
326 O  "O3'" . DG  A 10 ? 0.1013 0.2308 0.0816 -0.0451 0.0211  -0.0511 10   DG  A "O3'" 
327 C  "C2'" . DG  A 10 ? 0.1057 0.1112 0.1592 0.0383  -0.0504 -0.0798 10   DG  A "C2'" 
328 C  "C1'" . DG  A 10 ? 0.0707 0.0699 0.0592 0.0040  -0.0118 -0.0132 10   DG  A "C1'" 
329 N  N9    . DG  A 10 ? 0.0424 0.0695 0.0440 0.0075  0.0079  -0.0027 10   DG  A N9    
330 C  C8    . DG  A 10 ? 0.0442 0.0634 0.0735 -0.0006 -0.0103 0.0123  10   DG  A C8    
331 N  N7    . DG  A 10 ? 0.0499 0.0526 0.0558 0.0100  -0.0019 0.0043  10   DG  A N7    
332 C  C5    . DG  A 10 ? 0.0457 0.0605 0.0462 0.0104  0.0070  0.0092  10   DG  A C5    
333 C  C6    . DG  A 10 ? 0.0517 0.0601 0.0515 0.0068  0.0075  0.0075  10   DG  A C6    
334 O  O6    . DG  A 10 ? 0.0805 0.0586 0.0708 -0.0064 -0.0053 0.0227  10   DG  A O6    
335 N  N1    . DG  A 10 ? 0.0534 0.0641 0.0436 0.0152  0.0190  0.0095  10   DG  A N1    
336 C  C2    . DG  A 10 ? 0.0618 0.0719 0.0416 0.0300  0.0171  0.0027  10   DG  A C2    
337 N  N2    . DG  A 10 ? 0.0730 0.1041 0.0545 0.0162  0.0109  0.0235  10   DG  A N2    
338 N  N3    . DG  A 10 ? 0.0522 0.0697 0.0496 0.0257  0.0073  -0.0059 10   DG  A N3    
339 C  C4    . DG  A 10 ? 0.0490 0.0530 0.0589 0.0189  0.0020  -0.0058 10   DG  A C4    
352 CA CA    C CA  B .  ? 0.0549 0.0889 0.0465 0.0248  0.0109  0.0149  111  CA  A CA    
353 CA CA    C CA  C .  ? 0.0651 0.0900 0.0780 -0.0056 0.0118  -0.0110 112  CA  A CA    
354 CA CA    D CA  C .  ? 0.1110 0.1338 0.1217 0.0013  0.0234  -0.0219 112  CA  A CA    
355 CA CA    C CA  D .  ? 0.0456 0.0835 0.0782 0.0032  0.0074  0.0077  113  CA  A CA    
356 CA CA    D CA  E .  ? 0.1223 0.1253 0.0982 0.0238  -0.0374 -0.0047 1113 CA  A CA    
357 CA CA    E CA  E .  ? 0.1055 0.0978 0.0784 0.0113  0.0204  0.0326  1113 CA  A CA    
358 CA CA    B CA  F .  ? 0.2771 0.1128 0.1511 -0.0221 0.0651  0.0286  114  CA  A CA    
359 C  C1    C EOH G .  ? 0.0630 0.0865 0.0836 0.0197  -0.0017 -0.0047 1114 EOH A C1    
360 C  C2    C EOH G .  ? 0.0626 0.0437 0.0539 0.0199  0.0039  -0.0195 1114 EOH A C2    
361 O  O     C EOH G .  ? 0.0636 0.0805 0.0621 0.0263  0.0138  -0.0048 1114 EOH A O     
362 C  C1    . EOH H .  ? 0.1635 0.0965 0.1051 -0.0366 0.0424  -0.0012 227  EOH A C1    
363 C  C2    . EOH H .  ? 0.1516 0.0797 0.1225 -0.0311 0.0195  -0.0353 227  EOH A C2    
364 O  O     . EOH H .  ? 0.3364 0.1462 0.1262 0.0483  0.0368  0.0781  227  EOH A O     
365 C  C1    B EOH I .  ? 0.1997 0.1624 0.1110 -0.0150 0.0221  0.0351  244  EOH A C1    
366 C  C2    B EOH I .  ? 0.2110 0.2069 0.2001 -0.0335 -0.0146 -0.0040 244  EOH A C2    
367 O  O     B EOH I .  ? 0.2225 0.1150 0.0976 -0.0222 -0.0024 0.0618  244  EOH A O     
368 O  O     . HOH J .  ? 0.0657 0.1070 0.1220 0.0054  0.0158  0.0618  201  HOH A O     
369 O  O     . HOH J .  ? 0.0666 0.0977 0.0719 -0.0060 0.0108  0.0044  202  HOH A O     
370 O  O     . HOH J .  ? 0.0672 0.0744 0.1419 -0.0023 0.0211  -0.0020 203  HOH A O     
371 O  O     . HOH J .  ? 0.0970 0.0976 0.1253 -0.0203 0.0395  0.0202  204  HOH A O     
372 O  O     . HOH J .  ? 0.1267 0.1763 0.1114 -0.0467 -0.0262 0.0396  205  HOH A O     
373 O  O     C HOH J .  ? 0.1061 0.0327 0.0497 -0.0034 -0.0090 0.0054  206  HOH A O     
374 O  O     D HOH J .  ? 0.2604 0.1158 0.0746 -0.0335 0.0153  -0.0136 206  HOH A O     
375 O  O     . HOH J .  ? 0.1695 0.1000 0.2491 -0.0496 -0.0466 0.0292  207  HOH A O     
376 O  O     . HOH J .  ? 0.1799 0.0938 0.1552 -0.0431 0.0107  0.0059  208  HOH A O     
377 O  O     . HOH J .  ? 0.0898 0.0868 0.2483 -0.0181 -0.0070 -0.0006 209  HOH A O     
378 O  O     . HOH J .  ? 0.1481 0.1510 0.1929 -0.0213 -0.0436 -0.0514 210  HOH A O     
379 O  O     . HOH J .  ? 0.1497 0.2631 0.0812 -0.1387 0.0085  0.0275  211  HOH A O     
380 O  O     A HOH J .  ? 0.0453 0.1270 0.0980 -0.0102 0.0189  0.0065  212  HOH A O     
381 O  O     C HOH J .  ? 0.0904 0.1577 0.2616 -0.0666 -0.0570 0.1249  214  HOH A O     
382 O  O     E HOH J .  ? 0.2407 0.1043 0.1420 -0.0285 -0.0864 0.0068  215  HOH A O     
383 O  O     . HOH J .  ? 0.1596 0.1168 0.1612 -0.0478 -0.0304 -0.0191 216  HOH A O     
384 O  O     . HOH J .  ? 0.2022 0.1492 0.1539 -0.0217 0.0154  0.0313  217  HOH A O     
385 O  O     . HOH J .  ? 0.1440 0.1271 0.1105 0.0253  -0.0112 -0.0071 218  HOH A O     
386 O  O     . HOH J .  ? 0.1580 0.0863 0.1839 -0.0179 0.0022  -0.0178 219  HOH A O     
387 O  O     . HOH J .  ? 0.1392 0.2499 0.2001 0.0054  -0.0201 0.1041  221  HOH A O     
388 O  O     C HOH J .  ? 0.0706 0.1617 0.0862 -0.0152 0.0204  0.0366  222  HOH A O     
389 O  O     D HOH J .  ? 0.1393 0.0822 0.1563 -0.0385 0.0266  -0.0368 222  HOH A O     
390 O  O     . HOH J .  ? 0.1748 0.2739 0.2024 -0.0432 -0.0399 -0.0636 224  HOH A O     
391 O  O     . HOH J .  ? 0.1725 0.2148 0.2676 0.0649  0.0103  0.0271  225  HOH A O     
392 O  O     A HOH J .  ? 0.2069 0.3952 0.3856 0.0159  0.0052  -0.0354 226  HOH A O     
393 O  O     B HOH J .  ? 0.0732 0.0820 0.0580 -0.0142 0.0106  0.0066  228  HOH A O     
394 O  O     A HOH J .  ? 0.2569 0.0980 0.0978 -0.0033 0.0384  0.0204  229  HOH A O     
395 O  O     B HOH J .  ? 0.1668 0.1174 0.0567 0.0567  0.0672  0.0197  229  HOH A O     
396 O  O     C HOH J .  ? 0.1755 0.0996 0.1179 -0.0199 0.0152  0.0139  230  HOH A O     
397 O  O     D HOH J .  ? 0.3448 0.2500 0.0648 -0.0382 -0.0046 0.0186  230  HOH A O     
398 O  O     . HOH J .  ? 0.3156 0.1844 0.1582 0.1205  0.0190  0.0091  231  HOH A O     
399 O  O     B HOH J .  ? 0.2735 0.1684 0.1772 0.0624  -0.1240 0.0511  233  HOH A O     
400 O  O     B HOH J .  ? 0.0850 0.1571 0.1352 0.0206  -0.0128 -0.0349 234  HOH A O     
401 O  O     C HOH J .  ? 0.1029 0.1350 0.1470 -0.0096 -0.0060 -0.0396 235  HOH A O     
402 O  O     . HOH J .  ? 0.5105 0.2281 0.1277 -0.0382 -0.0839 -0.0064 236  HOH A O     
403 O  O     . HOH J .  ? 0.4814 0.1826 0.3120 -0.0141 0.0194  0.0100  237  HOH A O     
404 O  O     . HOH J .  ? 0.3604 0.3191 0.2193 0.0961  0.0804  -0.0488 238  HOH A O     
405 O  O     A HOH J .  ? 0.2456 0.2730 0.2453 0.0140  0.0246  -0.1029 240  HOH A O     
406 O  O     A HOH J .  ? 0.3416 0.0949 0.1318 0.0476  0.0177  0.0186  241  HOH A O     
407 O  O     . HOH J .  ? 0.2336 0.3001 0.3385 -0.0316 -0.0710 -0.1675 243  HOH A O     
408 O  O     . HOH J .  ? 0.2447 0.2466 0.1741 -0.0390 -0.0327 -0.0873 248  HOH A O     
409 O  O     D HOH J .  ? 0.0583 0.1118 0.0714 0.0182  0.0328  0.0180  249  HOH A O     
410 O  O     . HOH J .  ? 0.2271 0.3886 0.1761 -0.0237 0.0608  -0.0902 250  HOH A O     
411 O  O     C HOH J .  ? 0.1226 0.1361 0.1293 -0.0055 0.0184  0.0276  252  HOH A O     
412 O  O     E HOH J .  ? 0.1249 0.0931 0.1186 -0.0002 -0.0498 -0.0051 252  HOH A O     
413 O  O     C HOH J .  ? 0.2144 0.1266 0.0639 0.0093  0.0239  0.0361  253  HOH A O     
414 O  O     D HOH J .  ? 0.2145 0.1780 0.2220 0.0326  -0.0300 0.0290  253  HOH A O     
415 O  O     A HOH J .  ? 0.2589 0.3330 0.1156 -0.0124 -0.0263 -0.0555 256  HOH A O     
416 O  O     B HOH J .  ? 0.1112 0.0550 0.0913 0.0122  -0.0235 0.0437  259  HOH A O     
417 O  O     D HOH J .  ? 0.1671 0.1411 0.0984 0.0081  -0.0044 0.0419  259  HOH A O     
418 O  O     A HOH J .  ? 0.3402 0.1067 0.1868 -0.0302 0.0358  0.0080  260  HOH A O     
419 O  O     C HOH J .  ? 0.1681 0.2307 0.1186 -0.0062 0.0211  0.0140  262  HOH A O     
420 O  O     D HOH J .  ? 0.2158 0.1626 0.2235 -0.0216 -0.0652 -0.0114 262  HOH A O     
421 O  O     . HOH J .  ? 0.4181 0.2989 0.2311 -0.0622 -0.1332 -0.0617 265  HOH A O     
422 O  O     . HOH J .  ? 0.1300 0.4339 0.3672 0.0307  0.0555  -0.0037 267  HOH A O     
423 O  O     C HOH J .  ? 0.1577 0.1105 0.1088 0.0279  -0.0208 -0.0269 287  HOH A O     
424 O  O     A HOH J .  ? 0.2197 0.1004 0.0904 -0.0390 0.0010  0.0457  1229 HOH A O     
425 O  O     C HOH J .  ? 0.2822 0.2313 0.1987 0.0099  0.0025  0.0197  1244 HOH A O     
426 O  O     . HOH J .  ? 0.2448 0.3767 0.1334 0.0463  -0.0244 0.0920  1249 HOH A O     
427 O  O     . HOH J .  ? 0.3348 0.1782 0.1737 0.1037  -0.1201 -0.0721 1251 HOH A O     
428 O  O     . HOH J .  ? 0.1450 0.2349 0.2688 0.0421  -0.0226 -0.0449 1258 HOH A O     
429 O  O     . HOH J .  ? 0.2274 0.2340 0.2191 -0.0086 -0.0281 -0.0765 1276 HOH A O     
430 O  O     . HOH J .  ? 0.3015 0.3539 0.3169 0.0487  -0.1263 -0.0367 1280 HOH A O     
431 O  O     . HOH J .  ? 0.1459 0.2906 0.3954 0.0163  -0.0177 -0.0253 1283 HOH A O     
432 O  O     D HOH J .  ? 0.1556 0.1337 0.1463 -0.0631 0.0329  0.0408  1301 HOH A O     
433 O  O     A HOH J .  ? 0.2164 0.2656 0.2473 0.0132  -0.0292 0.0267  1320 HOH A O     
434 O  O     A HOH J .  ? 0.2434 0.1749 0.3034 -0.0324 -0.0773 -0.0302 1342 HOH A O     
435 O  O     B HOH J .  ? 0.2165 0.2980 0.1943 -0.0533 0.0705  0.0203  1343 HOH A O     
436 O  O     D HOH J .  ? 0.1038 0.1033 0.1149 0.0503  0.0453  0.0534  1356 HOH A O     
437 O  O     . HOH J .  ? 0.0670 0.2550 0.3383 -0.0188 -0.0397 -0.0133 1358 HOH A O     
438 O  O     C HOH J .  ? 0.0572 0.0757 0.0924 -0.0090 0.0241  -0.0084 1359 HOH A O     
439 O  O     C HOH J .  ? 0.0915 0.0629 0.0459 0.0262  0.0177  0.0043  1360 HOH A O     
440 O  O     C HOH J .  ? 0.0653 0.0633 0.0555 0.0042  0.0254  0.0082  1361 HOH A O     
441 O  O     C HOH J .  ? 0.0609 0.0579 0.0764 0.0007  0.0102  0.0186  1362 HOH A O     
442 O  O     C HOH J .  ? 0.0817 0.0996 0.0573 0.0192  0.0383  0.0145  1363 HOH A O     
443 O  O     C HOH J .  ? 0.0800 0.0652 0.0742 -0.0032 0.0097  -0.0023 1364 HOH A O     
444 O  O     C HOH J .  ? 0.0683 0.0961 0.1345 0.0060  0.0348  0.0083  1365 HOH A O     
445 O  O     D HOH J .  ? 0.0807 0.1542 0.1000 -0.0066 -0.0066 -0.0208 1365 HOH A O     
446 O  O     C HOH J .  ? 0.0753 0.1210 0.0882 -0.0220 0.0171  -0.0368 1366 HOH A O     
447 O  O     D HOH J .  ? 0.1475 0.1665 0.1103 -0.0060 -0.0169 -0.0519 1366 HOH A O     
448 O  O     C HOH J .  ? 0.1057 0.1215 0.0957 -0.0516 0.0362  -0.0217 1367 HOH A O     
449 O  O     D HOH J .  ? 0.1291 0.1428 0.1390 -0.0566 -0.0324 -0.0115 1367 HOH A O     
450 O  O     C HOH J .  ? 0.0794 0.0844 0.0859 -0.0230 0.0268  -0.0022 1368 HOH A O     
451 O  O     D HOH J .  ? 0.1097 0.1160 0.1772 -0.0320 0.0501  -0.0070 1368 HOH A O     
452 O  O     C HOH J .  ? 0.0829 0.1327 0.1732 0.0004  -0.0194 -0.0180 1369 HOH A O     
453 O  O     D HOH J .  ? 0.1439 0.1366 0.1694 -0.0440 0.0171  -0.0220 1369 HOH A O     
454 O  O     C HOH J .  ? 0.0998 0.1151 0.1196 -0.0002 0.0416  -0.0327 1370 HOH A O     
455 O  O     D HOH J .  ? 0.1312 0.1467 0.1296 0.0012  0.0346  -0.0154 1370 HOH A O     
456 O  O     C HOH J .  ? 0.0879 0.1127 0.0695 -0.0105 0.0021  -0.0077 1371 HOH A O     
457 O  O     D HOH J .  ? 0.1443 0.1641 0.0612 0.0060  0.0281  -0.0282 1371 HOH A O     
458 O  O     C HOH J .  ? 0.0746 0.0986 0.0965 0.0017  0.0086  -0.0049 1372 HOH A O     
459 O  O     C HOH J .  ? 0.0560 0.1098 0.1063 -0.0099 0.0234  0.0211  1373 HOH A O     
460 O  O     C HOH J .  ? 0.0960 0.1105 0.0974 -0.0035 0.0103  0.0333  1374 HOH A O     
461 O  O     C HOH J .  ? 0.1014 0.0918 0.0604 -0.0162 -0.0070 0.0234  1375 HOH A O     
462 O  O     C HOH J .  ? 0.0577 0.1376 0.0897 -0.0119 0.0029  -0.0010 1376 HOH A O     
463 O  O     D HOH J .  ? 0.0820 0.1161 0.1405 0.0426  -0.0124 -0.0045 1377 HOH A O     
464 O  O     E HOH J .  ? 0.1312 0.0905 0.1406 0.0243  0.0071  0.0216  1377 HOH A O     
465 O  O     D HOH J .  ? 0.1000 0.0986 0.1483 0.0518  -0.0446 -0.0016 1378 HOH A O     
466 O  O     E HOH J .  ? 0.0773 0.1129 0.1389 0.0192  -0.0267 0.0187  1378 HOH A O     
467 O  O     D HOH J .  ? 0.1495 0.1596 0.1293 -0.0309 -0.0075 -0.0226 1379 HOH A O     
468 O  O     E HOH J .  ? 0.1254 0.1195 0.1188 -0.0068 -0.0004 -0.0184 1379 HOH A O     
469 O  O     D HOH J .  ? 0.1227 0.1414 0.1256 0.0023  -0.0181 -0.0054 1380 HOH A O     
470 O  O     E HOH J .  ? 0.0261 0.0931 0.0925 -0.0240 -0.0039 0.0185  1380 HOH A O     
471 O  O     D HOH J .  ? 0.2048 0.1217 0.1778 0.0066  -0.0093 0.0005  1381 HOH A O     
472 O  O     E HOH J .  ? 0.0985 0.1236 0.0864 0.0112  0.0128  -0.0256 1381 HOH A O     
473 O  O     D HOH J .  ? 0.0970 0.1244 0.1245 0.0225  -0.0331 0.0008  1382 HOH A O     
474 O  O     E HOH J .  ? 0.1572 0.0969 0.1106 0.0025  0.0225  0.0274  1382 HOH A O     
475 O  O     B HOH J .  ? 0.1478 0.0534 0.1402 0.0088  0.0888  0.0018  1383 HOH A O     
476 O  O     B HOH J .  ? 0.2941 0.1782 0.0798 -0.0652 0.0381  0.0212  1384 HOH A O     
477 O  O     B HOH J .  ? 0.1813 0.1143 0.1395 0.0166  -0.0003 0.0668  1385 HOH A O     
# 
